data_1DZ7
#
_entry.id   1DZ7
#
_cell.length_a   1.000
_cell.length_b   1.000
_cell.length_c   1.000
_cell.angle_alpha   90.00
_cell.angle_beta   90.00
_cell.angle_gamma   90.00
#
_symmetry.space_group_name_H-M   'P 1'
#
_entity_poly.entity_id   1
_entity_poly.type   'polypeptide(L)'
_entity_poly.pdbx_seq_one_letter_code
;APDVQDCPECTLQENPFFSQPGAPILQCMGCCFSRAYPTPLRSKKTMLVQKNVTSESTCCVAKSYNRVTVMGGFKVENHT
ACHCSTCYYHKS
;
_entity_poly.pdbx_strand_id   A
#
# COMPACT_ATOMS: atom_id res chain seq x y z
N ALA A 1 4.63 -18.77 16.52
CA ALA A 1 3.18 -19.08 16.53
C ALA A 1 2.70 -19.51 15.14
N PRO A 2 2.68 -18.57 14.20
CA PRO A 2 2.24 -18.84 12.82
C PRO A 2 3.21 -19.76 12.07
N ASP A 3 2.66 -20.60 11.19
CA ASP A 3 3.48 -21.52 10.41
C ASP A 3 3.40 -21.18 8.92
N VAL A 4 2.65 -20.14 8.61
CA VAL A 4 2.49 -19.70 7.22
C VAL A 4 1.99 -18.26 7.16
N GLN A 5 2.79 -17.39 6.53
CA GLN A 5 2.43 -15.98 6.40
C GLN A 5 2.79 -15.44 5.02
N ASP A 6 1.80 -14.85 4.36
CA ASP A 6 2.01 -14.29 3.03
C ASP A 6 2.77 -12.97 3.11
N CYS A 7 3.04 -12.37 1.95
CA CYS A 7 3.78 -11.11 1.90
C CYS A 7 3.16 -10.08 2.83
N PRO A 8 3.85 -8.94 3.03
CA PRO A 8 3.37 -7.86 3.90
C PRO A 8 1.94 -7.44 3.57
N GLU A 9 1.52 -6.31 4.13
CA GLU A 9 0.17 -5.81 3.89
C GLU A 9 0.21 -4.41 3.28
N CYS A 10 -0.67 -4.19 2.30
CA CYS A 10 -0.75 -2.90 1.62
C CYS A 10 -0.57 -1.74 2.59
N THR A 11 0.47 -0.95 2.37
CA THR A 11 0.78 0.20 3.21
C THR A 11 2.13 0.77 2.87
N LEU A 12 2.62 1.66 3.73
CA LEU A 12 3.91 2.27 3.52
C LEU A 12 5.00 1.51 4.22
N GLN A 13 6.08 1.25 3.51
CA GLN A 13 7.21 0.54 4.06
C GLN A 13 8.24 1.51 4.59
N GLU A 14 7.71 2.49 5.29
CA GLU A 14 8.53 3.56 5.88
C GLU A 14 10.00 3.31 5.60
N ASN A 15 10.56 4.21 4.85
CA ASN A 15 11.96 4.14 4.44
C ASN A 15 12.94 4.40 5.58
N PRO A 16 13.52 3.34 6.16
CA PRO A 16 14.52 3.50 7.20
C PRO A 16 15.82 3.93 6.54
N PHE A 17 15.71 4.11 5.24
CA PHE A 17 16.81 4.52 4.39
C PHE A 17 16.83 6.03 4.25
N PHE A 18 15.75 6.55 3.68
CA PHE A 18 15.60 7.97 3.45
C PHE A 18 15.18 8.70 4.73
N SER A 19 14.83 7.92 5.75
CA SER A 19 14.41 8.46 7.04
C SER A 19 14.92 9.87 7.24
N GLN A 20 14.00 10.78 7.52
CA GLN A 20 14.35 12.18 7.75
C GLN A 20 14.07 12.58 9.19
N PRO A 21 14.64 13.71 9.63
CA PRO A 21 14.45 14.22 10.99
C PRO A 21 12.97 14.47 11.29
N GLY A 22 12.21 13.38 11.38
CA GLY A 22 10.79 13.49 11.67
C GLY A 22 9.95 12.65 10.72
N ALA A 23 10.60 11.77 9.97
CA ALA A 23 9.89 10.91 9.01
C ALA A 23 10.81 9.87 8.43
N PRO A 24 10.49 8.60 8.67
CA PRO A 24 11.26 7.47 8.19
C PRO A 24 10.96 7.13 6.74
N ILE A 25 10.63 8.16 5.97
CA ILE A 25 10.33 8.02 4.56
C ILE A 25 9.55 6.76 4.27
N LEU A 26 9.18 6.53 3.00
CA LEU A 26 8.35 5.38 2.67
C LEU A 26 8.40 4.95 1.23
N GLN A 27 7.40 4.15 0.93
CA GLN A 27 7.20 3.60 -0.40
C GLN A 27 6.12 2.53 -0.37
N CYS A 28 4.88 2.98 -0.27
CA CYS A 28 3.72 2.09 -0.20
C CYS A 28 4.05 0.72 -0.79
N MET A 29 4.12 -0.29 0.06
CA MET A 29 4.44 -1.64 -0.39
C MET A 29 3.72 -2.70 0.44
N GLY A 30 3.03 -3.61 -0.24
CA GLY A 30 2.31 -4.66 0.43
C GLY A 30 1.51 -5.52 -0.53
N CYS A 31 0.41 -6.08 -0.05
CA CYS A 31 -0.44 -6.92 -0.88
C CYS A 31 -1.89 -6.91 -0.37
N CYS A 32 -2.66 -5.94 -0.84
CA CYS A 32 -4.06 -5.83 -0.43
C CYS A 32 -4.79 -7.16 -0.57
N PHE A 33 -4.88 -7.89 0.53
CA PHE A 33 -5.55 -9.19 0.53
C PHE A 33 -6.96 -9.09 -0.04
N SER A 34 -7.12 -9.45 -1.31
CA SER A 34 -8.42 -9.40 -1.97
C SER A 34 -8.62 -10.64 -2.83
N ARG A 35 -8.95 -11.76 -2.18
CA ARG A 35 -9.17 -13.02 -2.89
C ARG A 35 -10.64 -13.41 -2.83
N ALA A 36 -10.95 -14.62 -3.30
CA ALA A 36 -12.30 -15.13 -3.30
C ALA A 36 -12.64 -15.77 -1.96
N TYR A 37 -11.80 -15.51 -0.97
CA TYR A 37 -11.99 -16.07 0.37
C TYR A 37 -11.11 -15.35 1.39
N PRO A 38 -11.54 -14.15 1.83
CA PRO A 38 -10.80 -13.35 2.81
C PRO A 38 -10.64 -14.05 4.16
N THR A 39 -9.60 -13.70 4.89
CA THR A 39 -9.33 -14.29 6.20
C THR A 39 -10.57 -14.24 7.09
N PRO A 40 -10.62 -15.11 8.12
CA PRO A 40 -11.75 -15.18 9.05
C PRO A 40 -12.36 -13.80 9.30
N LEU A 41 -11.51 -12.82 9.56
CA LEU A 41 -11.97 -11.46 9.82
C LEU A 41 -13.02 -11.45 10.93
N ARG A 42 -13.54 -10.26 11.23
CA ARG A 42 -14.56 -10.12 12.28
C ARG A 42 -14.87 -8.64 12.53
N SER A 43 -15.08 -7.89 11.45
CA SER A 43 -15.39 -6.48 11.55
C SER A 43 -16.22 -6.01 10.37
N LYS A 44 -15.67 -6.16 9.17
CA LYS A 44 -16.37 -5.75 7.95
C LYS A 44 -17.87 -6.05 8.05
N LYS A 45 -18.68 -5.16 7.48
CA LYS A 45 -20.13 -5.33 7.50
C LYS A 45 -20.81 -4.21 6.72
N THR A 46 -20.22 -3.02 6.76
CA THR A 46 -20.78 -1.86 6.06
C THR A 46 -20.83 -2.13 4.55
N MET A 47 -20.79 -1.06 3.76
CA MET A 47 -20.83 -1.19 2.31
C MET A 47 -19.71 -2.10 1.83
N LEU A 48 -18.71 -1.52 1.17
CA LEU A 48 -17.57 -2.28 0.68
C LEU A 48 -17.97 -3.16 -0.52
N VAL A 49 -17.21 -3.03 -1.60
CA VAL A 49 -17.48 -3.83 -2.81
C VAL A 49 -16.20 -4.52 -3.28
N GLN A 50 -16.31 -5.82 -3.53
CA GLN A 50 -15.16 -6.60 -3.99
C GLN A 50 -15.43 -7.22 -5.36
N LYS A 51 -14.49 -7.02 -6.29
CA LYS A 51 -14.61 -7.56 -7.63
C LYS A 51 -13.26 -7.55 -8.34
N ASN A 52 -12.21 -7.92 -7.61
CA ASN A 52 -10.86 -7.94 -8.17
C ASN A 52 -10.84 -8.64 -9.52
N VAL A 53 -9.68 -8.65 -10.15
CA VAL A 53 -9.52 -9.29 -11.45
C VAL A 53 -8.23 -10.09 -11.52
N THR A 54 -8.06 -10.84 -12.61
CA THR A 54 -6.88 -11.67 -12.79
C THR A 54 -5.67 -10.81 -13.18
N SER A 55 -4.49 -11.20 -12.69
CA SER A 55 -3.27 -10.48 -12.97
C SER A 55 -3.41 -9.00 -12.61
N GLU A 56 -2.61 -8.56 -11.65
CA GLU A 56 -2.64 -7.17 -11.22
C GLU A 56 -4.02 -6.81 -10.67
N SER A 57 -4.07 -6.48 -9.38
CA SER A 57 -5.32 -6.12 -8.73
C SER A 57 -5.19 -4.83 -7.93
N THR A 58 -6.23 -4.49 -7.18
CA THR A 58 -6.23 -3.28 -6.37
C THR A 58 -4.84 -3.01 -5.77
N CYS A 59 -4.57 -1.74 -5.50
CA CYS A 59 -3.29 -1.35 -4.91
C CYS A 59 -3.42 -0.02 -4.18
N CYS A 60 -2.42 0.31 -3.38
CA CYS A 60 -2.44 1.56 -2.63
C CYS A 60 -1.53 2.60 -3.24
N VAL A 61 -2.09 3.76 -3.57
CA VAL A 61 -1.35 4.85 -4.16
C VAL A 61 -1.35 6.06 -3.23
N ALA A 62 -0.33 6.14 -2.36
CA ALA A 62 -0.22 7.23 -1.38
C ALA A 62 -1.25 8.33 -1.62
N LYS A 63 -2.24 8.40 -0.73
CA LYS A 63 -3.28 9.40 -0.81
C LYS A 63 -2.65 10.79 -0.77
N SER A 64 -1.55 10.89 -0.05
CA SER A 64 -0.83 12.13 0.08
C SER A 64 0.63 11.86 0.37
N TYR A 65 1.50 12.35 -0.51
CA TYR A 65 2.92 12.12 -0.37
C TYR A 65 3.63 13.31 0.27
N ASN A 66 4.79 13.07 0.86
CA ASN A 66 5.57 14.15 1.44
C ASN A 66 6.93 14.11 0.78
N ARG A 67 6.87 13.54 -0.40
CA ARG A 67 8.01 13.35 -1.27
C ARG A 67 9.28 13.89 -0.65
N VAL A 68 10.23 12.99 -0.48
CA VAL A 68 11.53 13.31 0.09
C VAL A 68 12.61 12.87 -0.87
N THR A 69 12.43 13.23 -2.13
CA THR A 69 13.37 12.87 -3.19
C THR A 69 14.72 12.50 -2.61
N VAL A 70 15.11 11.26 -2.84
CA VAL A 70 16.39 10.76 -2.35
C VAL A 70 17.29 10.30 -3.49
N MET A 71 18.38 9.66 -3.10
CA MET A 71 19.37 9.16 -4.05
C MET A 71 18.86 9.15 -5.49
N GLY A 72 19.70 9.61 -6.41
CA GLY A 72 19.32 9.64 -7.81
C GLY A 72 18.02 10.37 -8.05
N GLY A 73 17.66 11.26 -7.14
CA GLY A 73 16.43 12.02 -7.28
C GLY A 73 15.20 11.14 -7.16
N PHE A 74 15.31 10.08 -6.36
CA PHE A 74 14.19 9.17 -6.14
C PHE A 74 13.01 9.93 -5.56
N LYS A 75 11.92 9.22 -5.29
CA LYS A 75 10.73 9.86 -4.73
C LYS A 75 9.85 8.87 -3.97
N VAL A 76 9.96 8.89 -2.65
CA VAL A 76 9.15 8.04 -1.78
C VAL A 76 7.86 8.73 -1.48
N GLU A 77 7.57 9.71 -2.30
CA GLU A 77 6.37 10.52 -2.12
C GLU A 77 6.04 10.51 -0.64
N ASN A 78 7.11 10.58 0.14
CA ASN A 78 7.06 10.52 1.58
C ASN A 78 5.63 10.25 2.01
N HIS A 79 5.12 9.15 1.48
CA HIS A 79 3.75 8.73 1.70
C HIS A 79 3.24 9.11 3.07
N THR A 80 2.40 10.10 3.07
CA THR A 80 1.76 10.60 4.27
C THR A 80 0.43 9.86 4.46
N ALA A 81 -0.05 9.28 3.36
CA ALA A 81 -1.29 8.52 3.37
C ALA A 81 -1.38 7.64 2.13
N CYS A 82 -1.97 6.45 2.26
CA CYS A 82 -2.10 5.54 1.14
C CYS A 82 -3.51 4.97 1.06
N HIS A 83 -4.05 4.92 -0.16
CA HIS A 83 -5.40 4.40 -0.37
C HIS A 83 -5.40 3.25 -1.38
N CYS A 84 -5.85 2.07 -0.94
CA CYS A 84 -5.90 0.90 -1.81
C CYS A 84 -7.08 1.00 -2.78
N SER A 85 -6.79 0.81 -4.06
CA SER A 85 -7.83 0.87 -5.09
C SER A 85 -7.27 0.49 -6.45
N THR A 86 -7.96 0.90 -7.50
CA THR A 86 -7.53 0.60 -8.87
C THR A 86 -6.21 1.28 -9.18
N CYS A 87 -5.53 0.79 -10.20
CA CYS A 87 -4.24 1.34 -10.61
C CYS A 87 -4.15 1.42 -12.12
N TYR A 88 -5.30 1.48 -12.79
CA TYR A 88 -5.34 1.55 -14.23
C TYR A 88 -6.18 2.73 -14.70
N TYR A 89 -5.84 3.93 -14.25
CA TYR A 89 -6.57 5.14 -14.62
C TYR A 89 -6.03 6.37 -13.88
N HIS A 90 -4.74 6.33 -13.56
CA HIS A 90 -4.11 7.45 -12.85
C HIS A 90 -2.63 7.16 -12.58
N LYS A 91 -1.81 8.20 -12.66
CA LYS A 91 -0.38 8.07 -12.41
C LYS A 91 0.34 7.42 -13.59
N SER A 92 -0.40 7.16 -14.67
CA SER A 92 0.17 6.55 -15.85
C SER A 92 0.63 7.61 -16.85
N ALA A 1 18.21 -4.96 -1.11
CA ALA A 1 17.38 -6.15 -1.41
C ALA A 1 17.00 -6.17 -2.89
N PRO A 2 17.95 -6.47 -3.76
CA PRO A 2 17.71 -6.53 -5.21
C PRO A 2 16.84 -7.72 -5.60
N ASP A 3 16.61 -8.61 -4.64
CA ASP A 3 15.79 -9.80 -4.88
C ASP A 3 14.31 -9.43 -4.97
N VAL A 4 13.61 -9.50 -3.85
CA VAL A 4 12.19 -9.18 -3.81
C VAL A 4 11.49 -9.67 -5.07
N GLN A 5 10.99 -10.90 -5.03
CA GLN A 5 10.30 -11.50 -6.17
C GLN A 5 8.80 -11.26 -6.09
N ASP A 6 8.02 -12.29 -6.42
CA ASP A 6 6.55 -12.22 -6.40
C ASP A 6 6.06 -11.12 -5.48
N CYS A 7 4.97 -10.47 -5.89
CA CYS A 7 4.37 -9.38 -5.13
C CYS A 7 4.52 -9.63 -3.62
N PRO A 8 5.44 -8.90 -2.97
CA PRO A 8 5.68 -9.03 -1.53
C PRO A 8 4.52 -8.49 -0.70
N GLU A 9 4.72 -8.42 0.62
CA GLU A 9 3.69 -7.93 1.52
C GLU A 9 3.61 -6.40 1.47
N CYS A 10 2.38 -5.89 1.46
CA CYS A 10 2.14 -4.46 1.40
C CYS A 10 2.51 -3.76 2.70
N THR A 11 2.92 -2.50 2.60
CA THR A 11 3.31 -1.70 3.76
C THR A 11 4.10 -0.49 3.31
N LEU A 12 4.75 0.17 4.27
CA LEU A 12 5.54 1.35 3.96
C LEU A 12 7.02 1.00 3.93
N GLN A 13 7.70 1.48 2.92
CA GLN A 13 9.12 1.23 2.79
C GLN A 13 9.93 2.44 3.20
N GLU A 14 9.59 2.93 4.38
CA GLU A 14 10.23 4.10 4.96
C GLU A 14 11.36 4.59 4.08
N ASN A 15 11.21 5.81 3.64
CA ASN A 15 12.16 6.45 2.75
C ASN A 15 13.50 6.73 3.42
N PRO A 16 14.51 5.89 3.15
CA PRO A 16 15.86 6.09 3.65
C PRO A 16 16.54 7.13 2.79
N PHE A 17 15.70 7.83 2.03
CA PHE A 17 16.14 8.86 1.10
C PHE A 17 15.71 10.24 1.59
N PHE A 18 14.41 10.41 1.70
CA PHE A 18 13.83 11.68 2.12
C PHE A 18 14.02 11.93 3.61
N SER A 19 14.32 10.87 4.35
CA SER A 19 14.53 10.97 5.79
C SER A 19 14.66 12.42 6.24
N GLN A 20 13.76 12.82 7.14
CA GLN A 20 13.75 14.18 7.65
C GLN A 20 13.98 14.19 9.16
N PRO A 21 14.08 15.38 9.77
CA PRO A 21 14.30 15.53 11.21
C PRO A 21 13.31 14.71 12.04
N GLY A 22 13.59 13.42 12.19
CA GLY A 22 12.72 12.55 12.98
C GLY A 22 11.74 11.74 12.14
N ALA A 23 12.11 11.44 10.90
CA ALA A 23 11.25 10.67 10.03
C ALA A 23 11.94 10.30 8.74
N PRO A 24 12.04 8.99 8.49
CA PRO A 24 12.70 8.45 7.32
C PRO A 24 11.73 8.24 6.16
N ILE A 25 10.79 9.16 6.02
CA ILE A 25 9.79 9.12 4.95
C ILE A 25 9.41 7.70 4.58
N LEU A 26 8.54 7.57 3.58
CA LEU A 26 8.03 6.26 3.18
C LEU A 26 7.56 6.21 1.76
N GLN A 27 6.76 5.19 1.54
CA GLN A 27 6.15 4.93 0.24
C GLN A 27 5.60 3.51 0.17
N CYS A 28 4.39 3.35 0.71
CA CYS A 28 3.73 2.05 0.75
C CYS A 28 4.25 1.13 -0.35
N MET A 29 5.01 0.12 0.04
CA MET A 29 5.57 -0.82 -0.92
C MET A 29 5.16 -2.26 -0.59
N GLY A 30 4.81 -3.00 -1.63
CA GLY A 30 4.40 -4.38 -1.43
C GLY A 30 3.13 -4.72 -2.18
N CYS A 31 2.49 -5.81 -1.80
CA CYS A 31 1.26 -6.25 -2.43
C CYS A 31 0.35 -6.95 -1.45
N CYS A 32 -0.86 -7.30 -1.90
CA CYS A 32 -1.83 -7.98 -1.05
C CYS A 32 -2.23 -9.33 -1.64
N PHE A 33 -1.26 -10.00 -2.27
CA PHE A 33 -1.52 -11.30 -2.88
C PHE A 33 -2.44 -11.17 -4.08
N SER A 34 -2.39 -12.18 -4.97
CA SER A 34 -3.23 -12.17 -6.16
C SER A 34 -3.98 -13.49 -6.31
N ARG A 35 -4.03 -14.26 -5.22
CA ARG A 35 -4.73 -15.54 -5.24
C ARG A 35 -5.04 -15.99 -3.82
N ALA A 36 -6.30 -15.82 -3.42
CA ALA A 36 -6.74 -16.20 -2.08
C ALA A 36 -8.25 -16.39 -2.03
N TYR A 37 -8.68 -17.65 -1.99
CA TYR A 37 -10.11 -17.96 -1.94
C TYR A 37 -10.77 -17.67 -3.28
N PRO A 38 -10.82 -18.68 -4.16
CA PRO A 38 -11.42 -18.53 -5.49
C PRO A 38 -12.76 -17.81 -5.45
N THR A 39 -12.78 -16.60 -6.01
CA THR A 39 -14.00 -15.79 -6.05
C THR A 39 -13.89 -14.70 -7.12
N PRO A 40 -14.61 -14.87 -8.23
CA PRO A 40 -14.60 -13.92 -9.34
C PRO A 40 -15.45 -12.68 -9.06
N LEU A 41 -15.96 -12.07 -10.12
CA LEU A 41 -16.80 -10.87 -10.01
C LEU A 41 -17.23 -10.60 -8.57
N ARG A 42 -16.37 -9.92 -7.81
CA ARG A 42 -16.67 -9.58 -6.43
C ARG A 42 -17.41 -8.26 -6.33
N SER A 43 -18.49 -8.24 -5.55
CA SER A 43 -19.28 -7.01 -5.39
C SER A 43 -20.21 -7.11 -4.18
N LYS A 44 -19.65 -7.45 -3.02
CA LYS A 44 -20.43 -7.57 -1.79
C LYS A 44 -19.65 -7.06 -0.59
N LYS A 45 -19.33 -5.77 -0.61
CA LYS A 45 -18.58 -5.15 0.48
C LYS A 45 -19.21 -5.47 1.82
N THR A 46 -18.53 -5.10 2.90
CA THR A 46 -19.01 -5.34 4.26
C THR A 46 -18.20 -4.53 5.27
N MET A 47 -18.71 -3.35 5.59
CA MET A 47 -18.04 -2.46 6.54
C MET A 47 -17.82 -3.14 7.88
N LEU A 48 -16.56 -3.44 8.18
CA LEU A 48 -16.20 -4.09 9.44
C LEU A 48 -15.84 -3.04 10.50
N VAL A 49 -15.31 -3.51 11.62
CA VAL A 49 -14.93 -2.61 12.71
C VAL A 49 -14.02 -3.31 13.70
N GLN A 50 -13.55 -2.58 14.70
CA GLN A 50 -12.66 -3.12 15.73
C GLN A 50 -11.78 -4.22 15.15
N LYS A 51 -10.55 -3.86 14.79
CA LYS A 51 -9.61 -4.81 14.22
C LYS A 51 -9.97 -5.10 12.77
N ASN A 52 -9.45 -4.28 11.87
CA ASN A 52 -9.72 -4.44 10.44
C ASN A 52 -8.79 -5.48 9.82
N VAL A 53 -9.09 -5.87 8.58
CA VAL A 53 -8.27 -6.85 7.88
C VAL A 53 -8.51 -6.78 6.38
N THR A 54 -7.97 -7.76 5.65
CA THR A 54 -8.12 -7.82 4.21
C THR A 54 -8.19 -9.28 3.75
N SER A 55 -7.93 -9.50 2.46
CA SER A 55 -7.95 -10.85 1.89
C SER A 55 -6.89 -11.01 0.81
N GLU A 56 -7.18 -10.49 -0.38
CA GLU A 56 -6.24 -10.58 -1.49
C GLU A 56 -6.32 -9.35 -2.38
N SER A 57 -5.77 -9.46 -3.59
CA SER A 57 -5.76 -8.36 -4.55
C SER A 57 -5.77 -7.02 -3.84
N THR A 58 -6.84 -6.26 -3.99
CA THR A 58 -6.94 -4.94 -3.37
C THR A 58 -5.72 -4.10 -3.73
N CYS A 59 -5.43 -3.12 -2.90
CA CYS A 59 -4.28 -2.25 -3.13
C CYS A 59 -4.13 -1.22 -2.02
N CYS A 60 -2.89 -0.90 -1.68
CA CYS A 60 -2.60 0.07 -0.62
C CYS A 60 -2.72 1.50 -1.14
N VAL A 61 -2.67 2.46 -0.21
CA VAL A 61 -2.76 3.87 -0.55
C VAL A 61 -2.75 4.72 0.70
N ALA A 62 -1.75 4.48 1.55
CA ALA A 62 -1.60 5.20 2.81
C ALA A 62 -2.92 5.75 3.34
N LYS A 63 -3.44 5.10 4.38
CA LYS A 63 -4.68 5.52 5.01
C LYS A 63 -4.57 6.99 5.38
N SER A 64 -3.37 7.36 5.82
CA SER A 64 -3.07 8.72 6.20
C SER A 64 -1.63 9.04 5.81
N TYR A 65 -1.48 10.02 4.94
CA TYR A 65 -0.16 10.41 4.46
C TYR A 65 0.31 11.71 5.07
N ASN A 66 1.61 11.86 5.19
CA ASN A 66 2.17 13.11 5.71
C ASN A 66 3.07 13.69 4.65
N ARG A 67 2.71 13.31 3.44
CA ARG A 67 3.42 13.71 2.23
C ARG A 67 4.49 14.74 2.52
N VAL A 68 5.72 14.31 2.31
CA VAL A 68 6.88 15.17 2.50
C VAL A 68 7.54 15.42 1.15
N THR A 69 6.71 15.70 0.16
CA THR A 69 7.19 15.93 -1.20
C THR A 69 8.66 16.27 -1.23
N VAL A 70 9.44 15.43 -1.88
CA VAL A 70 10.87 15.64 -1.97
C VAL A 70 11.32 15.79 -3.40
N MET A 71 12.63 15.80 -3.57
CA MET A 71 13.24 15.95 -4.87
C MET A 71 12.43 16.85 -5.78
N GLY A 72 12.25 16.42 -7.03
CA GLY A 72 11.49 17.20 -7.97
C GLY A 72 10.01 17.22 -7.65
N GLY A 73 9.64 16.57 -6.55
CA GLY A 73 8.24 16.52 -6.15
C GLY A 73 7.82 15.14 -5.71
N PHE A 74 8.78 14.36 -5.20
CA PHE A 74 8.49 13.01 -4.73
C PHE A 74 7.56 13.04 -3.53
N LYS A 75 6.34 12.56 -3.73
CA LYS A 75 5.34 12.54 -2.68
C LYS A 75 5.25 11.16 -2.03
N VAL A 76 5.83 11.05 -0.83
CA VAL A 76 5.80 9.80 -0.08
C VAL A 76 4.58 9.75 0.77
N GLU A 77 3.69 10.67 0.51
CA GLU A 77 2.48 10.79 1.30
C GLU A 77 2.83 10.32 2.69
N ASN A 78 4.07 10.68 3.08
CA ASN A 78 4.64 10.29 4.35
C ASN A 78 3.67 9.39 5.07
N HIS A 79 3.46 8.25 4.45
CA HIS A 79 2.50 7.28 4.92
C HIS A 79 2.49 7.09 6.42
N THR A 80 1.50 7.71 7.01
CA THR A 80 1.28 7.60 8.45
C THR A 80 0.49 6.33 8.72
N ALA A 81 -0.19 5.85 7.68
CA ALA A 81 -0.98 4.64 7.75
C ALA A 81 -1.29 4.14 6.35
N CYS A 82 -1.40 2.82 6.17
CA CYS A 82 -1.70 2.25 4.85
C CYS A 82 -2.89 1.30 4.94
N HIS A 83 -3.68 1.29 3.87
CA HIS A 83 -4.87 0.43 3.82
C HIS A 83 -5.05 -0.19 2.44
N CYS A 84 -5.12 -1.52 2.40
CA CYS A 84 -5.30 -2.24 1.15
C CYS A 84 -6.77 -2.24 0.74
N SER A 85 -7.05 -1.66 -0.42
CA SER A 85 -8.42 -1.59 -0.92
C SER A 85 -8.44 -1.13 -2.38
N THR A 86 -9.46 -0.35 -2.74
CA THR A 86 -9.59 0.16 -4.10
C THR A 86 -8.24 0.26 -4.80
N CYS A 87 -8.03 -0.58 -5.81
CA CYS A 87 -6.78 -0.58 -6.56
C CYS A 87 -6.94 0.15 -7.89
N TYR A 88 -7.02 1.47 -7.83
CA TYR A 88 -7.17 2.29 -9.03
C TYR A 88 -8.32 1.79 -9.90
N TYR A 89 -8.72 2.60 -10.88
CA TYR A 89 -9.80 2.24 -11.77
C TYR A 89 -9.25 1.65 -13.07
N HIS A 90 -8.04 2.07 -13.44
CA HIS A 90 -7.40 1.59 -14.65
C HIS A 90 -7.21 0.08 -14.61
N LYS A 91 -6.41 -0.44 -15.54
CA LYS A 91 -6.13 -1.87 -15.60
C LYS A 91 -4.66 -2.11 -15.92
N SER A 92 -3.81 -1.90 -14.93
CA SER A 92 -2.37 -2.09 -15.10
C SER A 92 -1.78 -2.86 -13.92
N ALA A 1 3.67 -15.71 11.76
CA ALA A 1 4.36 -16.80 12.49
C ALA A 1 5.48 -17.41 11.65
N PRO A 2 5.15 -17.88 10.44
CA PRO A 2 6.13 -18.49 9.53
C PRO A 2 7.32 -17.57 9.26
N ASP A 3 7.88 -17.69 8.06
CA ASP A 3 9.02 -16.87 7.67
C ASP A 3 8.57 -15.69 6.81
N VAL A 4 8.46 -15.93 5.51
CA VAL A 4 8.03 -14.89 4.58
C VAL A 4 6.59 -15.11 4.14
N GLN A 5 5.66 -14.88 5.07
CA GLN A 5 4.25 -15.06 4.77
C GLN A 5 3.39 -14.39 5.84
N ASP A 6 3.11 -13.10 5.64
CA ASP A 6 2.30 -12.30 6.57
C ASP A 6 3.01 -11.00 6.92
N CYS A 7 2.74 -9.96 6.14
CA CYS A 7 3.35 -8.66 6.36
C CYS A 7 2.31 -7.63 6.78
N PRO A 8 2.75 -6.56 7.47
CA PRO A 8 1.86 -5.50 7.93
C PRO A 8 0.95 -4.96 6.83
N GLU A 9 -0.35 -4.93 7.12
CA GLU A 9 -1.32 -4.44 6.15
C GLU A 9 -0.85 -3.14 5.51
N CYS A 10 -1.48 -2.79 4.41
CA CYS A 10 -1.15 -1.59 3.68
C CYS A 10 -0.78 -0.45 4.62
N THR A 11 0.50 -0.08 4.62
CA THR A 11 0.99 1.00 5.46
C THR A 11 2.31 1.52 4.92
N LEU A 12 3.04 2.27 5.75
CA LEU A 12 4.31 2.83 5.33
C LEU A 12 5.46 2.21 6.10
N GLN A 13 6.53 1.90 5.38
CA GLN A 13 7.71 1.31 5.99
C GLN A 13 8.70 2.39 6.35
N GLU A 14 8.14 3.45 6.88
CA GLU A 14 8.90 4.63 7.28
C GLU A 14 10.39 4.38 7.25
N ASN A 15 11.05 5.13 6.40
CA ASN A 15 12.50 5.01 6.25
C ASN A 15 13.24 6.01 7.13
N PRO A 16 13.85 5.51 8.22
CA PRO A 16 14.62 6.34 9.13
C PRO A 16 16.02 6.55 8.56
N PHE A 17 16.16 6.13 7.30
CA PHE A 17 17.40 6.26 6.56
C PHE A 17 17.49 7.67 6.06
N PHE A 18 16.50 8.05 5.28
CA PHE A 18 16.45 9.39 4.74
C PHE A 18 16.20 10.38 5.89
N SER A 19 15.34 9.94 6.81
CA SER A 19 14.97 10.74 7.99
C SER A 19 15.33 12.21 7.83
N GLN A 20 14.32 13.07 7.88
CA GLN A 20 14.54 14.51 7.77
C GLN A 20 14.42 15.18 9.12
N PRO A 21 14.84 16.45 9.21
CA PRO A 21 14.79 17.22 10.46
C PRO A 21 13.38 17.25 11.06
N GLY A 22 12.90 16.09 11.50
CA GLY A 22 11.58 16.02 12.08
C GLY A 22 10.61 15.20 11.26
N ALA A 23 11.12 14.22 10.52
CA ALA A 23 10.27 13.38 9.69
C ALA A 23 11.02 12.17 9.16
N PRO A 24 10.50 10.98 9.46
CA PRO A 24 11.07 9.72 9.06
C PRO A 24 10.41 9.17 7.81
N ILE A 25 11.16 9.24 6.71
CA ILE A 25 10.71 8.78 5.42
C ILE A 25 9.93 7.50 5.48
N LEU A 26 9.52 7.02 4.29
CA LEU A 26 8.70 5.84 4.19
C LEU A 26 8.79 5.16 2.86
N GLN A 27 7.74 4.45 2.59
CA GLN A 27 7.59 3.69 1.36
C GLN A 27 6.57 2.57 1.54
N CYS A 28 5.30 2.95 1.50
CA CYS A 28 4.18 2.03 1.68
C CYS A 28 4.61 0.58 1.58
N MET A 29 4.47 -0.15 2.69
CA MET A 29 4.82 -1.56 2.73
C MET A 29 3.95 -2.36 1.77
N GLY A 30 2.66 -2.02 1.73
CA GLY A 30 1.73 -2.70 0.84
C GLY A 30 1.49 -4.14 1.22
N CYS A 31 0.27 -4.43 1.69
CA CYS A 31 -0.10 -5.79 2.09
C CYS A 31 -1.60 -5.88 2.35
N CYS A 32 -2.39 -5.51 1.34
CA CYS A 32 -3.84 -5.56 1.45
C CYS A 32 -4.36 -6.99 1.30
N PHE A 33 -3.44 -7.93 1.11
CA PHE A 33 -3.80 -9.33 0.95
C PHE A 33 -4.86 -9.50 -0.13
N SER A 34 -4.47 -10.11 -1.25
CA SER A 34 -5.39 -10.32 -2.36
C SER A 34 -6.22 -11.58 -2.16
N ARG A 35 -6.48 -11.91 -0.90
CA ARG A 35 -7.27 -13.10 -0.58
C ARG A 35 -8.67 -12.71 -0.13
N ALA A 36 -9.66 -13.48 -0.57
CA ALA A 36 -11.05 -13.20 -0.20
C ALA A 36 -11.22 -13.03 1.30
N TYR A 37 -12.47 -12.96 1.76
CA TYR A 37 -12.75 -12.78 3.17
C TYR A 37 -11.69 -13.45 4.04
N PRO A 38 -11.47 -14.76 3.85
CA PRO A 38 -10.48 -15.50 4.62
C PRO A 38 -9.19 -14.70 4.80
N THR A 39 -8.91 -14.34 6.05
CA THR A 39 -7.72 -13.56 6.36
C THR A 39 -7.84 -12.89 7.72
N PRO A 40 -7.05 -13.33 8.71
CA PRO A 40 -7.07 -12.79 10.06
C PRO A 40 -7.00 -11.26 10.07
N LEU A 41 -8.16 -10.61 9.98
CA LEU A 41 -8.25 -9.16 9.98
C LEU A 41 -9.40 -8.68 9.10
N ARG A 42 -10.23 -7.79 9.64
CA ARG A 42 -11.36 -7.25 8.90
C ARG A 42 -10.92 -6.12 7.99
N SER A 43 -10.53 -6.47 6.76
CA SER A 43 -10.08 -5.47 5.79
C SER A 43 -11.27 -4.75 5.16
N LYS A 44 -10.97 -3.66 4.45
CA LYS A 44 -12.00 -2.88 3.78
C LYS A 44 -12.75 -3.76 2.79
N LYS A 45 -13.63 -3.13 2.00
CA LYS A 45 -14.40 -3.86 1.01
C LYS A 45 -14.91 -2.92 -0.08
N THR A 46 -15.73 -3.45 -0.98
CA THR A 46 -16.27 -2.67 -2.08
C THR A 46 -16.91 -3.58 -3.12
N MET A 47 -18.16 -3.29 -3.48
CA MET A 47 -18.87 -4.08 -4.47
C MET A 47 -19.94 -3.26 -5.17
N LEU A 48 -20.58 -3.87 -6.16
CA LEU A 48 -21.62 -3.21 -6.93
C LEU A 48 -22.57 -4.22 -7.56
N VAL A 49 -23.75 -3.77 -7.93
CA VAL A 49 -24.75 -4.64 -8.55
C VAL A 49 -24.18 -5.35 -9.77
N GLN A 50 -25.01 -6.19 -10.41
CA GLN A 50 -24.60 -6.93 -11.59
C GLN A 50 -23.77 -8.14 -11.21
N LYS A 51 -24.27 -9.32 -11.57
CA LYS A 51 -23.56 -10.57 -11.27
C LYS A 51 -23.02 -10.57 -9.85
N ASN A 52 -22.25 -11.61 -9.52
CA ASN A 52 -21.66 -11.73 -8.19
C ASN A 52 -20.18 -11.36 -8.22
N VAL A 53 -19.88 -10.15 -7.78
CA VAL A 53 -18.49 -9.68 -7.76
C VAL A 53 -17.65 -10.48 -6.76
N THR A 54 -16.38 -10.65 -7.09
CA THR A 54 -15.47 -11.39 -6.22
C THR A 54 -14.08 -11.51 -6.85
N SER A 55 -13.09 -10.93 -6.18
CA SER A 55 -11.71 -10.95 -6.65
C SER A 55 -10.80 -10.19 -5.70
N GLU A 56 -9.57 -9.93 -6.13
CA GLU A 56 -8.61 -9.21 -5.30
C GLU A 56 -7.47 -8.64 -6.14
N SER A 57 -6.98 -7.47 -5.73
CA SER A 57 -5.89 -6.80 -6.42
C SER A 57 -5.59 -5.46 -5.75
N THR A 58 -6.41 -4.46 -6.04
CA THR A 58 -6.24 -3.13 -5.47
C THR A 58 -4.76 -2.76 -5.37
N CYS A 59 -4.48 -1.74 -4.57
CA CYS A 59 -3.10 -1.27 -4.39
C CYS A 59 -3.07 0.06 -3.66
N CYS A 60 -2.14 0.20 -2.72
CA CYS A 60 -2.00 1.43 -1.95
C CYS A 60 -0.93 2.33 -2.54
N VAL A 61 -1.37 3.45 -3.10
CA VAL A 61 -0.46 4.43 -3.69
C VAL A 61 -0.45 5.71 -2.88
N ALA A 62 0.18 5.66 -1.71
CA ALA A 62 0.27 6.81 -0.80
C ALA A 62 -0.80 7.85 -1.11
N LYS A 63 -1.82 7.93 -0.24
CA LYS A 63 -2.90 8.89 -0.40
C LYS A 63 -2.32 10.27 -0.63
N SER A 64 -1.12 10.44 -0.11
CA SER A 64 -0.38 11.69 -0.24
C SER A 64 1.09 11.44 0.07
N TYR A 65 1.95 11.83 -0.85
CA TYR A 65 3.38 11.63 -0.67
C TYR A 65 4.11 12.92 -0.40
N ASN A 66 5.26 12.81 0.26
CA ASN A 66 6.08 13.98 0.52
C ASN A 66 7.45 13.72 -0.06
N ARG A 67 7.39 12.86 -1.06
CA ARG A 67 8.56 12.40 -1.81
C ARG A 67 9.85 12.98 -1.26
N VAL A 68 10.73 12.07 -0.89
CA VAL A 68 12.03 12.43 -0.34
C VAL A 68 13.15 11.58 -0.95
N THR A 69 13.12 11.46 -2.27
CA THR A 69 14.10 10.66 -2.98
C THR A 69 15.44 10.65 -2.26
N VAL A 70 15.88 9.45 -1.88
CA VAL A 70 17.15 9.28 -1.19
C VAL A 70 18.14 8.50 -2.03
N MET A 71 19.23 8.11 -1.39
CA MET A 71 20.28 7.34 -2.03
C MET A 71 20.34 7.61 -3.53
N GLY A 72 20.59 6.56 -4.31
CA GLY A 72 20.65 6.69 -5.74
C GLY A 72 19.40 7.30 -6.34
N GLY A 73 18.36 7.42 -5.53
CA GLY A 73 17.11 7.99 -5.99
C GLY A 73 15.90 7.27 -5.43
N PHE A 74 16.03 6.74 -4.22
CA PHE A 74 14.93 6.03 -3.58
C PHE A 74 13.75 6.96 -3.35
N LYS A 75 12.68 6.74 -4.11
CA LYS A 75 11.48 7.55 -4.00
C LYS A 75 10.52 6.94 -3.00
N VAL A 76 10.38 7.61 -1.86
CA VAL A 76 9.49 7.15 -0.79
C VAL A 76 8.26 7.98 -0.74
N GLU A 77 8.05 8.71 -1.81
CA GLU A 77 6.89 9.60 -1.90
C GLU A 77 6.49 9.98 -0.49
N ASN A 78 7.53 10.20 0.32
CA ASN A 78 7.38 10.53 1.73
C ASN A 78 5.92 10.33 2.11
N HIS A 79 5.49 9.09 1.97
CA HIS A 79 4.11 8.73 2.20
C HIS A 79 3.52 9.38 3.44
N THR A 80 2.69 10.35 3.17
CA THR A 80 1.97 11.05 4.23
C THR A 80 0.73 10.25 4.57
N ALA A 81 0.30 9.45 3.60
CA ALA A 81 -0.88 8.61 3.76
C ALA A 81 -0.93 7.56 2.66
N CYS A 82 -1.54 6.41 2.94
CA CYS A 82 -1.65 5.34 1.95
C CYS A 82 -3.10 4.90 1.78
N HIS A 83 -3.53 4.71 0.54
CA HIS A 83 -4.90 4.29 0.25
C HIS A 83 -4.93 3.13 -0.73
N CYS A 84 -5.49 2.01 -0.29
CA CYS A 84 -5.61 0.83 -1.13
C CYS A 84 -6.74 0.98 -2.14
N SER A 85 -6.39 0.93 -3.43
CA SER A 85 -7.39 1.06 -4.48
C SER A 85 -6.72 1.22 -5.84
N THR A 86 -7.52 1.59 -6.84
CA THR A 86 -7.00 1.78 -8.20
C THR A 86 -5.76 2.66 -8.19
N CYS A 87 -4.61 2.06 -8.48
CA CYS A 87 -3.35 2.79 -8.50
C CYS A 87 -3.01 3.22 -9.93
N TYR A 88 -1.72 3.19 -10.29
CA TYR A 88 -1.29 3.59 -11.62
C TYR A 88 -2.12 2.90 -12.69
N TYR A 89 -1.92 3.30 -13.95
CA TYR A 89 -2.65 2.73 -15.08
C TYR A 89 -4.13 3.11 -15.01
N HIS A 90 -4.47 4.22 -15.65
CA HIS A 90 -5.86 4.69 -15.67
C HIS A 90 -5.95 6.04 -16.36
N LYS A 91 -6.44 6.03 -17.61
CA LYS A 91 -6.59 7.26 -18.38
C LYS A 91 -7.41 8.29 -17.61
N SER A 92 -7.72 9.40 -18.26
CA SER A 92 -8.50 10.46 -17.64
C SER A 92 -9.90 9.97 -17.28
N ALA A 1 20.23 -22.93 3.07
CA ALA A 1 20.14 -21.95 1.96
C ALA A 1 19.01 -20.95 2.21
N PRO A 2 18.77 -20.05 1.24
CA PRO A 2 17.72 -19.03 1.35
C PRO A 2 16.39 -19.63 1.80
N ASP A 3 15.39 -18.77 1.96
CA ASP A 3 14.06 -19.21 2.38
C ASP A 3 13.07 -19.05 1.23
N VAL A 4 11.81 -19.40 1.49
CA VAL A 4 10.76 -19.31 0.48
C VAL A 4 9.91 -18.05 0.69
N GLN A 5 9.40 -17.51 -0.41
CA GLN A 5 8.56 -16.32 -0.37
C GLN A 5 9.41 -15.04 -0.29
N ASP A 6 8.94 -13.99 -0.94
CA ASP A 6 9.65 -12.72 -0.96
C ASP A 6 8.67 -11.55 -0.98
N CYS A 7 7.96 -11.35 0.12
CA CYS A 7 6.98 -10.27 0.21
C CYS A 7 6.99 -9.64 1.60
N PRO A 8 7.55 -8.44 1.73
CA PRO A 8 7.62 -7.72 3.01
C PRO A 8 6.26 -7.21 3.46
N GLU A 9 6.24 -6.48 4.57
CA GLU A 9 5.01 -5.93 5.10
C GLU A 9 4.67 -4.59 4.44
N CYS A 10 3.45 -4.48 3.92
CA CYS A 10 3.00 -3.27 3.26
C CYS A 10 3.07 -2.08 4.22
N THR A 11 3.68 -0.99 3.76
CA THR A 11 3.80 0.22 4.57
C THR A 11 4.72 1.22 3.91
N LEU A 12 5.13 2.22 4.68
CA LEU A 12 6.01 3.25 4.17
C LEU A 12 7.47 2.91 4.44
N GLN A 13 8.29 3.02 3.40
CA GLN A 13 9.71 2.72 3.54
C GLN A 13 10.47 3.95 3.94
N GLU A 14 9.86 4.67 4.85
CA GLU A 14 10.42 5.90 5.40
C GLU A 14 11.86 6.11 4.98
N ASN A 15 12.08 7.12 4.17
CA ASN A 15 13.43 7.43 3.71
C ASN A 15 14.07 8.56 4.50
N PRO A 16 15.04 8.21 5.38
CA PRO A 16 15.77 9.18 6.19
C PRO A 16 16.81 9.92 5.36
N PHE A 17 16.71 9.74 4.05
CA PHE A 17 17.60 10.41 3.10
C PHE A 17 17.19 11.85 3.04
N PHE A 18 15.94 12.04 2.69
CA PHE A 18 15.37 13.36 2.62
C PHE A 18 15.19 13.89 4.03
N SER A 19 14.83 12.98 4.93
CA SER A 19 14.65 13.29 6.35
C SER A 19 14.33 14.75 6.59
N GLN A 20 13.12 15.01 7.11
CA GLN A 20 12.68 16.35 7.42
C GLN A 20 12.70 16.59 8.92
N PRO A 21 12.18 17.74 9.38
CA PRO A 21 12.14 18.07 10.81
C PRO A 21 11.47 16.98 11.65
N GLY A 22 12.20 15.90 11.88
CA GLY A 22 11.66 14.80 12.66
C GLY A 22 10.89 13.81 11.83
N ALA A 23 11.42 13.48 10.65
CA ALA A 23 10.76 12.53 9.77
C ALA A 23 11.66 12.14 8.61
N PRO A 24 11.90 10.84 8.49
CA PRO A 24 12.75 10.28 7.45
C PRO A 24 11.97 9.85 6.22
N ILE A 25 11.31 10.81 5.58
CA ILE A 25 10.54 10.59 4.38
C ILE A 25 10.08 9.17 4.19
N LEU A 26 9.43 8.89 3.07
CA LEU A 26 8.88 7.57 2.85
C LEU A 26 8.72 7.20 1.41
N GLN A 27 7.89 6.20 1.25
CA GLN A 27 7.55 5.65 -0.06
C GLN A 27 6.84 4.29 0.08
N CYS A 28 5.57 4.35 0.45
CA CYS A 28 4.74 3.15 0.62
C CYS A 28 5.25 2.00 -0.23
N MET A 29 5.87 1.01 0.41
CA MET A 29 6.39 -0.15 -0.32
C MET A 29 6.19 -1.43 0.47
N GLY A 30 5.86 -2.51 -0.25
CA GLY A 30 5.64 -3.79 0.39
C GLY A 30 4.50 -4.57 -0.24
N CYS A 31 3.62 -5.11 0.59
CA CYS A 31 2.49 -5.87 0.10
C CYS A 31 1.58 -6.30 1.26
N CYS A 32 0.28 -6.15 1.07
CA CYS A 32 -0.68 -6.52 2.10
C CYS A 32 -0.80 -8.02 2.26
N PHE A 33 -1.25 -8.45 3.43
CA PHE A 33 -1.43 -9.87 3.73
C PHE A 33 -2.13 -10.03 5.07
N SER A 34 -2.95 -9.05 5.42
CA SER A 34 -3.68 -9.08 6.69
C SER A 34 -4.35 -10.43 6.91
N ARG A 35 -4.24 -10.93 8.15
CA ARG A 35 -4.84 -12.20 8.50
C ARG A 35 -6.18 -11.99 9.20
N ALA A 36 -6.88 -10.94 8.79
CA ALA A 36 -8.18 -10.60 9.37
C ALA A 36 -9.18 -11.73 9.18
N TYR A 37 -10.08 -11.89 10.14
CA TYR A 37 -11.10 -12.94 10.08
C TYR A 37 -11.93 -12.94 11.35
N PRO A 38 -13.05 -12.20 11.34
CA PRO A 38 -13.94 -12.09 12.50
C PRO A 38 -14.88 -13.29 12.64
N THR A 39 -15.84 -13.15 13.55
CA THR A 39 -16.81 -14.22 13.79
C THR A 39 -18.18 -13.62 14.08
N PRO A 40 -18.79 -12.96 13.09
CA PRO A 40 -20.10 -12.34 13.23
C PRO A 40 -21.23 -13.30 12.89
N LEU A 41 -20.86 -14.54 12.58
CA LEU A 41 -21.83 -15.58 12.25
C LEU A 41 -22.05 -15.67 10.74
N ARG A 42 -23.31 -15.73 10.32
CA ARG A 42 -23.66 -15.83 8.91
C ARG A 42 -23.81 -14.45 8.27
N SER A 43 -23.98 -13.44 9.12
CA SER A 43 -24.14 -12.07 8.64
C SER A 43 -22.88 -11.59 7.90
N LYS A 44 -22.74 -12.04 6.65
CA LYS A 44 -21.60 -11.66 5.83
C LYS A 44 -22.05 -10.97 4.55
N LYS A 45 -21.10 -10.38 3.83
CA LYS A 45 -21.39 -9.68 2.59
C LYS A 45 -21.88 -8.27 2.86
N THR A 46 -21.15 -7.29 2.35
CA THR A 46 -21.52 -5.89 2.55
C THR A 46 -22.95 -5.63 2.08
N MET A 47 -23.50 -4.49 2.49
CA MET A 47 -24.86 -4.10 2.12
C MET A 47 -25.39 -4.91 0.95
N LEU A 48 -25.15 -4.41 -0.26
CA LEU A 48 -25.60 -5.11 -1.47
C LEU A 48 -24.42 -5.55 -2.33
N VAL A 49 -24.72 -6.10 -3.49
CA VAL A 49 -23.69 -6.58 -4.41
C VAL A 49 -23.39 -5.53 -5.49
N GLN A 50 -22.13 -5.45 -5.90
CA GLN A 50 -21.72 -4.49 -6.92
C GLN A 50 -21.85 -5.09 -8.31
N LYS A 51 -22.13 -4.25 -9.29
CA LYS A 51 -22.28 -4.68 -10.68
C LYS A 51 -21.08 -4.24 -11.52
N ASN A 52 -19.94 -4.04 -10.86
CA ASN A 52 -18.74 -3.61 -11.54
C ASN A 52 -17.71 -4.75 -11.62
N VAL A 53 -16.73 -4.59 -12.50
CA VAL A 53 -15.69 -5.59 -12.69
C VAL A 53 -14.35 -4.95 -13.04
N THR A 54 -13.28 -5.74 -12.94
CA THR A 54 -11.93 -5.26 -13.25
C THR A 54 -11.29 -4.59 -12.03
N SER A 55 -10.51 -5.38 -11.30
CA SER A 55 -9.83 -4.87 -10.10
C SER A 55 -9.17 -6.01 -9.34
N GLU A 56 -8.00 -6.42 -9.80
CA GLU A 56 -7.27 -7.52 -9.17
C GLU A 56 -6.02 -7.00 -8.44
N SER A 57 -5.53 -7.79 -7.49
CA SER A 57 -4.34 -7.42 -6.73
C SER A 57 -4.64 -6.26 -5.79
N THR A 58 -3.65 -5.89 -4.99
CA THR A 58 -3.78 -4.79 -4.04
C THR A 58 -2.47 -4.03 -3.91
N CYS A 59 -2.57 -2.71 -3.76
CA CYS A 59 -1.39 -1.86 -3.63
C CYS A 59 -1.62 -0.76 -2.60
N CYS A 60 -0.59 -0.46 -1.82
CA CYS A 60 -0.67 0.57 -0.79
C CYS A 60 -0.28 1.93 -1.33
N VAL A 61 -1.26 2.66 -1.87
CA VAL A 61 -1.01 3.98 -2.41
C VAL A 61 -1.31 5.05 -1.37
N ALA A 62 -0.25 5.55 -0.73
CA ALA A 62 -0.37 6.57 0.32
C ALA A 62 -1.72 7.26 0.28
N LYS A 63 -2.54 7.00 1.29
CA LYS A 63 -3.85 7.64 1.39
C LYS A 63 -3.66 9.13 1.46
N SER A 64 -2.62 9.54 2.17
CA SER A 64 -2.28 10.93 2.33
C SER A 64 -0.78 11.12 2.27
N TYR A 65 -0.33 11.89 1.30
CA TYR A 65 1.08 12.13 1.09
C TYR A 65 1.50 13.53 1.53
N ASN A 66 2.77 13.68 1.87
CA ASN A 66 3.28 15.00 2.24
C ASN A 66 4.48 15.26 1.37
N ARG A 67 4.41 14.61 0.22
CA ARG A 67 5.44 14.65 -0.80
C ARG A 67 6.58 15.58 -0.43
N VAL A 68 7.77 15.03 -0.43
CA VAL A 68 8.97 15.76 -0.08
C VAL A 68 10.06 15.55 -1.11
N THR A 69 9.72 15.78 -2.37
CA THR A 69 10.66 15.62 -3.46
C THR A 69 12.10 15.79 -3.00
N VAL A 70 12.88 14.72 -3.16
CA VAL A 70 14.29 14.73 -2.77
C VAL A 70 15.20 14.74 -3.98
N MET A 71 16.43 14.33 -3.74
CA MET A 71 17.45 14.26 -4.75
C MET A 71 16.87 14.10 -6.15
N GLY A 72 17.56 14.65 -7.15
CA GLY A 72 17.10 14.55 -8.52
C GLY A 72 15.61 14.76 -8.65
N GLY A 73 15.02 15.48 -7.69
CA GLY A 73 13.59 15.73 -7.73
C GLY A 73 12.79 14.48 -7.48
N PHE A 74 13.28 13.63 -6.58
CA PHE A 74 12.59 12.38 -6.25
C PHE A 74 11.20 12.67 -5.71
N LYS A 75 10.51 11.63 -5.29
CA LYS A 75 9.17 11.76 -4.74
C LYS A 75 8.87 10.66 -3.73
N VAL A 76 8.24 11.04 -2.63
CA VAL A 76 7.88 10.11 -1.58
C VAL A 76 6.53 10.44 -1.02
N GLU A 77 5.84 11.27 -1.76
CA GLU A 77 4.52 11.74 -1.36
C GLU A 77 4.46 11.66 0.16
N ASN A 78 5.58 12.05 0.78
CA ASN A 78 5.75 11.99 2.22
C ASN A 78 4.55 11.30 2.83
N HIS A 79 4.41 10.04 2.47
CA HIS A 79 3.28 9.24 2.89
C HIS A 79 2.88 9.40 4.34
N THR A 80 1.78 10.09 4.52
CA THR A 80 1.22 10.32 5.84
C THR A 80 0.21 9.23 6.16
N ALA A 81 -0.24 8.54 5.12
CA ALA A 81 -1.20 7.45 5.26
C ALA A 81 -1.16 6.56 4.02
N CYS A 82 -1.41 5.27 4.21
CA CYS A 82 -1.40 4.32 3.10
C CYS A 82 -2.68 3.51 3.05
N HIS A 83 -3.02 3.02 1.86
CA HIS A 83 -4.22 2.22 1.67
C HIS A 83 -4.02 1.21 0.54
N CYS A 84 -4.36 -0.05 0.81
CA CYS A 84 -4.19 -1.10 -0.19
C CYS A 84 -5.26 -1.00 -1.27
N SER A 85 -5.19 -1.89 -2.26
CA SER A 85 -6.15 -1.91 -3.35
C SER A 85 -6.03 -0.64 -4.18
N THR A 86 -7.01 -0.38 -5.02
CA THR A 86 -7.00 0.80 -5.87
C THR A 86 -5.59 1.09 -6.37
N CYS A 87 -5.23 0.49 -7.51
CA CYS A 87 -3.92 0.68 -8.09
C CYS A 87 -3.86 0.12 -9.51
N TYR A 88 -2.67 -0.23 -9.96
CA TYR A 88 -2.48 -0.78 -11.30
C TYR A 88 -0.99 -0.95 -11.61
N TYR A 89 -0.70 -1.47 -12.80
CA TYR A 89 0.67 -1.70 -13.22
C TYR A 89 1.03 -0.82 -14.41
N HIS A 90 1.76 0.27 -14.15
CA HIS A 90 2.16 1.19 -15.20
C HIS A 90 2.62 0.46 -16.45
N LYS A 91 2.50 1.10 -17.60
CA LYS A 91 2.89 0.51 -18.87
C LYS A 91 4.41 0.53 -19.02
N SER A 92 4.95 1.69 -19.36
CA SER A 92 6.40 1.84 -19.54
C SER A 92 6.84 3.25 -19.16
N ALA A 1 3.86 -19.46 1.66
CA ALA A 1 4.28 -19.48 3.09
C ALA A 1 4.40 -18.05 3.64
N PRO A 2 4.87 -17.92 4.89
CA PRO A 2 5.04 -16.61 5.54
C PRO A 2 5.77 -15.61 4.65
N ASP A 3 6.48 -16.12 3.66
CA ASP A 3 7.22 -15.26 2.73
C ASP A 3 6.86 -15.58 1.29
N VAL A 4 7.52 -14.91 0.36
CA VAL A 4 7.29 -15.11 -1.06
C VAL A 4 5.81 -15.37 -1.35
N GLN A 5 4.97 -14.36 -1.11
CA GLN A 5 3.54 -14.48 -1.35
C GLN A 5 3.00 -13.25 -2.08
N ASP A 6 2.65 -13.43 -3.35
CA ASP A 6 2.13 -12.33 -4.15
C ASP A 6 1.14 -11.49 -3.34
N CYS A 7 0.97 -10.23 -3.76
CA CYS A 7 0.05 -9.33 -3.07
C CYS A 7 -0.59 -8.36 -4.06
N PRO A 8 -1.90 -8.52 -4.31
CA PRO A 8 -2.64 -7.66 -5.24
C PRO A 8 -3.06 -6.35 -4.59
N GLU A 9 -2.15 -5.40 -4.54
CA GLU A 9 -2.42 -4.10 -3.93
C GLU A 9 -1.15 -3.29 -3.80
N CYS A 10 -1.22 -2.19 -3.06
CA CYS A 10 -0.07 -1.32 -2.86
C CYS A 10 -0.08 -0.69 -1.46
N THR A 11 0.96 -1.01 -0.68
CA THR A 11 1.08 -0.46 0.68
C THR A 11 2.54 -0.16 1.01
N LEU A 12 2.76 0.69 2.00
CA LEU A 12 4.11 1.04 2.42
C LEU A 12 4.90 -0.20 2.79
N GLN A 13 6.07 -0.34 2.19
CA GLN A 13 6.89 -1.49 2.49
C GLN A 13 8.31 -1.09 2.81
N GLU A 14 8.40 -0.38 3.89
CA GLU A 14 9.64 0.15 4.43
C GLU A 14 10.78 0.11 3.43
N ASN A 15 11.42 1.24 3.30
CA ASN A 15 12.53 1.42 2.40
C ASN A 15 13.64 0.41 2.63
N PRO A 16 14.10 -0.24 1.56
CA PRO A 16 15.17 -1.22 1.63
C PRO A 16 16.54 -0.59 1.47
N PHE A 17 16.58 0.73 1.52
CA PHE A 17 17.82 1.47 1.41
C PHE A 17 18.01 2.37 2.61
N PHE A 18 17.02 3.20 2.83
CA PHE A 18 17.06 4.14 3.93
C PHE A 18 16.80 3.42 5.26
N SER A 19 16.37 2.18 5.15
CA SER A 19 16.07 1.37 6.32
C SER A 19 17.30 1.20 7.20
N GLN A 20 17.34 1.93 8.30
CA GLN A 20 18.47 1.86 9.22
C GLN A 20 17.99 1.82 10.66
N PRO A 21 18.84 1.33 11.58
CA PRO A 21 18.50 1.23 13.01
C PRO A 21 18.13 2.59 13.59
N GLY A 22 17.06 3.16 13.08
CA GLY A 22 16.60 4.45 13.53
C GLY A 22 15.77 5.16 12.48
N ALA A 23 15.88 4.70 11.24
CA ALA A 23 15.13 5.29 10.14
C ALA A 23 14.75 4.25 9.12
N PRO A 24 13.49 3.84 9.18
CA PRO A 24 12.92 2.83 8.33
C PRO A 24 12.02 3.39 7.24
N ILE A 25 12.59 4.21 6.38
CA ILE A 25 11.88 4.80 5.28
C ILE A 25 10.88 3.84 4.65
N LEU A 26 10.24 4.26 3.57
CA LEU A 26 9.21 3.46 2.96
C LEU A 26 9.11 3.63 1.46
N GLN A 27 7.94 3.23 0.99
CA GLN A 27 7.60 3.32 -0.42
C GLN A 27 6.51 2.32 -0.77
N CYS A 28 5.28 2.76 -0.60
CA CYS A 28 4.10 1.94 -0.87
C CYS A 28 4.40 0.93 -1.99
N MET A 29 4.50 -0.35 -1.62
CA MET A 29 4.79 -1.40 -2.61
C MET A 29 3.55 -2.25 -2.92
N GLY A 30 3.24 -3.21 -2.06
CA GLY A 30 2.08 -4.07 -2.29
C GLY A 30 1.22 -4.29 -1.08
N CYS A 31 -0.04 -4.63 -1.31
CA CYS A 31 -1.00 -4.88 -0.24
C CYS A 31 -1.72 -3.60 0.17
N CYS A 32 -2.74 -3.73 1.02
CA CYS A 32 -3.51 -2.57 1.46
C CYS A 32 -4.59 -2.98 2.47
N PHE A 33 -5.23 -1.99 3.07
CA PHE A 33 -6.29 -2.24 4.04
C PHE A 33 -5.99 -3.50 4.85
N SER A 34 -5.03 -3.40 5.75
CA SER A 34 -4.63 -4.52 6.59
C SER A 34 -5.37 -4.48 7.93
N ARG A 35 -6.60 -4.01 7.91
CA ARG A 35 -7.41 -3.90 9.12
C ARG A 35 -8.86 -4.28 8.85
N ALA A 36 -9.12 -5.58 8.77
CA ALA A 36 -10.47 -6.09 8.51
C ALA A 36 -10.57 -7.56 8.85
N TYR A 37 -11.62 -8.22 8.36
CA TYR A 37 -11.83 -9.63 8.61
C TYR A 37 -11.77 -10.45 7.33
N PRO A 38 -10.70 -10.28 6.55
CA PRO A 38 -10.51 -11.00 5.28
C PRO A 38 -10.16 -12.47 5.50
N THR A 39 -10.62 -13.33 4.60
CA THR A 39 -10.35 -14.77 4.70
C THR A 39 -10.27 -15.21 6.16
N PRO A 40 -11.39 -15.11 6.89
CA PRO A 40 -11.46 -15.52 8.30
C PRO A 40 -11.31 -17.03 8.48
N LEU A 41 -10.22 -17.58 7.94
CA LEU A 41 -9.96 -19.01 8.04
C LEU A 41 -11.23 -19.82 7.80
N ARG A 42 -11.16 -21.12 8.06
CA ARG A 42 -12.30 -22.00 7.86
C ARG A 42 -12.99 -21.70 6.54
N SER A 43 -12.27 -21.90 5.45
CA SER A 43 -12.81 -21.64 4.12
C SER A 43 -13.75 -20.44 4.13
N LYS A 44 -15.06 -20.69 4.12
CA LYS A 44 -16.06 -19.63 4.15
C LYS A 44 -15.51 -18.34 3.54
N LYS A 45 -15.85 -18.10 2.27
CA LYS A 45 -15.40 -16.90 1.57
C LYS A 45 -16.45 -16.42 0.58
N THR A 46 -16.42 -15.12 0.28
CA THR A 46 -17.37 -14.53 -0.66
C THR A 46 -16.66 -14.08 -1.94
N MET A 47 -17.34 -13.24 -2.73
CA MET A 47 -16.77 -12.75 -3.97
C MET A 47 -16.13 -11.37 -3.78
N LEU A 48 -16.94 -10.33 -3.90
CA LEU A 48 -16.45 -8.96 -3.73
C LEU A 48 -17.58 -8.03 -3.31
N VAL A 49 -17.29 -7.12 -2.40
CA VAL A 49 -18.28 -6.16 -1.92
C VAL A 49 -18.43 -4.99 -2.87
N GLN A 50 -19.67 -4.60 -3.13
CA GLN A 50 -19.96 -3.48 -4.03
C GLN A 50 -20.51 -2.30 -3.24
N LYS A 51 -19.64 -1.58 -2.56
CA LYS A 51 -20.02 -0.42 -1.78
C LYS A 51 -20.74 0.62 -2.63
N ASN A 52 -21.33 1.61 -1.97
CA ASN A 52 -22.04 2.67 -2.67
C ASN A 52 -21.10 3.81 -3.06
N VAL A 53 -19.88 3.45 -3.44
CA VAL A 53 -18.88 4.44 -3.83
C VAL A 53 -17.57 3.76 -4.21
N THR A 54 -16.74 4.48 -4.98
CA THR A 54 -15.44 3.97 -5.41
C THR A 54 -15.39 2.45 -5.30
N SER A 55 -15.70 1.77 -6.39
CA SER A 55 -15.70 0.31 -6.41
C SER A 55 -15.08 -0.21 -7.70
N GLU A 56 -14.32 -1.30 -7.59
CA GLU A 56 -13.67 -1.90 -8.75
C GLU A 56 -12.64 -0.96 -9.35
N SER A 57 -11.83 -0.34 -8.50
CA SER A 57 -10.80 0.59 -8.95
C SER A 57 -9.99 1.13 -7.77
N THR A 58 -8.95 0.41 -7.39
CA THR A 58 -8.11 0.80 -6.27
C THR A 58 -6.79 1.38 -6.76
N CYS A 59 -6.31 2.43 -6.09
CA CYS A 59 -5.06 3.07 -6.47
C CYS A 59 -4.41 3.77 -5.28
N CYS A 60 -3.20 3.36 -4.95
CA CYS A 60 -2.47 3.96 -3.83
C CYS A 60 -1.81 5.26 -4.26
N VAL A 61 -1.23 5.95 -3.30
CA VAL A 61 -0.55 7.21 -3.54
C VAL A 61 -0.30 7.92 -2.22
N ALA A 62 0.38 7.21 -1.31
CA ALA A 62 0.69 7.74 0.02
C ALA A 62 -0.20 8.92 0.38
N LYS A 63 -1.13 8.68 1.30
CA LYS A 63 -2.04 9.72 1.75
C LYS A 63 -1.25 10.93 2.22
N SER A 64 -0.03 10.66 2.66
CA SER A 64 0.86 11.69 3.12
C SER A 64 2.30 11.19 3.07
N TYR A 65 3.15 11.88 2.32
CA TYR A 65 4.55 11.45 2.18
C TYR A 65 5.49 12.31 3.00
N ASN A 66 6.64 11.74 3.35
CA ASN A 66 7.67 12.47 4.08
C ASN A 66 8.95 12.35 3.30
N ARG A 67 8.74 12.14 2.02
CA ARG A 67 9.79 11.96 1.04
C ARG A 67 11.17 12.17 1.64
N VAL A 68 11.83 11.06 1.91
CA VAL A 68 13.18 11.06 2.48
C VAL A 68 14.21 10.75 1.41
N THR A 69 14.10 11.43 0.28
CA THR A 69 15.01 11.22 -0.84
C THR A 69 16.32 10.59 -0.39
N VAL A 70 16.59 9.40 -0.90
CA VAL A 70 17.81 8.69 -0.57
C VAL A 70 18.75 8.60 -1.74
N MET A 71 19.70 7.70 -1.60
CA MET A 71 20.70 7.46 -2.62
C MET A 71 20.15 7.70 -4.01
N GLY A 72 21.04 8.11 -4.91
CA GLY A 72 20.64 8.38 -6.28
C GLY A 72 19.35 9.17 -6.34
N GLY A 73 19.03 9.87 -5.26
CA GLY A 73 17.82 10.65 -5.21
C GLY A 73 16.57 9.80 -5.16
N PHE A 74 16.62 8.72 -4.38
CA PHE A 74 15.48 7.83 -4.25
C PHE A 74 14.40 8.46 -3.38
N LYS A 75 13.21 8.64 -3.95
CA LYS A 75 12.10 9.25 -3.22
C LYS A 75 11.13 8.20 -2.70
N VAL A 76 11.03 8.11 -1.38
CA VAL A 76 10.12 7.17 -0.72
C VAL A 76 8.94 7.92 -0.19
N GLU A 77 8.81 9.13 -0.67
CA GLU A 77 7.75 10.00 -0.21
C GLU A 77 7.44 9.62 1.21
N ASN A 78 8.52 9.29 1.93
CA ASN A 78 8.45 8.82 3.29
C ASN A 78 7.00 8.65 3.67
N HIS A 79 6.36 7.75 2.95
CA HIS A 79 4.96 7.51 3.12
C HIS A 79 4.52 7.54 4.56
N THR A 80 3.86 8.63 4.88
CA THR A 80 3.32 8.83 6.21
C THR A 80 1.97 8.15 6.29
N ALA A 81 1.39 7.94 5.12
CA ALA A 81 0.10 7.27 5.01
C ALA A 81 -0.14 6.86 3.56
N CYS A 82 -0.89 5.79 3.35
CA CYS A 82 -1.19 5.30 2.01
C CYS A 82 -2.66 4.97 1.87
N HIS A 83 -3.30 5.53 0.85
CA HIS A 83 -4.71 5.28 0.60
C HIS A 83 -4.94 4.73 -0.80
N CYS A 84 -5.30 3.45 -0.87
CA CYS A 84 -5.56 2.79 -2.14
C CYS A 84 -6.98 3.05 -2.62
N SER A 85 -7.10 3.97 -3.58
CA SER A 85 -8.41 4.33 -4.14
C SER A 85 -8.44 5.81 -4.53
N THR A 86 -7.38 6.27 -5.19
CA THR A 86 -7.29 7.66 -5.61
C THR A 86 -6.90 7.76 -7.08
N CYS A 87 -7.48 6.89 -7.90
CA CYS A 87 -7.19 6.88 -9.32
C CYS A 87 -7.63 8.19 -9.97
N TYR A 88 -8.17 8.11 -11.17
CA TYR A 88 -8.64 9.29 -11.88
C TYR A 88 -7.48 10.24 -12.17
N TYR A 89 -6.67 9.89 -13.17
CA TYR A 89 -5.53 10.70 -13.56
C TYR A 89 -5.80 11.42 -14.88
N HIS A 90 -7.04 11.39 -15.32
CA HIS A 90 -7.43 12.03 -16.57
C HIS A 90 -7.71 13.51 -16.35
N LYS A 91 -8.65 13.80 -15.47
CA LYS A 91 -9.02 15.17 -15.16
C LYS A 91 -8.67 15.53 -13.71
N SER A 92 -7.69 16.40 -13.55
CA SER A 92 -7.27 16.82 -12.22
C SER A 92 -6.49 18.14 -12.27
N ALA A 1 20.31 -8.81 9.69
CA ALA A 1 19.40 -8.58 8.54
C ALA A 1 18.96 -9.90 7.91
N PRO A 2 17.64 -10.10 7.77
CA PRO A 2 17.09 -11.32 7.19
C PRO A 2 17.56 -11.53 5.75
N ASP A 3 18.04 -12.73 5.45
CA ASP A 3 18.52 -13.06 4.11
C ASP A 3 17.43 -13.76 3.31
N VAL A 4 16.29 -13.08 3.16
CA VAL A 4 15.16 -13.64 2.41
C VAL A 4 14.92 -12.86 1.13
N GLN A 5 13.94 -13.32 0.34
CA GLN A 5 13.60 -12.66 -0.91
C GLN A 5 13.31 -11.18 -0.68
N ASP A 6 13.48 -10.37 -1.72
CA ASP A 6 13.24 -8.94 -1.62
C ASP A 6 12.00 -8.53 -2.40
N CYS A 7 11.61 -7.27 -2.27
CA CYS A 7 10.43 -6.73 -2.96
C CYS A 7 9.65 -7.80 -3.70
N PRO A 8 8.59 -8.33 -3.07
CA PRO A 8 7.75 -9.37 -3.67
C PRO A 8 6.69 -8.77 -4.59
N GLU A 9 6.94 -7.56 -5.07
CA GLU A 9 6.00 -6.87 -5.95
C GLU A 9 4.78 -6.39 -5.17
N CYS A 10 4.38 -5.15 -5.41
CA CYS A 10 3.24 -4.56 -4.72
C CYS A 10 1.93 -5.20 -5.19
N THR A 11 1.01 -5.39 -4.25
CA THR A 11 -0.28 -5.98 -4.55
C THR A 11 -1.17 -5.96 -3.32
N LEU A 12 -2.14 -6.86 -3.29
CA LEU A 12 -3.06 -6.92 -2.16
C LEU A 12 -2.67 -7.99 -1.17
N GLN A 13 -2.83 -7.66 0.10
CA GLN A 13 -2.54 -8.59 1.17
C GLN A 13 -3.81 -8.92 1.88
N GLU A 14 -4.69 -9.46 1.07
CA GLU A 14 -6.03 -9.86 1.47
C GLU A 14 -6.21 -9.82 2.96
N ASN A 15 -7.34 -9.29 3.37
CA ASN A 15 -7.68 -9.16 4.77
C ASN A 15 -8.52 -10.32 5.28
N PRO A 16 -7.89 -11.45 5.60
CA PRO A 16 -8.60 -12.59 6.15
C PRO A 16 -9.16 -12.22 7.52
N PHE A 17 -8.91 -10.96 7.86
CA PHE A 17 -9.34 -10.38 9.12
C PHE A 17 -10.72 -9.76 8.96
N PHE A 18 -10.83 -8.84 8.02
CA PHE A 18 -12.07 -8.15 7.75
C PHE A 18 -13.03 -9.05 6.97
N SER A 19 -12.48 -9.91 6.13
CA SER A 19 -13.27 -10.83 5.32
C SER A 19 -14.71 -10.89 5.79
N GLN A 20 -15.63 -10.64 4.87
CA GLN A 20 -17.05 -10.66 5.17
C GLN A 20 -17.67 -11.98 4.74
N PRO A 21 -19.00 -12.11 4.89
CA PRO A 21 -19.72 -13.33 4.51
C PRO A 21 -19.66 -13.58 3.00
N GLY A 22 -18.45 -13.77 2.49
CA GLY A 22 -18.28 -14.02 1.07
C GLY A 22 -17.35 -13.03 0.41
N ALA A 23 -16.40 -12.50 1.17
CA ALA A 23 -15.45 -11.53 0.63
C ALA A 23 -14.20 -11.43 1.47
N PRO A 24 -13.06 -11.55 0.81
CA PRO A 24 -11.74 -11.49 1.41
C PRO A 24 -11.12 -10.11 1.32
N ILE A 25 -11.37 -9.33 2.35
CA ILE A 25 -10.87 -7.99 2.43
C ILE A 25 -9.40 -7.89 2.08
N LEU A 26 -8.83 -6.68 2.10
CA LEU A 26 -7.44 -6.51 1.70
C LEU A 26 -6.77 -5.26 2.18
N GLN A 27 -5.65 -5.03 1.52
CA GLN A 27 -4.79 -3.87 1.76
C GLN A 27 -3.54 -3.97 0.89
N CYS A 28 -3.57 -3.28 -0.25
CA CYS A 28 -2.46 -3.29 -1.19
C CYS A 28 -1.13 -3.11 -0.46
N MET A 29 -0.37 -4.19 -0.35
CA MET A 29 0.93 -4.13 0.33
C MET A 29 2.03 -4.77 -0.51
N GLY A 30 3.24 -4.23 -0.39
CA GLY A 30 4.37 -4.76 -1.14
C GLY A 30 5.40 -3.68 -1.46
N CYS A 31 6.21 -3.93 -2.49
CA CYS A 31 7.22 -2.97 -2.90
C CYS A 31 7.23 -2.77 -4.41
N CYS A 32 6.88 -1.58 -4.85
CA CYS A 32 6.85 -1.26 -6.27
C CYS A 32 8.25 -1.32 -6.88
N PHE A 33 8.87 -2.50 -6.78
CA PHE A 33 10.22 -2.69 -7.33
C PHE A 33 11.19 -1.64 -6.79
N SER A 34 11.21 -0.49 -7.46
CA SER A 34 12.10 0.62 -7.08
C SER A 34 12.92 0.29 -5.83
N ARG A 35 12.35 0.55 -4.66
CA ARG A 35 13.04 0.29 -3.40
C ARG A 35 12.14 0.61 -2.21
N ALA A 36 12.74 0.68 -1.03
CA ALA A 36 12.00 0.98 0.20
C ALA A 36 11.01 -0.14 0.52
N TYR A 37 10.85 -0.42 1.81
CA TYR A 37 9.92 -1.47 2.25
C TYR A 37 8.65 -0.87 2.83
N PRO A 38 8.77 0.03 3.81
CA PRO A 38 7.61 0.67 4.44
C PRO A 38 6.70 1.33 3.42
N THR A 39 5.44 0.88 3.39
CA THR A 39 4.45 1.42 2.46
C THR A 39 4.75 2.90 2.18
N PRO A 40 4.77 3.27 0.88
CA PRO A 40 5.03 4.65 0.46
C PRO A 40 4.13 5.66 1.16
N LEU A 41 4.72 6.76 1.62
CA LEU A 41 3.98 7.80 2.33
C LEU A 41 3.72 9.01 1.43
N ARG A 42 4.50 10.06 1.62
CA ARG A 42 4.36 11.28 0.83
C ARG A 42 5.73 11.94 0.63
N SER A 43 6.48 12.05 1.73
CA SER A 43 7.81 12.65 1.68
C SER A 43 8.58 12.34 2.96
N LYS A 44 9.08 11.12 3.05
CA LYS A 44 9.84 10.69 4.21
C LYS A 44 10.91 9.67 3.83
N LYS A 45 11.97 10.16 3.20
CA LYS A 45 13.08 9.30 2.78
C LYS A 45 14.39 10.07 2.78
N THR A 46 15.49 9.35 2.65
CA THR A 46 16.82 9.96 2.64
C THR A 46 17.91 8.91 2.64
N MET A 47 17.76 7.90 3.49
CA MET A 47 18.75 6.83 3.59
C MET A 47 18.85 6.07 2.27
N LEU A 48 20.07 5.67 1.92
CA LEU A 48 20.32 4.93 0.70
C LEU A 48 20.03 5.80 -0.53
N VAL A 49 20.67 6.96 -0.57
CA VAL A 49 20.51 7.90 -1.66
C VAL A 49 20.68 9.34 -1.17
N GLN A 50 21.33 10.17 -1.97
CA GLN A 50 21.56 11.56 -1.61
C GLN A 50 20.32 12.42 -1.84
N LYS A 51 20.52 13.73 -1.91
CA LYS A 51 19.42 14.66 -2.13
C LYS A 51 19.17 14.88 -3.63
N ASN A 52 19.52 13.87 -4.43
CA ASN A 52 19.34 13.96 -5.88
C ASN A 52 18.07 13.25 -6.31
N VAL A 53 17.08 14.04 -6.74
CA VAL A 53 15.80 13.49 -7.19
C VAL A 53 15.31 14.22 -8.42
N THR A 54 14.36 13.62 -9.12
CA THR A 54 13.80 14.22 -10.33
C THR A 54 12.36 14.70 -10.10
N SER A 55 11.40 13.83 -10.38
CA SER A 55 10.00 14.17 -10.19
C SER A 55 9.15 12.91 -10.14
N GLU A 56 9.69 11.86 -9.53
CA GLU A 56 8.98 10.60 -9.41
C GLU A 56 7.97 10.64 -8.27
N SER A 57 6.95 9.78 -8.36
CA SER A 57 5.92 9.70 -7.34
C SER A 57 4.94 8.57 -7.66
N THR A 58 5.21 7.40 -7.08
CA THR A 58 4.35 6.23 -7.29
C THR A 58 3.89 5.65 -5.95
N CYS A 59 2.67 5.12 -5.93
CA CYS A 59 2.11 4.56 -4.70
C CYS A 59 0.99 3.56 -5.02
N CYS A 60 0.91 2.49 -4.24
CA CYS A 60 -0.12 1.47 -4.43
C CYS A 60 -1.46 1.98 -3.94
N VAL A 61 -2.36 2.27 -4.87
CA VAL A 61 -3.68 2.77 -4.54
C VAL A 61 -4.77 1.95 -5.24
N ALA A 62 -4.87 0.67 -4.84
CA ALA A 62 -5.87 -0.24 -5.42
C ALA A 62 -6.53 0.35 -6.66
N LYS A 63 -6.25 -0.24 -7.81
CA LYS A 63 -6.84 0.22 -9.05
C LYS A 63 -8.35 0.20 -8.92
N SER A 64 -8.82 -0.82 -8.23
CA SER A 64 -10.25 -0.99 -7.98
C SER A 64 -10.45 -1.45 -6.55
N TYR A 65 -11.33 -0.77 -5.83
CA TYR A 65 -11.57 -1.11 -4.44
C TYR A 65 -13.01 -1.53 -4.20
N ASN A 66 -13.21 -2.31 -3.14
CA ASN A 66 -14.56 -2.72 -2.77
C ASN A 66 -14.75 -2.35 -1.31
N ARG A 67 -13.99 -1.35 -0.94
CA ARG A 67 -13.95 -0.80 0.40
C ARG A 67 -14.95 -1.48 1.31
N VAL A 68 -14.43 -2.07 2.37
CA VAL A 68 -15.24 -2.79 3.35
C VAL A 68 -14.99 -2.24 4.76
N THR A 69 -15.09 -0.92 4.89
CA THR A 69 -14.86 -0.27 6.16
C THR A 69 -15.19 -1.19 7.32
N VAL A 70 -14.17 -1.47 8.12
CA VAL A 70 -14.32 -2.34 9.28
C VAL A 70 -13.75 -1.69 10.53
N MET A 71 -13.64 -2.48 11.58
CA MET A 71 -13.11 -2.00 12.85
C MET A 71 -13.76 -0.68 13.25
N GLY A 72 -12.94 0.29 13.60
CA GLY A 72 -13.44 1.57 13.99
C GLY A 72 -13.67 2.50 12.81
N GLY A 73 -13.78 1.92 11.63
CA GLY A 73 -14.01 2.71 10.42
C GLY A 73 -12.89 2.55 9.41
N PHE A 74 -12.16 1.45 9.51
CA PHE A 74 -11.05 1.19 8.60
C PHE A 74 -11.53 1.23 7.15
N LYS A 75 -10.59 1.06 6.22
CA LYS A 75 -10.90 1.08 4.80
C LYS A 75 -9.88 0.28 3.99
N VAL A 76 -10.26 -0.92 3.60
CA VAL A 76 -9.38 -1.79 2.81
C VAL A 76 -9.72 -1.68 1.36
N GLU A 77 -10.42 -0.60 1.04
CA GLU A 77 -10.87 -0.37 -0.32
C GLU A 77 -11.02 -1.72 -0.98
N ASN A 78 -11.51 -2.66 -0.16
CA ASN A 78 -11.68 -4.04 -0.55
C ASN A 78 -11.03 -4.24 -1.90
N HIS A 79 -9.76 -3.89 -1.93
CA HIS A 79 -8.95 -3.92 -3.13
C HIS A 79 -9.29 -5.06 -4.07
N THR A 80 -9.74 -4.65 -5.23
CA THR A 80 -10.06 -5.57 -6.30
C THR A 80 -9.01 -5.49 -7.38
N ALA A 81 -8.19 -4.44 -7.31
CA ALA A 81 -7.12 -4.23 -8.27
C ALA A 81 -6.11 -3.25 -7.70
N CYS A 82 -4.84 -3.41 -8.07
CA CYS A 82 -3.78 -2.53 -7.58
C CYS A 82 -3.00 -1.91 -8.72
N HIS A 83 -2.26 -0.85 -8.43
CA HIS A 83 -1.46 -0.16 -9.44
C HIS A 83 -0.64 0.97 -8.81
N CYS A 84 0.67 0.78 -8.75
CA CYS A 84 1.57 1.78 -8.18
C CYS A 84 1.42 3.11 -8.91
N SER A 85 0.90 4.10 -8.21
CA SER A 85 0.70 5.42 -8.80
C SER A 85 0.45 6.47 -7.71
N THR A 86 0.12 7.69 -8.13
CA THR A 86 -0.13 8.77 -7.19
C THR A 86 -0.82 8.25 -5.93
N CYS A 87 -0.17 8.43 -4.78
CA CYS A 87 -0.71 7.98 -3.51
C CYS A 87 -1.95 8.78 -3.14
N TYR A 88 -2.47 8.51 -1.94
CA TYR A 88 -3.66 9.21 -1.46
C TYR A 88 -3.32 10.60 -0.97
N TYR A 89 -4.07 11.59 -1.44
CA TYR A 89 -3.84 12.98 -1.04
C TYR A 89 -4.71 13.36 0.15
N HIS A 90 -4.06 13.63 1.28
CA HIS A 90 -4.78 14.01 2.51
C HIS A 90 -3.89 14.84 3.42
N LYS A 91 -2.60 14.50 3.47
CA LYS A 91 -1.64 15.21 4.31
C LYS A 91 -2.30 15.68 5.61
N SER A 92 -2.94 14.75 6.32
CA SER A 92 -3.60 15.07 7.57
C SER A 92 -4.65 16.15 7.37
N ALA A 1 -4.94 -17.41 -13.86
CA ALA A 1 -3.82 -16.54 -14.27
C ALA A 1 -2.89 -17.28 -15.23
N PRO A 2 -2.24 -16.54 -16.15
CA PRO A 2 -1.32 -17.12 -17.14
C PRO A 2 0.03 -17.50 -16.53
N ASP A 3 0.09 -17.55 -15.21
CA ASP A 3 1.33 -17.90 -14.52
C ASP A 3 1.13 -17.91 -13.01
N VAL A 4 0.49 -16.86 -12.50
CA VAL A 4 0.22 -16.74 -11.07
C VAL A 4 1.34 -15.97 -10.36
N GLN A 5 0.98 -15.29 -9.28
CA GLN A 5 1.94 -14.51 -8.52
C GLN A 5 2.79 -15.41 -7.62
N ASP A 6 3.93 -14.89 -7.17
CA ASP A 6 4.82 -15.65 -6.30
C ASP A 6 4.43 -15.48 -4.83
N CYS A 7 4.85 -16.44 -4.01
CA CYS A 7 4.55 -16.41 -2.57
C CYS A 7 3.07 -16.13 -2.32
N PRO A 8 2.62 -16.37 -1.08
CA PRO A 8 1.23 -16.18 -0.69
C PRO A 8 0.93 -14.80 -0.11
N GLU A 9 0.28 -13.96 -0.90
CA GLU A 9 -0.09 -12.60 -0.47
C GLU A 9 -0.41 -11.73 -1.68
N CYS A 10 -0.81 -10.50 -1.40
CA CYS A 10 -1.18 -9.54 -2.43
C CYS A 10 -2.68 -9.52 -2.60
N THR A 11 -3.38 -9.45 -1.48
CA THR A 11 -4.83 -9.42 -1.46
C THR A 11 -5.30 -8.22 -0.66
N LEU A 12 -6.49 -8.31 -0.09
CA LEU A 12 -7.02 -7.22 0.70
C LEU A 12 -7.10 -7.59 2.17
N GLN A 13 -6.58 -6.72 3.01
CA GLN A 13 -6.58 -6.94 4.45
C GLN A 13 -7.83 -6.40 5.08
N GLU A 14 -8.91 -6.65 4.39
CA GLU A 14 -10.24 -6.21 4.79
C GLU A 14 -10.19 -5.39 6.06
N ASN A 15 -10.59 -4.15 5.91
CA ASN A 15 -10.63 -3.19 7.01
C ASN A 15 -11.70 -3.54 8.03
N PRO A 16 -11.30 -4.05 9.20
CA PRO A 16 -12.23 -4.40 10.27
C PRO A 16 -12.61 -3.17 11.09
N PHE A 17 -12.76 -2.05 10.38
CA PHE A 17 -13.11 -0.80 11.01
C PHE A 17 -14.34 -0.19 10.35
N PHE A 18 -14.16 0.17 9.09
CA PHE A 18 -15.23 0.77 8.30
C PHE A 18 -16.34 -0.24 8.08
N SER A 19 -15.96 -1.51 7.96
CA SER A 19 -16.90 -2.60 7.75
C SER A 19 -18.31 -2.10 7.45
N GLN A 20 -18.72 -2.25 6.20
CA GLN A 20 -20.05 -1.83 5.77
C GLN A 20 -21.02 -3.00 5.81
N PRO A 21 -22.30 -2.75 5.52
CA PRO A 21 -23.33 -3.79 5.51
C PRO A 21 -23.06 -4.84 4.45
N GLY A 22 -21.90 -5.48 4.53
CA GLY A 22 -21.54 -6.50 3.57
C GLY A 22 -20.14 -6.31 2.99
N ALA A 23 -19.31 -5.55 3.70
CA ALA A 23 -17.94 -5.30 3.24
C ALA A 23 -17.10 -4.68 4.32
N PRO A 24 -16.13 -5.45 4.80
CA PRO A 24 -15.23 -5.04 5.86
C PRO A 24 -14.05 -4.21 5.35
N ILE A 25 -14.33 -3.30 4.41
CA ILE A 25 -13.30 -2.44 3.85
C ILE A 25 -11.97 -3.15 3.73
N LEU A 26 -10.94 -2.44 3.27
CA LEU A 26 -9.66 -3.08 3.04
C LEU A 26 -8.49 -2.15 3.03
N GLN A 27 -7.43 -2.69 2.46
CA GLN A 27 -6.16 -1.99 2.33
C GLN A 27 -5.09 -2.91 1.73
N CYS A 28 -5.46 -3.57 0.65
CA CYS A 28 -4.60 -4.50 -0.09
C CYS A 28 -3.29 -4.81 0.63
N MET A 29 -3.09 -6.08 0.99
CA MET A 29 -1.84 -6.50 1.63
C MET A 29 -0.69 -6.32 0.64
N GLY A 30 -0.23 -7.41 0.03
CA GLY A 30 0.83 -7.30 -0.96
C GLY A 30 2.04 -8.18 -0.73
N CYS A 31 2.01 -9.40 -1.27
CA CYS A 31 3.15 -10.32 -1.14
C CYS A 31 4.39 -9.73 -1.82
N CYS A 32 4.80 -8.55 -1.39
CA CYS A 32 5.96 -7.89 -1.98
C CYS A 32 6.64 -6.97 -0.97
N PHE A 33 6.90 -7.50 0.22
CA PHE A 33 7.55 -6.73 1.28
C PHE A 33 8.97 -7.25 1.51
N SER A 34 9.94 -6.47 1.06
CA SER A 34 11.34 -6.83 1.23
C SER A 34 11.89 -6.32 2.55
N ARG A 35 10.98 -5.94 3.45
CA ARG A 35 11.37 -5.43 4.76
C ARG A 35 12.12 -4.12 4.63
N ALA A 36 11.76 -3.15 5.47
CA ALA A 36 12.40 -1.84 5.46
C ALA A 36 13.32 -1.68 6.67
N TYR A 37 14.28 -0.76 6.55
CA TYR A 37 15.23 -0.52 7.63
C TYR A 37 16.34 0.42 7.17
N PRO A 38 17.14 -0.02 6.18
CA PRO A 38 18.23 0.76 5.63
C PRO A 38 17.96 2.26 5.64
N THR A 39 18.96 3.03 6.02
CA THR A 39 18.82 4.49 6.07
C THR A 39 20.02 5.17 5.39
N PRO A 40 20.10 5.09 4.06
CA PRO A 40 21.19 5.68 3.29
C PRO A 40 21.13 7.20 3.25
N LEU A 41 19.98 7.72 2.84
CA LEU A 41 19.78 9.17 2.75
C LEU A 41 19.53 9.78 4.12
N ARG A 42 19.69 11.10 4.21
CA ARG A 42 19.48 11.81 5.47
C ARG A 42 19.43 13.31 5.23
N SER A 43 18.45 13.97 5.82
CA SER A 43 18.30 15.42 5.68
C SER A 43 16.86 15.84 5.95
N LYS A 44 16.69 17.07 6.41
CA LYS A 44 15.37 17.61 6.71
C LYS A 44 15.47 19.07 7.13
N LYS A 45 14.93 19.96 6.29
CA LYS A 45 14.96 21.38 6.57
C LYS A 45 13.56 21.90 6.88
N THR A 46 12.92 22.51 5.89
CA THR A 46 11.58 23.05 6.07
C THR A 46 10.54 22.04 5.58
N MET A 47 10.20 21.08 6.44
CA MET A 47 9.22 20.03 6.11
C MET A 47 9.86 18.65 6.20
N LEU A 48 9.43 17.86 7.18
CA LEU A 48 9.97 16.52 7.37
C LEU A 48 10.24 15.84 6.02
N VAL A 49 11.10 14.83 6.04
CA VAL A 49 11.43 14.10 4.81
C VAL A 49 12.13 12.78 5.13
N GLN A 50 11.64 11.70 4.53
CA GLN A 50 12.22 10.37 4.74
C GLN A 50 11.82 9.43 3.61
N LYS A 51 12.33 8.20 3.65
CA LYS A 51 12.02 7.22 2.62
C LYS A 51 12.71 5.89 2.90
N ASN A 52 12.33 4.87 2.13
CA ASN A 52 12.91 3.54 2.26
C ASN A 52 13.61 3.13 0.98
N VAL A 53 14.55 2.20 1.08
CA VAL A 53 15.30 1.73 -0.08
C VAL A 53 14.43 1.76 -1.35
N THR A 54 14.85 2.56 -2.32
CA THR A 54 14.12 2.68 -3.58
C THR A 54 14.07 1.34 -4.30
N SER A 55 15.22 0.76 -4.56
CA SER A 55 15.31 -0.53 -5.24
C SER A 55 14.58 -1.60 -4.44
N GLU A 56 13.81 -2.44 -5.12
CA GLU A 56 13.07 -3.50 -4.46
C GLU A 56 11.97 -2.91 -3.58
N SER A 57 11.08 -3.76 -3.09
CA SER A 57 9.98 -3.32 -2.24
C SER A 57 8.77 -2.91 -3.07
N THR A 58 8.11 -3.90 -3.67
CA THR A 58 6.94 -3.65 -4.48
C THR A 58 5.71 -3.37 -3.61
N CYS A 59 4.54 -3.36 -4.23
CA CYS A 59 3.30 -3.12 -3.50
C CYS A 59 2.09 -3.23 -4.42
N CYS A 60 1.17 -4.13 -4.08
CA CYS A 60 -0.04 -4.33 -4.87
C CYS A 60 -1.01 -3.17 -4.70
N VAL A 61 -0.82 -2.13 -5.50
CA VAL A 61 -1.68 -0.95 -5.43
C VAL A 61 -3.04 -1.24 -6.06
N ALA A 62 -3.94 -1.80 -5.26
CA ALA A 62 -5.30 -2.14 -5.71
C ALA A 62 -5.52 -1.82 -7.18
N LYS A 63 -5.78 -2.86 -7.97
CA LYS A 63 -6.03 -2.69 -9.38
C LYS A 63 -7.26 -1.84 -9.56
N SER A 64 -8.20 -2.03 -8.64
CA SER A 64 -9.44 -1.29 -8.61
C SER A 64 -9.79 -0.96 -7.18
N TYR A 65 -10.50 0.13 -6.96
CA TYR A 65 -10.86 0.54 -5.61
C TYR A 65 -12.32 0.92 -5.49
N ASN A 66 -12.85 0.82 -4.28
CA ASN A 66 -14.22 1.22 -4.02
C ASN A 66 -14.20 2.17 -2.86
N ARG A 67 -13.05 2.81 -2.75
CA ARG A 67 -12.74 3.76 -1.71
C ARG A 67 -13.92 4.03 -0.80
N VAL A 68 -13.69 3.80 0.49
CA VAL A 68 -14.70 4.00 1.51
C VAL A 68 -14.15 4.89 2.62
N THR A 69 -13.57 6.01 2.22
CA THR A 69 -12.99 6.95 3.16
C THR A 69 -13.61 6.84 4.54
N VAL A 70 -12.79 6.50 5.52
CA VAL A 70 -13.25 6.36 6.90
C VAL A 70 -12.56 7.36 7.81
N MET A 71 -12.73 7.14 9.10
CA MET A 71 -12.14 8.00 10.12
C MET A 71 -12.18 9.47 9.69
N GLY A 72 -11.07 10.17 9.92
CA GLY A 72 -11.00 11.57 9.56
C GLY A 72 -10.89 11.79 8.06
N GLY A 73 -11.03 10.71 7.29
CA GLY A 73 -10.95 10.82 5.84
C GLY A 73 -10.04 9.77 5.24
N PHE A 74 -9.95 8.62 5.90
CA PHE A 74 -9.11 7.52 5.42
C PHE A 74 -9.45 7.18 3.97
N LYS A 75 -8.72 6.21 3.41
CA LYS A 75 -8.94 5.81 2.03
C LYS A 75 -8.45 4.39 1.77
N VAL A 76 -9.36 3.43 1.85
CA VAL A 76 -9.04 2.02 1.61
C VAL A 76 -9.34 1.67 0.19
N GLU A 77 -9.49 2.70 -0.61
CA GLU A 77 -9.83 2.52 -2.02
C GLU A 77 -10.63 1.24 -2.12
N ASN A 78 -11.44 1.05 -1.08
CA ASN A 78 -12.27 -0.13 -0.90
C ASN A 78 -11.90 -1.15 -1.94
N HIS A 79 -10.62 -1.44 -1.94
CA HIS A 79 -10.00 -2.35 -2.87
C HIS A 79 -10.91 -3.43 -3.39
N THR A 80 -11.04 -3.41 -4.69
CA THR A 80 -11.84 -4.39 -5.40
C THR A 80 -10.90 -5.30 -6.19
N ALA A 81 -9.66 -4.87 -6.33
CA ALA A 81 -8.65 -5.64 -7.04
C ALA A 81 -7.24 -5.26 -6.56
N CYS A 82 -6.21 -5.93 -7.07
CA CYS A 82 -4.84 -5.64 -6.67
C CYS A 82 -3.83 -6.08 -7.73
N HIS A 83 -2.64 -5.48 -7.67
CA HIS A 83 -1.57 -5.81 -8.60
C HIS A 83 -0.22 -5.35 -8.03
N CYS A 84 0.56 -6.30 -7.55
CA CYS A 84 1.87 -6.01 -6.98
C CYS A 84 2.68 -5.12 -7.91
N SER A 85 3.29 -4.08 -7.35
CA SER A 85 4.10 -3.15 -8.13
C SER A 85 4.44 -1.90 -7.33
N THR A 86 5.22 -1.00 -7.94
CA THR A 86 5.63 0.23 -7.29
C THR A 86 4.43 1.13 -7.02
N CYS A 87 4.50 1.90 -5.94
CA CYS A 87 3.42 2.80 -5.56
C CYS A 87 3.77 4.24 -5.86
N TYR A 88 4.26 4.50 -7.07
CA TYR A 88 4.65 5.85 -7.47
C TYR A 88 4.79 5.92 -8.99
N TYR A 89 3.78 5.42 -9.69
CA TYR A 89 3.79 5.42 -11.15
C TYR A 89 2.51 6.06 -11.69
N HIS A 90 2.47 6.27 -13.00
CA HIS A 90 1.32 6.88 -13.64
C HIS A 90 1.46 8.39 -13.72
N LYS A 91 2.61 8.84 -14.19
CA LYS A 91 2.88 10.27 -14.31
C LYS A 91 4.12 10.52 -15.15
N SER A 92 4.34 11.77 -15.53
CA SER A 92 5.49 12.15 -16.33
C SER A 92 6.71 12.42 -15.45
N ALA A 1 4.60 -23.88 -13.29
CA ALA A 1 3.71 -23.59 -12.14
C ALA A 1 2.80 -22.39 -12.43
N PRO A 2 1.58 -22.41 -11.87
CA PRO A 2 0.60 -21.33 -12.07
C PRO A 2 1.09 -20.02 -11.47
N ASP A 3 0.34 -18.94 -11.71
CA ASP A 3 0.70 -17.64 -11.19
C ASP A 3 1.89 -17.06 -11.96
N VAL A 4 2.57 -16.10 -11.35
CA VAL A 4 3.73 -15.47 -11.98
C VAL A 4 4.84 -15.25 -10.95
N GLN A 5 6.07 -15.15 -11.44
CA GLN A 5 7.21 -14.93 -10.56
C GLN A 5 7.92 -13.63 -10.93
N ASP A 6 7.58 -12.56 -10.25
CA ASP A 6 8.17 -11.25 -10.50
C ASP A 6 7.93 -10.30 -9.34
N CYS A 7 8.77 -10.38 -8.32
CA CYS A 7 8.66 -9.52 -7.14
C CYS A 7 7.77 -10.16 -6.08
N PRO A 8 8.38 -10.57 -4.96
CA PRO A 8 7.66 -11.20 -3.85
C PRO A 8 6.70 -10.23 -3.14
N GLU A 9 5.65 -10.79 -2.54
CA GLU A 9 4.66 -9.99 -1.83
C GLU A 9 3.76 -9.23 -2.79
N CYS A 10 2.83 -8.46 -2.22
CA CYS A 10 1.86 -7.69 -3.00
C CYS A 10 0.46 -8.21 -2.73
N THR A 11 -0.22 -7.61 -1.76
CA THR A 11 -1.56 -8.05 -1.40
C THR A 11 -2.24 -7.02 -0.51
N LEU A 12 -3.14 -7.49 0.32
CA LEU A 12 -3.87 -6.61 1.22
C LEU A 12 -3.45 -6.83 2.66
N GLN A 13 -3.31 -5.74 3.40
CA GLN A 13 -2.96 -5.84 4.80
C GLN A 13 -4.21 -5.93 5.62
N GLU A 14 -5.12 -6.72 5.10
CA GLU A 14 -6.43 -6.93 5.71
C GLU A 14 -6.58 -6.16 6.99
N ASN A 15 -7.59 -5.33 7.00
CA ASN A 15 -7.90 -4.49 8.14
C ASN A 15 -8.66 -5.24 9.22
N PRO A 16 -7.95 -5.64 10.30
CA PRO A 16 -8.56 -6.32 11.43
C PRO A 16 -9.16 -5.28 12.36
N PHE A 17 -9.19 -4.05 11.86
CA PHE A 17 -9.72 -2.91 12.58
C PHE A 17 -11.15 -2.63 12.16
N PHE A 18 -11.31 -2.29 10.89
CA PHE A 18 -12.60 -1.98 10.32
C PHE A 18 -13.44 -3.24 10.12
N SER A 19 -12.77 -4.38 9.97
CA SER A 19 -13.43 -5.66 9.77
C SER A 19 -14.92 -5.56 10.07
N GLN A 20 -15.72 -5.92 9.09
CA GLN A 20 -17.17 -5.89 9.22
C GLN A 20 -17.70 -7.29 9.52
N PRO A 21 -18.85 -7.40 10.21
CA PRO A 21 -19.44 -8.69 10.55
C PRO A 21 -19.59 -9.58 9.33
N GLY A 22 -18.48 -9.95 8.73
CA GLY A 22 -18.49 -10.79 7.55
C GLY A 22 -17.61 -10.26 6.45
N ALA A 23 -16.74 -9.30 6.78
CA ALA A 23 -15.84 -8.72 5.79
C ALA A 23 -14.65 -8.06 6.47
N PRO A 24 -13.45 -8.53 6.08
CA PRO A 24 -12.19 -8.06 6.59
C PRO A 24 -11.58 -6.98 5.72
N ILE A 25 -11.66 -5.76 6.21
CA ILE A 25 -11.15 -4.60 5.51
C ILE A 25 -9.69 -4.75 5.17
N LEU A 26 -9.12 -3.72 4.52
CA LEU A 26 -7.73 -3.84 4.06
C LEU A 26 -7.05 -2.54 3.78
N GLN A 27 -5.97 -2.71 3.03
CA GLN A 27 -5.11 -1.62 2.60
C GLN A 27 -3.89 -2.17 1.89
N CYS A 28 -4.12 -2.59 0.65
CA CYS A 28 -3.09 -3.18 -0.22
C CYS A 28 -1.67 -2.77 0.17
N MET A 29 -0.87 -3.75 0.57
CA MET A 29 0.52 -3.48 0.93
C MET A 29 1.41 -4.70 0.67
N GLY A 30 2.34 -4.56 -0.28
CA GLY A 30 3.25 -5.66 -0.60
C GLY A 30 4.35 -5.22 -1.55
N CYS A 31 4.65 -6.06 -2.54
CA CYS A 31 5.69 -5.76 -3.51
C CYS A 31 5.66 -4.29 -3.92
N CYS A 32 6.72 -3.82 -4.57
CA CYS A 32 6.80 -2.43 -4.99
C CYS A 32 6.82 -1.52 -3.78
N PHE A 33 7.35 -2.05 -2.68
CA PHE A 33 7.44 -1.31 -1.42
C PHE A 33 7.93 0.12 -1.66
N SER A 34 7.76 0.96 -0.63
CA SER A 34 8.18 2.35 -0.72
C SER A 34 8.27 2.96 0.68
N ARG A 35 8.81 2.21 1.62
CA ARG A 35 8.95 2.66 3.00
C ARG A 35 9.61 1.59 3.86
N ALA A 36 10.74 1.94 4.46
CA ALA A 36 11.46 1.01 5.32
C ALA A 36 12.58 1.70 6.09
N TYR A 37 13.25 0.94 6.95
CA TYR A 37 14.34 1.49 7.75
C TYR A 37 13.83 2.52 8.75
N PRO A 38 13.29 2.04 9.88
CA PRO A 38 12.74 2.91 10.93
C PRO A 38 13.77 3.90 11.46
N THR A 39 13.31 5.11 11.76
CA THR A 39 14.20 6.15 12.29
C THR A 39 14.50 5.89 13.76
N PRO A 40 15.79 5.92 14.14
CA PRO A 40 16.22 5.69 15.51
C PRO A 40 16.00 6.92 16.41
N LEU A 41 16.05 8.10 15.79
CA LEU A 41 15.84 9.35 16.51
C LEU A 41 15.06 10.34 15.67
N ARG A 42 15.61 10.70 14.52
CA ARG A 42 14.96 11.63 13.62
C ARG A 42 13.48 11.29 13.47
N SER A 43 12.73 12.14 12.77
CA SER A 43 11.31 11.91 12.56
C SER A 43 10.68 13.05 11.76
N LYS A 44 10.78 12.96 10.43
CA LYS A 44 10.23 13.99 9.57
C LYS A 44 10.15 13.51 8.12
N LYS A 45 11.32 13.33 7.51
CA LYS A 45 11.39 12.88 6.12
C LYS A 45 12.75 13.22 5.51
N THR A 46 13.10 12.50 4.44
CA THR A 46 14.37 12.71 3.75
C THR A 46 15.51 12.93 4.74
N MET A 47 16.37 11.93 4.87
CA MET A 47 17.51 12.02 5.79
C MET A 47 18.78 11.52 5.12
N LEU A 48 18.70 10.36 4.47
CA LEU A 48 19.85 9.78 3.78
C LEU A 48 20.14 10.55 2.50
N VAL A 49 21.24 11.28 2.47
CA VAL A 49 21.61 12.06 1.30
C VAL A 49 20.45 12.94 0.86
N GLN A 50 20.48 13.39 -0.39
CA GLN A 50 19.43 14.24 -0.93
C GLN A 50 18.40 13.39 -1.67
N LYS A 51 17.23 13.96 -1.92
CA LYS A 51 16.17 13.24 -2.62
C LYS A 51 15.01 14.16 -2.97
N ASN A 52 14.47 14.00 -4.18
CA ASN A 52 13.35 14.81 -4.64
C ASN A 52 12.43 13.99 -5.53
N VAL A 53 11.13 14.08 -5.28
CA VAL A 53 10.13 13.35 -6.06
C VAL A 53 10.73 12.06 -6.63
N THR A 54 10.58 10.99 -5.88
CA THR A 54 11.10 9.69 -6.28
C THR A 54 10.42 8.56 -5.53
N SER A 55 9.10 8.50 -5.63
CA SER A 55 8.32 7.46 -4.96
C SER A 55 7.99 6.33 -5.92
N GLU A 56 8.53 6.41 -7.14
CA GLU A 56 8.30 5.40 -8.15
C GLU A 56 6.83 5.36 -8.55
N SER A 57 6.49 4.39 -9.42
CA SER A 57 5.11 4.25 -9.88
C SER A 57 4.53 2.90 -9.47
N THR A 58 5.27 1.83 -9.74
CA THR A 58 4.81 0.49 -9.41
C THR A 58 4.31 0.41 -7.97
N CYS A 59 3.22 -0.32 -7.78
CA CYS A 59 2.63 -0.51 -6.46
C CYS A 59 1.27 -1.19 -6.57
N CYS A 60 0.96 -2.06 -5.62
CA CYS A 60 -0.30 -2.78 -5.62
C CYS A 60 -1.45 -1.89 -5.14
N VAL A 61 -2.19 -1.33 -6.09
CA VAL A 61 -3.32 -0.47 -5.77
C VAL A 61 -4.63 -1.24 -5.94
N ALA A 62 -4.82 -2.22 -5.06
CA ALA A 62 -6.01 -3.07 -5.08
C ALA A 62 -6.59 -3.21 -6.48
N LYS A 63 -6.41 -4.39 -7.07
CA LYS A 63 -6.94 -4.67 -8.39
C LYS A 63 -8.44 -4.39 -8.39
N SER A 64 -9.04 -4.59 -7.23
CA SER A 64 -10.46 -4.36 -7.03
C SER A 64 -10.70 -3.94 -5.59
N TYR A 65 -11.72 -3.12 -5.36
CA TYR A 65 -12.00 -2.66 -4.01
C TYR A 65 -13.44 -2.91 -3.61
N ASN A 66 -13.68 -2.96 -2.29
CA ASN A 66 -15.03 -3.13 -1.78
C ASN A 66 -15.23 -2.10 -0.70
N ARG A 67 -14.45 -1.05 -0.87
CA ARG A 67 -14.42 0.08 0.03
C ARG A 67 -15.46 -0.02 1.12
N VAL A 68 -14.99 0.14 2.33
CA VAL A 68 -15.83 0.08 3.51
C VAL A 68 -15.59 1.31 4.37
N THR A 69 -15.50 2.45 3.70
CA THR A 69 -15.23 3.71 4.37
C THR A 69 -15.63 3.67 5.83
N VAL A 70 -14.65 3.85 6.69
CA VAL A 70 -14.87 3.83 8.13
C VAL A 70 -14.25 5.03 8.81
N MET A 71 -14.19 4.97 10.12
CA MET A 71 -13.63 6.04 10.91
C MET A 71 -13.98 7.39 10.31
N GLY A 72 -12.99 8.26 10.21
CA GLY A 72 -13.20 9.57 9.65
C GLY A 72 -13.26 9.56 8.14
N GLY A 73 -13.68 8.44 7.56
CA GLY A 73 -13.78 8.33 6.11
C GLY A 73 -12.65 7.52 5.52
N PHE A 74 -12.13 6.58 6.31
CA PHE A 74 -11.03 5.72 5.85
C PHE A 74 -11.50 4.79 4.75
N LYS A 75 -11.00 5.01 3.54
CA LYS A 75 -11.37 4.19 2.40
C LYS A 75 -10.35 3.08 2.16
N VAL A 76 -10.68 1.87 2.61
CA VAL A 76 -9.82 0.71 2.43
C VAL A 76 -10.14 0.03 1.14
N GLU A 77 -10.86 0.76 0.31
CA GLU A 77 -11.29 0.21 -0.97
C GLU A 77 -11.47 -1.28 -0.78
N ASN A 78 -11.92 -1.60 0.43
CA ASN A 78 -12.11 -2.96 0.88
C ASN A 78 -11.52 -3.90 -0.15
N HIS A 79 -10.26 -3.64 -0.44
CA HIS A 79 -9.53 -4.35 -1.46
C HIS A 79 -9.98 -5.78 -1.59
N THR A 80 -10.51 -6.04 -2.75
CA THR A 80 -10.98 -7.36 -3.11
C THR A 80 -9.91 -8.06 -3.91
N ALA A 81 -8.95 -7.26 -4.41
CA ALA A 81 -7.84 -7.79 -5.19
C ALA A 81 -6.70 -6.77 -5.22
N CYS A 82 -5.47 -7.27 -5.33
CA CYS A 82 -4.30 -6.40 -5.37
C CYS A 82 -3.49 -6.65 -6.64
N HIS A 83 -2.67 -5.69 -7.04
CA HIS A 83 -1.84 -5.82 -8.23
C HIS A 83 -0.91 -4.62 -8.41
N CYS A 84 0.39 -4.89 -8.47
CA CYS A 84 1.39 -3.85 -8.64
C CYS A 84 1.28 -3.20 -10.02
N SER A 85 1.07 -1.88 -10.04
CA SER A 85 0.94 -1.16 -11.31
C SER A 85 0.11 0.11 -11.15
N THR A 86 0.40 1.10 -11.98
CA THR A 86 -0.31 2.37 -11.95
C THR A 86 -0.49 2.90 -10.53
N CYS A 87 0.14 4.04 -10.26
CA CYS A 87 0.04 4.67 -8.95
C CYS A 87 0.36 6.16 -9.06
N TYR A 88 -0.28 6.96 -8.22
CA TYR A 88 -0.06 8.40 -8.25
C TYR A 88 -0.36 8.95 -9.65
N TYR A 89 0.48 9.86 -10.12
CA TYR A 89 0.30 10.44 -11.45
C TYR A 89 1.55 10.21 -12.31
N HIS A 90 2.37 9.26 -11.90
CA HIS A 90 3.59 8.94 -12.63
C HIS A 90 3.34 7.86 -13.66
N LYS A 91 4.39 7.13 -14.03
CA LYS A 91 4.29 6.06 -15.01
C LYS A 91 3.25 5.02 -14.58
N SER A 92 3.09 3.99 -15.39
CA SER A 92 2.13 2.93 -15.08
C SER A 92 2.84 1.70 -14.55
N ALA A 1 -3.54 -24.92 -2.84
CA ALA A 1 -2.15 -24.76 -2.34
C ALA A 1 -2.03 -23.52 -1.46
N PRO A 2 -1.62 -23.71 -0.20
CA PRO A 2 -1.46 -22.62 0.76
C PRO A 2 -0.47 -21.56 0.28
N ASP A 3 -0.91 -20.30 0.29
CA ASP A 3 -0.08 -19.17 -0.14
C ASP A 3 1.39 -19.55 -0.24
N VAL A 4 1.83 -19.91 -1.44
CA VAL A 4 3.23 -20.29 -1.67
C VAL A 4 3.95 -19.23 -2.50
N GLN A 5 4.63 -18.32 -1.82
CA GLN A 5 5.37 -17.26 -2.48
C GLN A 5 6.17 -16.43 -1.48
N ASP A 6 7.49 -16.51 -1.57
CA ASP A 6 8.36 -15.76 -0.67
C ASP A 6 8.35 -14.28 -1.01
N CYS A 7 7.31 -13.59 -0.56
CA CYS A 7 7.16 -12.16 -0.81
C CYS A 7 7.43 -11.36 0.45
N PRO A 8 8.59 -10.68 0.50
CA PRO A 8 8.98 -9.87 1.66
C PRO A 8 7.80 -9.19 2.32
N GLU A 9 7.88 -9.01 3.63
CA GLU A 9 6.82 -8.37 4.39
C GLU A 9 6.55 -6.97 3.84
N CYS A 10 5.31 -6.54 3.96
CA CYS A 10 4.88 -5.23 3.47
C CYS A 10 5.04 -4.15 4.53
N THR A 11 5.92 -3.18 4.26
CA THR A 11 6.15 -2.08 5.19
C THR A 11 7.05 -1.04 4.56
N LEU A 12 7.47 -0.07 5.36
CA LEU A 12 8.36 0.97 4.88
C LEU A 12 9.80 0.57 5.01
N GLN A 13 10.56 0.82 3.96
CA GLN A 13 11.97 0.49 3.96
C GLN A 13 12.80 1.71 4.15
N GLU A 14 12.44 2.43 5.18
CA GLU A 14 13.10 3.68 5.55
C GLU A 14 14.20 4.02 4.58
N ASN A 15 14.03 5.14 3.95
CA ASN A 15 14.96 5.61 2.97
C ASN A 15 16.36 5.80 3.52
N PRO A 16 17.29 4.91 3.16
CA PRO A 16 18.68 5.01 3.57
C PRO A 16 19.40 5.94 2.62
N PHE A 17 18.62 6.85 2.04
CA PHE A 17 19.09 7.83 1.08
C PHE A 17 18.75 9.24 1.54
N PHE A 18 17.46 9.48 1.67
CA PHE A 18 16.95 10.77 2.10
C PHE A 18 17.14 10.98 3.59
N SER A 19 17.65 9.95 4.26
CA SER A 19 17.89 10.01 5.69
C SER A 19 18.36 11.40 6.10
N GLN A 20 17.49 12.14 6.78
CA GLN A 20 17.81 13.49 7.22
C GLN A 20 18.19 13.50 8.70
N PRO A 21 18.65 14.66 9.19
CA PRO A 21 19.03 14.82 10.60
C PRO A 21 17.81 14.76 11.51
N GLY A 22 17.14 13.61 11.51
CA GLY A 22 15.96 13.45 12.33
C GLY A 22 14.76 13.06 11.51
N ALA A 23 15.01 12.64 10.27
CA ALA A 23 13.94 12.24 9.38
C ALA A 23 14.41 11.14 8.47
N PRO A 24 13.90 9.93 8.74
CA PRO A 24 14.23 8.73 8.02
C PRO A 24 13.20 8.37 6.97
N ILE A 25 13.33 8.99 5.81
CA ILE A 25 12.45 8.77 4.70
C ILE A 25 12.11 7.30 4.52
N LEU A 26 11.27 6.99 3.53
CA LEU A 26 10.83 5.63 3.32
C LEU A 26 10.43 5.31 1.91
N GLN A 27 9.70 4.22 1.84
CA GLN A 27 9.17 3.70 0.59
C GLN A 27 8.59 2.31 0.81
N CYS A 28 7.35 2.27 1.28
CA CYS A 28 6.68 1.01 1.57
C CYS A 28 7.15 -0.09 0.62
N MET A 29 7.96 -1.01 1.15
CA MET A 29 8.46 -2.12 0.34
C MET A 29 7.97 -3.46 0.88
N GLY A 30 7.49 -4.30 -0.02
CA GLY A 30 7.00 -5.61 0.38
C GLY A 30 5.72 -5.99 -0.34
N CYS A 31 5.01 -6.99 0.19
CA CYS A 31 3.77 -7.44 -0.41
C CYS A 31 2.89 -8.15 0.63
N CYS A 32 1.63 -7.72 0.71
CA CYS A 32 0.69 -8.31 1.67
C CYS A 32 0.43 -9.77 1.35
N PHE A 33 -0.02 -10.52 2.35
CA PHE A 33 -0.32 -11.94 2.18
C PHE A 33 -1.80 -12.14 1.89
N SER A 34 -2.61 -12.21 2.94
CA SER A 34 -4.04 -12.40 2.81
C SER A 34 -4.79 -11.13 3.20
N ARG A 35 -6.12 -11.25 3.34
CA ARG A 35 -6.95 -10.11 3.71
C ARG A 35 -7.78 -10.43 4.95
N ALA A 36 -8.20 -9.39 5.67
CA ALA A 36 -8.99 -9.56 6.88
C ALA A 36 -10.48 -9.36 6.58
N TYR A 37 -11.32 -9.92 7.44
CA TYR A 37 -12.77 -9.82 7.28
C TYR A 37 -13.17 -8.39 6.96
N PRO A 38 -13.51 -8.11 5.69
CA PRO A 38 -13.92 -6.78 5.25
C PRO A 38 -15.33 -6.44 5.70
N THR A 39 -15.84 -5.29 5.25
CA THR A 39 -17.18 -4.85 5.62
C THR A 39 -18.09 -4.82 4.39
N PRO A 40 -18.27 -5.97 3.72
CA PRO A 40 -19.12 -6.09 2.53
C PRO A 40 -20.58 -5.77 2.84
N LEU A 41 -20.90 -5.70 4.13
CA LEU A 41 -22.26 -5.40 4.56
C LEU A 41 -22.27 -4.22 5.54
N ARG A 42 -21.52 -3.18 5.21
CA ARG A 42 -21.45 -2.00 6.07
C ARG A 42 -21.28 -0.73 5.24
N SER A 43 -20.47 -0.82 4.18
CA SER A 43 -20.22 0.32 3.31
C SER A 43 -21.52 0.82 2.67
N LYS A 44 -22.54 -0.04 2.67
CA LYS A 44 -23.84 0.32 2.09
C LYS A 44 -23.86 0.05 0.58
N LYS A 45 -23.33 1.00 -0.18
CA LYS A 45 -23.28 0.88 -1.63
C LYS A 45 -24.44 0.05 -2.16
N THR A 46 -25.63 0.25 -1.58
CA THR A 46 -26.82 -0.48 -1.99
C THR A 46 -26.51 -1.98 -2.16
N MET A 47 -26.95 -2.77 -1.19
CA MET A 47 -26.74 -4.21 -1.20
C MET A 47 -26.34 -4.72 -2.59
N LEU A 48 -25.05 -5.05 -2.74
CA LEU A 48 -24.55 -5.55 -4.01
C LEU A 48 -24.55 -7.08 -4.03
N VAL A 49 -25.16 -7.64 -5.06
CA VAL A 49 -25.23 -9.09 -5.20
C VAL A 49 -23.84 -9.72 -5.14
N GLN A 50 -23.68 -10.72 -4.28
CA GLN A 50 -22.41 -11.39 -4.12
C GLN A 50 -22.07 -12.20 -5.36
N LYS A 51 -21.54 -11.53 -6.38
CA LYS A 51 -21.17 -12.19 -7.63
C LYS A 51 -19.69 -11.99 -7.93
N ASN A 52 -19.29 -12.33 -9.15
CA ASN A 52 -17.90 -12.18 -9.57
C ASN A 52 -17.41 -10.75 -9.38
N VAL A 53 -16.79 -10.48 -8.23
CA VAL A 53 -16.27 -9.16 -7.93
C VAL A 53 -14.84 -9.01 -8.47
N THR A 54 -14.39 -7.77 -8.59
CA THR A 54 -13.04 -7.50 -9.08
C THR A 54 -11.99 -8.24 -8.26
N SER A 55 -11.14 -8.99 -8.94
CA SER A 55 -10.09 -9.76 -8.27
C SER A 55 -8.71 -9.21 -8.64
N GLU A 56 -8.21 -8.29 -7.83
CA GLU A 56 -6.91 -7.69 -8.05
C GLU A 56 -6.04 -7.77 -6.81
N SER A 57 -4.81 -8.25 -6.97
CA SER A 57 -3.88 -8.38 -5.85
C SER A 57 -3.89 -7.12 -4.99
N THR A 58 -3.61 -7.29 -3.70
CA THR A 58 -3.58 -6.16 -2.77
C THR A 58 -2.17 -5.62 -2.59
N CYS A 59 -2.05 -4.49 -1.92
CA CYS A 59 -0.75 -3.87 -1.67
C CYS A 59 -0.86 -2.72 -0.68
N CYS A 60 0.29 -2.29 -0.16
CA CYS A 60 0.33 -1.20 0.80
C CYS A 60 0.53 0.15 0.12
N VAL A 61 -0.30 1.12 0.49
CA VAL A 61 -0.21 2.46 -0.06
C VAL A 61 -0.21 3.50 1.06
N ALA A 62 0.95 3.68 1.69
CA ALA A 62 1.10 4.62 2.79
C ALA A 62 -0.23 5.26 3.17
N LYS A 63 -0.78 4.83 4.29
CA LYS A 63 -2.04 5.34 4.79
C LYS A 63 -1.94 6.85 4.91
N SER A 64 -0.78 7.29 5.36
CA SER A 64 -0.51 8.70 5.52
C SER A 64 0.95 8.99 5.21
N TYR A 65 1.18 9.63 4.09
CA TYR A 65 2.52 9.97 3.65
C TYR A 65 2.95 11.31 4.17
N ASN A 66 4.26 11.53 4.22
CA ASN A 66 4.76 12.82 4.64
C ASN A 66 5.72 13.33 3.59
N ARG A 67 5.56 12.70 2.44
CA ARG A 67 6.33 12.99 1.24
C ARG A 67 7.41 14.04 1.47
N VAL A 68 8.64 13.62 1.23
CA VAL A 68 9.81 14.48 1.36
C VAL A 68 10.52 14.58 0.04
N THR A 69 9.74 14.73 -1.03
CA THR A 69 10.28 14.82 -2.38
C THR A 69 11.76 15.19 -2.35
N VAL A 70 12.57 14.29 -2.86
CA VAL A 70 14.01 14.51 -2.88
C VAL A 70 14.57 14.42 -4.29
N MET A 71 15.89 14.41 -4.37
CA MET A 71 16.59 14.34 -5.64
C MET A 71 15.91 15.19 -6.69
N GLY A 72 15.73 14.61 -7.87
CA GLY A 72 15.12 15.32 -8.96
C GLY A 72 13.62 15.49 -8.77
N GLY A 73 13.10 15.04 -7.63
CA GLY A 73 11.69 15.16 -7.36
C GLY A 73 11.08 13.86 -6.87
N PHE A 74 11.90 12.98 -6.32
CA PHE A 74 11.41 11.70 -5.81
C PHE A 74 10.27 11.93 -4.84
N LYS A 75 9.60 10.85 -4.44
CA LYS A 75 8.48 10.96 -3.51
C LYS A 75 8.37 9.71 -2.63
N VAL A 76 8.90 9.80 -1.41
CA VAL A 76 8.86 8.68 -0.47
C VAL A 76 7.66 8.79 0.41
N GLU A 77 6.83 9.72 0.07
CA GLU A 77 5.64 9.97 0.86
C GLU A 77 5.97 9.56 2.29
N ASN A 78 7.18 9.96 2.72
CA ASN A 78 7.73 9.59 4.02
C ASN A 78 6.66 8.87 4.79
N HIS A 79 6.29 7.75 4.22
CA HIS A 79 5.24 6.93 4.75
C HIS A 79 5.14 7.02 6.24
N THR A 80 4.17 7.79 6.66
CA THR A 80 3.89 7.99 8.06
C THR A 80 2.95 6.89 8.53
N ALA A 81 2.31 6.24 7.55
CA ALA A 81 1.40 5.15 7.82
C ALA A 81 1.17 4.34 6.54
N CYS A 82 1.27 3.02 6.63
CA CYS A 82 1.07 2.17 5.47
C CYS A 82 0.01 1.12 5.73
N HIS A 83 -0.96 1.04 4.84
CA HIS A 83 -2.06 0.09 4.98
C HIS A 83 -2.32 -0.64 3.66
N CYS A 84 -2.31 -1.97 3.72
CA CYS A 84 -2.55 -2.79 2.53
C CYS A 84 -3.84 -2.34 1.84
N SER A 85 -4.04 -2.83 0.62
CA SER A 85 -5.22 -2.49 -0.17
C SER A 85 -4.83 -2.16 -1.60
N THR A 86 -5.66 -2.56 -2.56
CA THR A 86 -5.40 -2.30 -3.96
C THR A 86 -4.66 -0.98 -4.13
N CYS A 87 -3.57 -1.00 -4.90
CA CYS A 87 -2.78 0.20 -5.14
C CYS A 87 -2.80 0.59 -6.60
N TYR A 88 -2.06 1.64 -6.94
CA TYR A 88 -2.00 2.14 -8.31
C TYR A 88 -0.58 2.00 -8.87
N TYR A 89 -0.47 1.33 -10.01
CA TYR A 89 0.83 1.12 -10.65
C TYR A 89 1.35 2.43 -11.24
N HIS A 90 0.64 2.95 -12.23
CA HIS A 90 1.04 4.19 -12.88
C HIS A 90 0.21 5.36 -12.38
N LYS A 91 -1.06 5.39 -12.75
CA LYS A 91 -1.97 6.45 -12.33
C LYS A 91 -3.42 5.99 -12.39
N SER A 92 -3.86 5.58 -13.58
CA SER A 92 -5.23 5.11 -13.76
C SER A 92 -5.25 3.80 -14.56
N ALA A 1 12.50 -12.96 -11.14
CA ALA A 1 12.14 -13.70 -9.90
C ALA A 1 11.90 -15.18 -10.21
N PRO A 2 12.99 -15.93 -10.45
CA PRO A 2 12.90 -17.36 -10.76
C PRO A 2 12.49 -18.20 -9.55
N ASP A 3 11.56 -19.12 -9.77
CA ASP A 3 11.06 -19.98 -8.70
C ASP A 3 9.99 -19.29 -7.88
N VAL A 4 9.82 -19.73 -6.64
CA VAL A 4 8.83 -19.14 -5.74
C VAL A 4 9.49 -18.38 -4.60
N GLN A 5 9.67 -17.08 -4.78
CA GLN A 5 10.29 -16.24 -3.77
C GLN A 5 9.45 -16.20 -2.49
N ASP A 6 10.14 -16.29 -1.35
CA ASP A 6 9.45 -16.27 -0.06
C ASP A 6 8.57 -15.03 0.06
N CYS A 7 7.92 -14.88 1.21
CA CYS A 7 7.04 -13.73 1.44
C CYS A 7 6.15 -13.49 0.24
N PRO A 8 4.86 -13.84 0.35
CA PRO A 8 3.89 -13.64 -0.73
C PRO A 8 4.08 -12.31 -1.45
N GLU A 9 3.00 -11.55 -1.57
CA GLU A 9 3.06 -10.26 -2.23
C GLU A 9 1.81 -9.44 -1.97
N CYS A 10 1.77 -8.25 -2.53
CA CYS A 10 0.62 -7.38 -2.36
C CYS A 10 -0.67 -8.19 -2.45
N THR A 11 -1.76 -7.58 -2.01
CA THR A 11 -3.06 -8.25 -2.03
C THR A 11 -4.07 -7.41 -1.28
N LEU A 12 -3.56 -6.73 -0.29
CA LEU A 12 -4.34 -5.84 0.56
C LEU A 12 -4.44 -6.39 1.97
N GLN A 13 -4.24 -5.51 2.94
CA GLN A 13 -4.34 -5.90 4.33
C GLN A 13 -5.73 -5.68 4.84
N GLU A 14 -6.64 -6.03 3.98
CA GLU A 14 -8.07 -5.88 4.23
C GLU A 14 -8.30 -5.28 5.59
N ASN A 15 -8.85 -4.10 5.55
CA ASN A 15 -9.13 -3.33 6.74
C ASN A 15 -10.22 -3.95 7.61
N PRO A 16 -9.84 -4.67 8.67
CA PRO A 16 -10.79 -5.24 9.60
C PRO A 16 -11.30 -4.16 10.53
N PHE A 17 -10.83 -2.96 10.23
CA PHE A 17 -11.16 -1.76 10.96
C PHE A 17 -12.33 -1.05 10.31
N PHE A 18 -12.18 -0.81 9.02
CA PHE A 18 -13.19 -0.14 8.22
C PHE A 18 -14.13 -1.15 7.57
N SER A 19 -13.86 -2.43 7.79
CA SER A 19 -14.68 -3.50 7.24
C SER A 19 -16.11 -3.36 7.73
N GLN A 20 -17.02 -3.11 6.81
CA GLN A 20 -18.42 -2.95 7.14
C GLN A 20 -19.22 -4.18 6.70
N PRO A 21 -20.45 -4.32 7.22
CA PRO A 21 -21.33 -5.45 6.89
C PRO A 21 -21.51 -5.62 5.39
N GLY A 22 -20.46 -6.05 4.70
CA GLY A 22 -20.55 -6.25 3.28
C GLY A 22 -19.33 -5.75 2.52
N ALA A 23 -18.40 -5.12 3.23
CA ALA A 23 -17.21 -4.60 2.58
C ALA A 23 -16.03 -4.55 3.53
N PRO A 24 -15.00 -5.32 3.19
CA PRO A 24 -13.77 -5.43 3.95
C PRO A 24 -12.67 -4.55 3.41
N ILE A 25 -12.64 -3.33 3.92
CA ILE A 25 -11.68 -2.33 3.53
C ILE A 25 -10.26 -2.86 3.44
N LEU A 26 -9.31 -1.98 3.09
CA LEU A 26 -7.93 -2.42 2.89
C LEU A 26 -6.90 -1.32 2.96
N GLN A 27 -5.74 -1.68 2.45
CA GLN A 27 -4.59 -0.78 2.40
C GLN A 27 -3.35 -1.47 1.82
N CYS A 28 -3.54 -2.07 0.64
CA CYS A 28 -2.48 -2.79 -0.08
C CYS A 28 -1.23 -3.04 0.77
N MET A 29 -0.98 -4.31 1.08
CA MET A 29 0.20 -4.69 1.84
C MET A 29 0.52 -6.17 1.65
N GLY A 30 1.79 -6.47 1.41
CA GLY A 30 2.20 -7.85 1.20
C GLY A 30 3.69 -7.98 0.96
N CYS A 31 4.09 -7.94 -0.31
CA CYS A 31 5.48 -8.05 -0.69
C CYS A 31 5.70 -7.49 -2.09
N CYS A 32 6.94 -7.55 -2.58
CA CYS A 32 7.28 -7.05 -3.90
C CYS A 32 7.37 -5.52 -3.89
N PHE A 33 7.92 -4.97 -2.81
CA PHE A 33 8.08 -3.52 -2.69
C PHE A 33 9.48 -3.17 -2.18
N SER A 34 9.71 -3.36 -0.89
CA SER A 34 11.01 -3.06 -0.30
C SER A 34 11.47 -4.18 0.62
N ARG A 35 10.57 -4.62 1.50
CA ARG A 35 10.89 -5.70 2.44
C ARG A 35 11.99 -5.27 3.40
N ALA A 36 11.84 -5.65 4.67
CA ALA A 36 12.82 -5.32 5.70
C ALA A 36 13.30 -3.87 5.53
N TYR A 37 12.64 -2.95 6.23
CA TYR A 37 13.01 -1.54 6.16
C TYR A 37 13.44 -1.03 7.52
N PRO A 38 14.76 -1.04 7.79
CA PRO A 38 15.32 -0.58 9.05
C PRO A 38 15.38 0.95 9.14
N THR A 39 15.15 1.48 10.34
CA THR A 39 15.17 2.93 10.54
C THR A 39 14.04 3.60 9.76
N PRO A 40 13.45 4.64 10.33
CA PRO A 40 12.35 5.38 9.69
C PRO A 40 12.80 6.08 8.41
N LEU A 41 12.15 5.73 7.30
CA LEU A 41 12.48 6.33 6.01
C LEU A 41 12.55 7.85 6.10
N ARG A 42 13.69 8.41 5.75
CA ARG A 42 13.87 9.85 5.80
C ARG A 42 12.97 10.55 4.78
N SER A 43 11.66 10.38 4.93
CA SER A 43 10.71 11.00 4.02
C SER A 43 11.18 12.38 3.58
N LYS A 44 10.84 13.39 4.37
CA LYS A 44 11.25 14.76 4.07
C LYS A 44 10.52 15.75 4.98
N LYS A 45 9.26 16.04 4.65
CA LYS A 45 8.47 16.97 5.44
C LYS A 45 7.71 16.25 6.54
N THR A 46 7.17 17.01 7.48
CA THR A 46 6.42 16.45 8.60
C THR A 46 5.01 16.03 8.16
N MET A 47 4.02 16.85 8.51
CA MET A 47 2.63 16.54 8.15
C MET A 47 2.36 15.05 8.24
N LEU A 48 2.48 14.50 9.45
CA LEU A 48 2.26 13.08 9.68
C LEU A 48 1.18 12.53 8.76
N VAL A 49 1.58 12.09 7.58
CA VAL A 49 0.64 11.53 6.60
C VAL A 49 1.38 10.66 5.59
N GLN A 50 0.94 10.70 4.33
CA GLN A 50 1.57 9.91 3.29
C GLN A 50 3.07 9.76 3.55
N LYS A 51 3.54 8.51 3.53
CA LYS A 51 4.96 8.24 3.78
C LYS A 51 5.73 8.06 2.48
N ASN A 52 5.45 8.93 1.51
CA ASN A 52 6.12 8.87 0.21
C ASN A 52 6.51 7.43 -0.13
N VAL A 53 5.52 6.54 -0.15
CA VAL A 53 5.76 5.14 -0.45
C VAL A 53 6.94 4.96 -1.40
N THR A 54 7.76 3.95 -1.13
CA THR A 54 8.93 3.66 -1.96
C THR A 54 8.73 2.35 -2.72
N SER A 55 8.02 2.42 -3.84
CA SER A 55 7.75 1.24 -4.65
C SER A 55 8.37 1.36 -6.04
N GLU A 56 9.67 1.66 -6.07
CA GLU A 56 10.38 1.80 -7.34
C GLU A 56 10.44 0.45 -8.08
N SER A 57 10.60 0.52 -9.39
CA SER A 57 10.66 -0.69 -10.21
C SER A 57 9.31 -1.40 -10.21
N THR A 58 8.93 -1.94 -9.06
CA THR A 58 7.67 -2.64 -8.91
C THR A 58 6.76 -1.89 -7.93
N CYS A 59 5.45 -1.98 -8.13
CA CYS A 59 4.50 -1.30 -7.26
C CYS A 59 3.09 -1.86 -7.42
N CYS A 60 2.48 -2.24 -6.30
CA CYS A 60 1.12 -2.79 -6.32
C CYS A 60 0.13 -1.74 -5.86
N VAL A 61 0.33 -0.52 -6.32
CA VAL A 61 -0.57 0.57 -5.98
C VAL A 61 -1.97 0.22 -6.44
N ALA A 62 -2.71 -0.47 -5.58
CA ALA A 62 -4.06 -0.91 -5.90
C ALA A 62 -4.44 -0.58 -7.35
N LYS A 63 -4.52 -1.62 -8.16
CA LYS A 63 -4.87 -1.47 -9.55
C LYS A 63 -6.19 -0.74 -9.67
N SER A 64 -7.03 -0.99 -8.69
CA SER A 64 -8.34 -0.36 -8.63
C SER A 64 -8.78 -0.21 -7.19
N TYR A 65 -9.09 1.02 -6.78
CA TYR A 65 -9.51 1.27 -5.41
C TYR A 65 -10.98 1.59 -5.31
N ASN A 66 -11.54 1.39 -4.12
CA ASN A 66 -12.94 1.72 -3.88
C ASN A 66 -13.00 2.61 -2.67
N ARG A 67 -11.88 3.27 -2.48
CA ARG A 67 -11.65 4.21 -1.40
C ARG A 67 -12.89 4.40 -0.54
N VAL A 68 -12.84 3.83 0.65
CA VAL A 68 -13.94 3.91 1.60
C VAL A 68 -13.57 4.87 2.73
N THR A 69 -13.13 6.07 2.36
CA THR A 69 -12.74 7.07 3.34
C THR A 69 -13.37 6.80 4.69
N VAL A 70 -12.53 6.55 5.68
CA VAL A 70 -13.00 6.27 7.03
C VAL A 70 -12.52 7.30 8.01
N MET A 71 -12.59 6.94 9.27
CA MET A 71 -12.19 7.81 10.37
C MET A 71 -11.16 8.84 9.92
N GLY A 72 -11.26 10.04 10.46
CA GLY A 72 -10.34 11.10 10.11
C GLY A 72 -10.24 11.30 8.61
N GLY A 73 -11.26 10.85 7.87
CA GLY A 73 -11.26 11.00 6.43
C GLY A 73 -10.23 10.11 5.77
N PHE A 74 -9.91 8.99 6.40
CA PHE A 74 -8.94 8.04 5.86
C PHE A 74 -9.26 7.71 4.41
N LYS A 75 -8.44 6.86 3.81
CA LYS A 75 -8.64 6.45 2.42
C LYS A 75 -7.91 5.14 2.11
N VAL A 76 -8.66 4.04 2.16
CA VAL A 76 -8.11 2.71 1.90
C VAL A 76 -8.26 2.36 0.46
N GLU A 77 -8.50 3.39 -0.33
CA GLU A 77 -8.72 3.19 -1.75
C GLU A 77 -9.35 1.82 -1.92
N ASN A 78 -10.20 1.52 -0.94
CA ASN A 78 -10.89 0.25 -0.84
C ASN A 78 -10.41 -0.67 -1.95
N HIS A 79 -9.11 -0.91 -1.90
CA HIS A 79 -8.42 -1.69 -2.90
C HIS A 79 -9.23 -2.86 -3.43
N THR A 80 -9.54 -2.74 -4.70
CA THR A 80 -10.27 -3.76 -5.41
C THR A 80 -9.28 -4.64 -6.15
N ALA A 81 -8.07 -4.10 -6.33
CA ALA A 81 -7.00 -4.82 -7.01
C ALA A 81 -5.66 -4.13 -6.78
N CYS A 82 -4.60 -4.93 -6.69
CA CYS A 82 -3.25 -4.40 -6.50
C CYS A 82 -2.28 -5.14 -7.41
N HIS A 83 -1.59 -4.42 -8.29
CA HIS A 83 -0.66 -5.04 -9.22
C HIS A 83 0.74 -4.43 -9.17
N CYS A 84 1.73 -5.29 -8.95
CA CYS A 84 3.12 -4.86 -8.87
C CYS A 84 3.65 -4.50 -10.25
N SER A 85 3.72 -3.20 -10.53
CA SER A 85 4.21 -2.71 -11.81
C SER A 85 3.55 -1.38 -12.17
N THR A 86 3.75 -0.92 -13.39
CA THR A 86 3.17 0.33 -13.85
C THR A 86 3.51 1.47 -12.87
N CYS A 87 4.60 2.17 -13.14
CA CYS A 87 5.02 3.28 -12.30
C CYS A 87 5.87 4.27 -13.09
N TYR A 88 5.21 5.06 -13.93
CA TYR A 88 5.90 6.05 -14.75
C TYR A 88 6.32 7.26 -13.92
N TYR A 89 7.43 7.87 -14.32
CA TYR A 89 7.94 9.04 -13.60
C TYR A 89 8.60 8.64 -12.29
N HIS A 90 9.93 8.73 -12.25
CA HIS A 90 10.68 8.38 -11.06
C HIS A 90 11.51 9.56 -10.56
N LYS A 91 11.78 9.57 -9.25
CA LYS A 91 12.56 10.66 -8.65
C LYS A 91 13.89 10.15 -8.12
N SER A 92 13.89 8.92 -7.61
CA SER A 92 15.11 8.32 -7.08
C SER A 92 15.69 9.18 -5.95
N ALA A 1 0.14 -12.95 -17.83
CA ALA A 1 -0.29 -14.30 -17.40
C ALA A 1 0.67 -14.89 -16.37
N PRO A 2 0.20 -15.84 -15.56
CA PRO A 2 1.02 -16.49 -14.53
C PRO A 2 2.39 -16.91 -15.06
N ASP A 3 3.33 -15.97 -15.06
CA ASP A 3 4.68 -16.24 -15.54
C ASP A 3 5.62 -16.51 -14.37
N VAL A 4 5.04 -16.81 -13.21
CA VAL A 4 5.82 -17.08 -12.01
C VAL A 4 6.93 -16.04 -11.84
N GLN A 5 6.64 -15.01 -11.04
CA GLN A 5 7.59 -13.94 -10.78
C GLN A 5 6.87 -12.59 -10.71
N ASP A 6 7.34 -11.71 -9.85
CA ASP A 6 6.73 -10.38 -9.70
C ASP A 6 7.61 -9.47 -8.84
N CYS A 7 7.02 -8.37 -8.41
CA CYS A 7 7.74 -7.40 -7.57
C CYS A 7 7.77 -7.86 -6.13
N PRO A 8 8.94 -7.77 -5.48
CA PRO A 8 9.11 -8.17 -4.08
C PRO A 8 7.89 -7.80 -3.23
N GLU A 9 6.88 -8.67 -3.24
CA GLU A 9 5.66 -8.43 -2.48
C GLU A 9 4.68 -7.60 -3.28
N CYS A 10 3.66 -7.12 -2.59
CA CYS A 10 2.61 -6.29 -3.19
C CYS A 10 1.27 -7.02 -3.16
N THR A 11 0.52 -6.80 -2.10
CA THR A 11 -0.78 -7.43 -1.93
C THR A 11 -1.55 -6.73 -0.82
N LEU A 12 -2.60 -7.37 -0.33
CA LEU A 12 -3.41 -6.80 0.74
C LEU A 12 -3.03 -7.41 2.07
N GLN A 13 -2.91 -6.57 3.08
CA GLN A 13 -2.56 -7.03 4.40
C GLN A 13 -3.76 -7.02 5.32
N GLU A 14 -4.77 -7.73 4.87
CA GLU A 14 -6.03 -7.85 5.58
C GLU A 14 -6.02 -7.09 6.88
N ASN A 15 -6.96 -6.19 6.99
CA ASN A 15 -7.12 -5.34 8.16
C ASN A 15 -7.17 -6.15 9.44
N PRO A 16 -6.14 -6.02 10.29
CA PRO A 16 -6.08 -6.75 11.56
C PRO A 16 -6.99 -6.10 12.61
N PHE A 17 -7.95 -5.32 12.15
CA PHE A 17 -8.89 -4.64 13.02
C PHE A 17 -10.31 -4.93 12.61
N PHE A 18 -10.61 -4.65 11.34
CA PHE A 18 -11.93 -4.89 10.80
C PHE A 18 -12.21 -6.38 10.67
N SER A 19 -11.16 -7.16 10.57
CA SER A 19 -11.28 -8.60 10.45
C SER A 19 -12.44 -9.10 11.30
N GLN A 20 -13.53 -9.47 10.64
CA GLN A 20 -14.73 -9.95 11.32
C GLN A 20 -15.19 -11.28 10.76
N PRO A 21 -16.11 -11.96 11.47
CA PRO A 21 -16.66 -13.25 11.04
C PRO A 21 -17.40 -13.13 9.72
N GLY A 22 -16.66 -12.76 8.68
CA GLY A 22 -17.25 -12.59 7.36
C GLY A 22 -16.84 -11.29 6.71
N ALA A 23 -15.91 -10.57 7.34
CA ALA A 23 -15.44 -9.31 6.80
C ALA A 23 -14.06 -8.99 7.29
N PRO A 24 -13.08 -9.35 6.47
CA PRO A 24 -11.67 -9.18 6.72
C PRO A 24 -11.05 -8.08 5.89
N ILE A 25 -11.25 -6.85 6.30
CA ILE A 25 -10.73 -5.71 5.61
C ILE A 25 -9.26 -5.89 5.20
N LEU A 26 -8.67 -4.84 4.64
CA LEU A 26 -7.31 -4.92 4.13
C LEU A 26 -6.55 -3.62 4.19
N GLN A 27 -5.55 -3.58 3.34
CA GLN A 27 -4.68 -2.42 3.22
C GLN A 27 -3.39 -2.79 2.49
N CYS A 28 -3.50 -2.89 1.17
CA CYS A 28 -2.38 -3.26 0.30
C CYS A 28 -1.03 -2.92 0.91
N MET A 29 -0.25 -3.95 1.21
CA MET A 29 1.09 -3.75 1.76
C MET A 29 2.08 -4.71 1.13
N GLY A 30 3.02 -4.16 0.35
CA GLY A 30 4.01 -5.00 -0.31
C GLY A 30 5.06 -4.21 -1.06
N CYS A 31 5.43 -4.70 -2.25
CA CYS A 31 6.43 -4.04 -3.07
C CYS A 31 6.15 -2.56 -3.21
N CYS A 32 6.93 -1.89 -4.05
CA CYS A 32 6.76 -0.46 -4.26
C CYS A 32 6.67 0.24 -2.91
N PHE A 33 7.25 -0.40 -1.90
CA PHE A 33 7.24 0.12 -0.53
C PHE A 33 7.50 1.62 -0.53
N SER A 34 6.55 2.37 0.02
CA SER A 34 6.65 3.82 0.11
C SER A 34 5.27 4.44 0.24
N ARG A 35 4.39 3.76 0.97
CA ARG A 35 3.03 4.24 1.18
C ARG A 35 2.65 4.15 2.65
N ALA A 36 3.39 4.85 3.48
CA ALA A 36 3.13 4.85 4.92
C ALA A 36 2.32 6.07 5.32
N TYR A 37 2.05 6.20 6.62
CA TYR A 37 1.28 7.32 7.14
C TYR A 37 1.82 8.65 6.60
N PRO A 38 0.91 9.59 6.32
CA PRO A 38 1.29 10.91 5.79
C PRO A 38 2.21 11.69 6.72
N THR A 39 3.13 12.45 6.14
CA THR A 39 4.06 13.26 6.91
C THR A 39 4.89 12.39 7.86
N PRO A 40 6.18 12.19 7.53
CA PRO A 40 7.08 11.38 8.36
C PRO A 40 7.41 12.07 9.68
N LEU A 41 8.52 11.66 10.30
CA LEU A 41 8.94 12.25 11.57
C LEU A 41 9.51 13.65 11.35
N ARG A 42 10.70 13.71 10.77
CA ARG A 42 11.35 15.00 10.51
C ARG A 42 12.84 14.80 10.22
N SER A 43 13.52 15.89 9.88
CA SER A 43 14.94 15.85 9.57
C SER A 43 15.18 15.42 8.13
N LYS A 44 16.45 15.36 7.74
CA LYS A 44 16.80 14.97 6.38
C LYS A 44 15.85 13.89 5.87
N LYS A 45 15.31 14.11 4.67
CA LYS A 45 14.37 13.16 4.08
C LYS A 45 15.05 12.33 2.99
N THR A 46 15.75 13.02 2.09
CA THR A 46 16.45 12.34 1.00
C THR A 46 17.54 11.42 1.53
N MET A 47 17.88 10.41 0.73
CA MET A 47 18.92 9.45 1.10
C MET A 47 19.68 8.98 -0.12
N LEU A 48 20.88 9.52 -0.32
CA LEU A 48 21.70 9.16 -1.46
C LEU A 48 22.27 7.75 -1.29
N VAL A 49 21.39 6.77 -1.26
CA VAL A 49 21.80 5.37 -1.09
C VAL A 49 21.70 4.63 -2.41
N GLN A 50 22.30 3.44 -2.47
CA GLN A 50 22.28 2.62 -3.68
C GLN A 50 21.51 1.33 -3.45
N LYS A 51 20.33 1.44 -2.85
CA LYS A 51 19.50 0.27 -2.58
C LYS A 51 18.17 0.35 -3.32
N ASN A 52 17.45 -0.77 -3.35
CA ASN A 52 16.16 -0.83 -4.03
C ASN A 52 16.34 -0.68 -5.54
N VAL A 53 15.35 -1.15 -6.29
CA VAL A 53 15.38 -1.07 -7.75
C VAL A 53 14.94 0.30 -8.23
N THR A 54 15.69 0.86 -9.18
CA THR A 54 15.38 2.17 -9.74
C THR A 54 14.75 2.03 -11.11
N SER A 55 13.44 2.24 -11.19
CA SER A 55 12.71 2.14 -12.44
C SER A 55 11.72 3.29 -12.59
N GLU A 56 10.45 3.03 -12.30
CA GLU A 56 9.41 4.05 -12.40
C GLU A 56 8.50 4.02 -11.17
N SER A 57 8.85 4.81 -10.16
CA SER A 57 8.08 4.88 -8.92
C SER A 57 6.66 4.34 -9.10
N THR A 58 6.27 3.42 -8.24
CA THR A 58 4.94 2.82 -8.29
C THR A 58 4.43 2.51 -6.89
N CYS A 59 3.17 2.07 -6.80
CA CYS A 59 2.58 1.74 -5.52
C CYS A 59 1.38 0.81 -5.69
N CYS A 60 1.28 -0.20 -4.82
CA CYS A 60 0.17 -1.16 -4.87
C CYS A 60 -1.12 -0.48 -4.46
N VAL A 61 -1.59 0.45 -5.27
CA VAL A 61 -2.81 1.16 -4.99
C VAL A 61 -4.04 0.38 -5.46
N ALA A 62 -4.68 -0.31 -4.52
CA ALA A 62 -5.88 -1.09 -4.81
C ALA A 62 -6.51 -0.65 -6.12
N LYS A 63 -6.48 -1.55 -7.11
CA LYS A 63 -7.06 -1.27 -8.41
C LYS A 63 -8.51 -0.88 -8.22
N SER A 64 -9.17 -1.60 -7.33
CA SER A 64 -10.55 -1.34 -7.02
C SER A 64 -10.80 -1.56 -5.54
N TYR A 65 -10.96 -0.47 -4.82
CA TYR A 65 -11.19 -0.53 -3.38
C TYR A 65 -12.65 -0.63 -3.06
N ASN A 66 -12.92 -1.04 -1.84
CA ASN A 66 -14.30 -1.11 -1.38
C ASN A 66 -14.38 -0.38 -0.06
N ARG A 67 -13.36 0.44 0.11
CA ARG A 67 -13.16 1.29 1.28
C ARG A 67 -14.13 1.00 2.41
N VAL A 68 -13.53 0.67 3.54
CA VAL A 68 -14.25 0.33 4.76
C VAL A 68 -13.59 1.05 5.95
N THR A 69 -13.64 2.37 5.91
CA THR A 69 -13.06 3.21 6.94
C THR A 69 -13.32 2.67 8.33
N VAL A 70 -12.25 2.55 9.10
CA VAL A 70 -12.35 2.06 10.48
C VAL A 70 -11.77 3.05 11.46
N MET A 71 -11.61 2.58 12.70
CA MET A 71 -11.08 3.39 13.78
C MET A 71 -11.43 4.86 13.57
N GLY A 72 -10.46 5.74 13.84
CA GLY A 72 -10.68 7.15 13.66
C GLY A 72 -10.80 7.54 12.21
N GLY A 73 -10.73 6.54 11.32
CA GLY A 73 -10.83 6.80 9.90
C GLY A 73 -9.84 5.98 9.08
N PHE A 74 -9.68 4.70 9.46
CA PHE A 74 -8.76 3.83 8.75
C PHE A 74 -9.32 3.44 7.39
N LYS A 75 -8.72 3.99 6.34
CA LYS A 75 -9.16 3.70 4.98
C LYS A 75 -8.38 2.52 4.42
N VAL A 76 -9.07 1.39 4.29
CA VAL A 76 -8.47 0.17 3.76
C VAL A 76 -8.93 -0.11 2.38
N GLU A 77 -9.61 0.86 1.82
CA GLU A 77 -10.12 0.71 0.48
C GLU A 77 -10.34 -0.78 0.23
N ASN A 78 -10.97 -1.44 1.24
CA ASN A 78 -11.16 -2.90 1.22
C ASN A 78 -10.77 -3.41 -0.13
N HIS A 79 -9.50 -3.25 -0.38
CA HIS A 79 -8.92 -3.60 -1.64
C HIS A 79 -9.55 -4.80 -2.29
N THR A 80 -10.37 -4.49 -3.27
CA THR A 80 -11.06 -5.49 -4.05
C THR A 80 -10.17 -5.88 -5.22
N ALA A 81 -9.17 -5.04 -5.47
CA ALA A 81 -8.19 -5.25 -6.53
C ALA A 81 -6.96 -4.41 -6.23
N CYS A 82 -5.78 -4.95 -6.49
CA CYS A 82 -4.54 -4.21 -6.21
C CYS A 82 -3.53 -4.36 -7.34
N HIS A 83 -3.05 -3.22 -7.85
CA HIS A 83 -2.07 -3.21 -8.93
C HIS A 83 -1.04 -2.11 -8.71
N CYS A 84 0.21 -2.51 -8.42
CA CYS A 84 1.28 -1.55 -8.19
C CYS A 84 1.44 -0.62 -9.40
N SER A 85 1.28 0.67 -9.14
CA SER A 85 1.40 1.68 -10.19
C SER A 85 1.43 3.07 -9.57
N THR A 86 1.53 4.09 -10.41
CA THR A 86 1.56 5.46 -9.93
C THR A 86 0.63 5.62 -8.72
N CYS A 87 1.19 6.14 -7.63
CA CYS A 87 0.41 6.35 -6.41
C CYS A 87 -0.16 7.76 -6.37
N TYR A 88 -0.34 8.35 -7.54
CA TYR A 88 -0.87 9.70 -7.64
C TYR A 88 0.05 10.69 -6.94
N TYR A 89 -0.32 11.97 -6.98
CA TYR A 89 0.47 13.02 -6.35
C TYR A 89 1.83 13.16 -7.04
N HIS A 90 1.94 12.58 -8.24
CA HIS A 90 3.18 12.64 -9.00
C HIS A 90 2.92 13.07 -10.44
N LYS A 91 2.26 14.21 -10.59
CA LYS A 91 1.94 14.74 -11.91
C LYS A 91 2.57 16.11 -12.13
N SER A 92 3.28 16.27 -13.24
CA SER A 92 3.93 17.54 -13.56
C SER A 92 4.77 18.03 -12.38
N ALA A 1 11.74 -7.05 3.01
CA ALA A 1 10.76 -7.65 3.96
C ALA A 1 11.45 -8.60 4.92
N PRO A 2 10.68 -9.18 5.85
CA PRO A 2 11.20 -10.12 6.85
C PRO A 2 11.24 -11.56 6.31
N ASP A 3 10.08 -12.10 5.97
CA ASP A 3 9.98 -13.45 5.45
C ASP A 3 11.12 -13.77 4.50
N VAL A 4 11.27 -15.05 4.16
CA VAL A 4 12.34 -15.48 3.25
C VAL A 4 11.91 -15.34 1.79
N GLN A 5 11.22 -14.24 1.48
CA GLN A 5 10.75 -14.00 0.12
C GLN A 5 10.38 -12.53 -0.07
N ASP A 6 11.06 -11.65 0.66
CA ASP A 6 10.79 -10.22 0.57
C ASP A 6 9.29 -9.97 0.50
N CYS A 7 8.91 -8.74 0.17
CA CYS A 7 7.50 -8.40 0.07
C CYS A 7 6.74 -9.48 -0.68
N PRO A 8 5.72 -10.08 -0.04
CA PRO A 8 4.93 -11.13 -0.67
C PRO A 8 3.85 -10.56 -1.58
N GLU A 9 4.27 -9.66 -2.47
CA GLU A 9 3.35 -9.04 -3.41
C GLU A 9 2.30 -8.21 -2.69
N CYS A 10 1.77 -7.20 -3.37
CA CYS A 10 0.76 -6.33 -2.80
C CYS A 10 -0.63 -6.90 -3.01
N THR A 11 -1.52 -6.64 -2.05
CA THR A 11 -2.89 -7.13 -2.13
C THR A 11 -3.71 -6.59 -0.99
N LEU A 12 -4.91 -7.11 -0.84
CA LEU A 12 -5.79 -6.67 0.22
C LEU A 12 -5.52 -7.42 1.50
N GLN A 13 -5.51 -6.68 2.60
CA GLN A 13 -5.28 -7.28 3.90
C GLN A 13 -6.52 -7.22 4.74
N GLU A 14 -7.55 -7.84 4.22
CA GLU A 14 -8.87 -7.89 4.85
C GLU A 14 -8.89 -7.15 6.17
N ASN A 15 -9.79 -6.21 6.23
CA ASN A 15 -9.97 -5.38 7.40
C ASN A 15 -10.21 -6.21 8.66
N PRO A 16 -9.21 -6.33 9.53
CA PRO A 16 -9.31 -7.09 10.78
C PRO A 16 -10.20 -6.38 11.80
N PHE A 17 -11.04 -5.47 11.32
CA PHE A 17 -11.94 -4.72 12.17
C PHE A 17 -13.36 -4.84 11.66
N PHE A 18 -13.53 -4.47 10.41
CA PHE A 18 -14.83 -4.50 9.74
C PHE A 18 -15.26 -5.92 9.41
N SER A 19 -14.30 -6.84 9.42
CA SER A 19 -14.58 -8.23 9.10
C SER A 19 -15.72 -8.78 9.93
N GLN A 20 -16.85 -9.01 9.28
CA GLN A 20 -18.03 -9.55 9.94
C GLN A 20 -18.47 -10.84 9.27
N PRO A 21 -19.52 -11.49 9.81
CA PRO A 21 -20.05 -12.73 9.27
C PRO A 21 -20.70 -12.54 7.90
N GLY A 22 -19.88 -12.22 6.91
CA GLY A 22 -20.38 -12.01 5.57
C GLY A 22 -19.77 -10.80 4.90
N ALA A 23 -18.95 -10.08 5.63
CA ALA A 23 -18.31 -8.89 5.07
C ALA A 23 -16.96 -8.62 5.72
N PRO A 24 -15.92 -9.01 4.99
CA PRO A 24 -14.54 -8.88 5.39
C PRO A 24 -13.81 -7.76 4.69
N ILE A 25 -14.06 -6.54 5.13
CA ILE A 25 -13.42 -5.38 4.57
C ILE A 25 -11.95 -5.63 4.27
N LEU A 26 -11.26 -4.61 3.78
CA LEU A 26 -9.88 -4.78 3.38
C LEU A 26 -9.03 -3.56 3.53
N GLN A 27 -7.96 -3.58 2.77
CA GLN A 27 -7.00 -2.50 2.75
C GLN A 27 -5.71 -2.95 2.07
N CYS A 28 -5.68 -2.79 0.75
CA CYS A 28 -4.54 -3.19 -0.05
C CYS A 28 -3.23 -2.93 0.68
N MET A 29 -2.60 -4.01 1.16
CA MET A 29 -1.32 -3.88 1.87
C MET A 29 -0.29 -4.84 1.29
N GLY A 30 0.95 -4.37 1.18
CA GLY A 30 2.02 -5.19 0.65
C GLY A 30 3.14 -4.35 0.06
N CYS A 31 3.44 -4.58 -1.22
CA CYS A 31 4.49 -3.83 -1.90
C CYS A 31 4.26 -3.79 -3.41
N CYS A 32 4.41 -2.61 -3.99
CA CYS A 32 4.22 -2.44 -5.43
C CYS A 32 5.47 -2.86 -6.19
N PHE A 33 5.29 -3.20 -7.47
CA PHE A 33 6.40 -3.64 -8.31
C PHE A 33 7.24 -2.45 -8.77
N SER A 34 8.56 -2.55 -8.57
CA SER A 34 9.47 -1.48 -8.97
C SER A 34 10.56 -2.00 -9.88
N ARG A 35 10.79 -3.31 -9.86
CA ARG A 35 11.82 -3.92 -10.69
C ARG A 35 13.21 -3.56 -10.18
N ALA A 36 13.27 -3.23 -8.89
CA ALA A 36 14.54 -2.86 -8.26
C ALA A 36 14.28 -2.16 -6.94
N TYR A 37 15.16 -2.42 -5.96
CA TYR A 37 15.03 -1.82 -4.64
C TYR A 37 16.40 -1.32 -4.14
N PRO A 38 17.37 -2.23 -4.00
CA PRO A 38 18.72 -1.89 -3.54
C PRO A 38 19.39 -0.86 -4.44
N THR A 39 20.23 -0.02 -3.83
CA THR A 39 20.94 1.01 -4.59
C THR A 39 22.20 0.45 -5.24
N PRO A 40 22.77 1.18 -6.21
CA PRO A 40 23.98 0.76 -6.92
C PRO A 40 25.23 0.85 -6.06
N LEU A 41 25.74 2.07 -5.89
CA LEU A 41 26.94 2.30 -5.10
C LEU A 41 27.22 3.80 -4.96
N ARG A 42 27.56 4.23 -3.76
CA ARG A 42 27.83 5.63 -3.48
C ARG A 42 26.54 6.45 -3.48
N SER A 43 26.09 6.80 -2.28
CA SER A 43 24.85 7.57 -2.13
C SER A 43 24.94 8.51 -0.93
N LYS A 44 24.02 9.47 -0.87
CA LYS A 44 23.99 10.43 0.21
C LYS A 44 22.62 10.46 0.87
N LYS A 45 22.52 9.86 2.05
CA LYS A 45 21.25 9.83 2.79
C LYS A 45 21.50 9.88 4.29
N THR A 46 22.44 10.74 4.68
CA THR A 46 22.78 10.89 6.10
C THR A 46 22.14 12.16 6.67
N MET A 47 21.52 12.02 7.83
CA MET A 47 20.86 13.15 8.48
C MET A 47 19.63 13.58 7.71
N LEU A 48 19.26 12.79 6.70
CA LEU A 48 18.09 13.09 5.87
C LEU A 48 17.10 11.93 5.89
N VAL A 49 16.45 11.72 7.04
CA VAL A 49 15.49 10.64 7.17
C VAL A 49 14.34 11.03 8.11
N GLN A 50 13.15 11.22 7.54
CA GLN A 50 11.98 11.58 8.32
C GLN A 50 10.94 10.47 8.25
N LYS A 51 9.68 10.84 8.01
CA LYS A 51 8.60 9.87 7.91
C LYS A 51 8.85 8.89 6.78
N ASN A 52 9.90 8.07 6.93
CA ASN A 52 10.25 7.09 5.91
C ASN A 52 9.73 7.48 4.54
N VAL A 53 10.37 8.46 3.92
CA VAL A 53 9.96 8.94 2.60
C VAL A 53 10.95 8.49 1.53
N THR A 54 10.45 7.78 0.52
CA THR A 54 11.30 7.30 -0.56
C THR A 54 10.50 6.50 -1.57
N SER A 55 9.26 6.93 -1.81
CA SER A 55 8.39 6.26 -2.76
C SER A 55 9.06 6.12 -4.12
N GLU A 56 8.53 5.24 -4.96
CA GLU A 56 9.08 5.03 -6.30
C GLU A 56 8.26 5.75 -7.36
N SER A 57 6.96 5.49 -7.38
CA SER A 57 6.06 6.12 -8.34
C SER A 57 4.71 5.42 -8.38
N THR A 58 4.73 4.09 -8.37
CA THR A 58 3.50 3.31 -8.42
C THR A 58 3.01 2.98 -7.01
N CYS A 59 1.76 2.56 -6.91
CA CYS A 59 1.17 2.20 -5.63
C CYS A 59 -0.18 1.50 -5.81
N CYS A 60 -0.40 0.46 -5.02
CA CYS A 60 -1.65 -0.30 -5.10
C CYS A 60 -2.78 0.44 -4.39
N VAL A 61 -3.73 0.93 -5.16
CA VAL A 61 -4.87 1.65 -4.60
C VAL A 61 -6.18 1.06 -5.08
N ALA A 62 -6.36 -0.23 -4.83
CA ALA A 62 -7.57 -0.95 -5.22
C ALA A 62 -8.10 -0.51 -6.58
N LYS A 63 -8.02 -1.40 -7.55
CA LYS A 63 -8.53 -1.12 -8.88
C LYS A 63 -10.02 -0.81 -8.77
N SER A 64 -10.69 -1.60 -7.94
CA SER A 64 -12.10 -1.43 -7.69
C SER A 64 -12.36 -1.52 -6.20
N TYR A 65 -12.87 -0.44 -5.62
CA TYR A 65 -13.12 -0.39 -4.19
C TYR A 65 -14.59 -0.36 -3.86
N ASN A 66 -14.92 -0.81 -2.64
CA ASN A 66 -16.29 -0.76 -2.17
C ASN A 66 -16.30 -0.03 -0.85
N ARG A 67 -15.28 0.80 -0.75
CA ARG A 67 -15.03 1.63 0.42
C ARG A 67 -16.06 1.43 1.52
N VAL A 68 -15.56 1.10 2.70
CA VAL A 68 -16.40 0.87 3.86
C VAL A 68 -15.88 1.66 5.06
N THR A 69 -15.63 2.94 4.83
CA THR A 69 -15.12 3.83 5.86
C THR A 69 -15.55 3.36 7.24
N VAL A 70 -14.56 3.09 8.08
CA VAL A 70 -14.80 2.63 9.44
C VAL A 70 -14.31 3.63 10.46
N MET A 71 -14.13 3.12 11.67
CA MET A 71 -13.65 3.91 12.80
C MET A 71 -12.95 5.19 12.35
N GLY A 72 -13.13 6.25 13.13
CA GLY A 72 -12.50 7.52 12.82
C GLY A 72 -12.51 7.81 11.34
N GLY A 73 -13.57 7.38 10.65
CA GLY A 73 -13.66 7.60 9.22
C GLY A 73 -12.62 6.82 8.44
N PHE A 74 -12.26 5.66 8.97
CA PHE A 74 -11.28 4.80 8.33
C PHE A 74 -11.60 4.67 6.85
N LYS A 75 -10.77 3.92 6.13
CA LYS A 75 -10.96 3.70 4.71
C LYS A 75 -10.32 2.40 4.26
N VAL A 76 -11.05 1.66 3.44
CA VAL A 76 -10.57 0.38 2.93
C VAL A 76 -11.09 0.16 1.55
N GLU A 77 -11.49 1.26 0.94
CA GLU A 77 -12.04 1.24 -0.41
C GLU A 77 -12.49 -0.18 -0.71
N ASN A 78 -13.13 -0.77 0.28
CA ASN A 78 -13.59 -2.15 0.22
C ASN A 78 -13.03 -2.78 -1.04
N HIS A 79 -11.72 -2.82 -1.10
CA HIS A 79 -11.01 -3.30 -2.26
C HIS A 79 -11.60 -4.54 -2.88
N THR A 80 -12.14 -4.34 -4.05
CA THR A 80 -12.72 -5.42 -4.84
C THR A 80 -11.70 -5.84 -5.89
N ALA A 81 -10.73 -4.95 -6.12
CA ALA A 81 -9.65 -5.17 -7.06
C ALA A 81 -8.47 -4.29 -6.70
N CYS A 82 -7.25 -4.76 -6.94
CA CYS A 82 -6.05 -3.99 -6.63
C CYS A 82 -5.06 -4.01 -7.78
N HIS A 83 -4.47 -2.86 -8.08
CA HIS A 83 -3.51 -2.76 -9.17
C HIS A 83 -2.54 -1.59 -8.96
N CYS A 84 -1.24 -1.89 -9.06
CA CYS A 84 -0.22 -0.86 -8.89
C CYS A 84 -0.42 0.27 -9.88
N SER A 85 -0.37 1.50 -9.38
CA SER A 85 -0.56 2.67 -10.23
C SER A 85 -0.06 3.94 -9.53
N THR A 86 0.26 4.96 -10.32
CA THR A 86 0.75 6.21 -9.76
C THR A 86 -0.15 6.67 -8.63
N CYS A 87 0.45 7.31 -7.62
CA CYS A 87 -0.31 7.79 -6.47
C CYS A 87 -0.98 9.13 -6.78
N TYR A 88 -1.61 9.21 -7.95
CA TYR A 88 -2.30 10.43 -8.36
C TYR A 88 -3.63 10.58 -7.63
N TYR A 89 -3.55 10.98 -6.36
CA TYR A 89 -4.75 11.16 -5.56
C TYR A 89 -4.93 12.62 -5.15
N HIS A 90 -4.40 13.52 -5.97
CA HIS A 90 -4.49 14.95 -5.69
C HIS A 90 -5.51 15.63 -6.61
N LYS A 91 -5.07 16.65 -7.34
CA LYS A 91 -5.96 17.37 -8.25
C LYS A 91 -6.90 16.40 -8.97
N SER A 92 -8.14 16.82 -9.15
CA SER A 92 -9.14 16.01 -9.83
C SER A 92 -8.99 16.11 -11.34
N ALA A 1 8.22 -13.66 13.35
CA ALA A 1 8.93 -14.08 12.11
C ALA A 1 7.95 -14.59 11.07
N PRO A 2 8.37 -14.62 9.80
CA PRO A 2 7.53 -15.08 8.70
C PRO A 2 6.77 -16.36 9.05
N ASP A 3 5.61 -16.20 9.68
CA ASP A 3 4.79 -17.33 10.08
C ASP A 3 3.64 -16.88 10.99
N VAL A 4 3.89 -16.92 12.30
CA VAL A 4 2.88 -16.52 13.27
C VAL A 4 2.91 -15.02 13.51
N GLN A 5 1.71 -14.45 13.71
CA GLN A 5 1.56 -13.02 13.95
C GLN A 5 2.80 -12.24 13.50
N ASP A 6 2.69 -11.61 12.32
CA ASP A 6 3.79 -10.83 11.77
C ASP A 6 3.27 -9.57 11.08
N CYS A 7 4.19 -8.70 10.69
CA CYS A 7 3.82 -7.46 10.03
C CYS A 7 4.32 -7.43 8.59
N PRO A 8 3.50 -7.92 7.65
CA PRO A 8 3.85 -7.96 6.22
C PRO A 8 3.82 -6.58 5.58
N GLU A 9 4.67 -6.38 4.58
CA GLU A 9 4.74 -5.11 3.87
C GLU A 9 3.34 -4.61 3.55
N CYS A 10 3.26 -3.36 3.14
CA CYS A 10 1.99 -2.74 2.80
C CYS A 10 1.38 -3.39 1.56
N THR A 11 0.07 -3.61 1.59
CA THR A 11 -0.62 -4.22 0.47
C THR A 11 -2.13 -4.23 0.72
N LEU A 12 -2.83 -5.07 -0.04
CA LEU A 12 -4.28 -5.19 0.09
C LEU A 12 -4.67 -6.46 0.79
N GLN A 13 -5.57 -6.35 1.75
CA GLN A 13 -6.05 -7.51 2.48
C GLN A 13 -7.17 -8.18 1.73
N GLU A 14 -6.98 -8.23 0.43
CA GLU A 14 -7.98 -8.82 -0.47
C GLU A 14 -9.12 -9.40 0.33
N ASN A 15 -10.25 -8.76 0.18
CA ASN A 15 -11.46 -9.12 0.88
C ASN A 15 -12.11 -10.39 0.37
N PRO A 16 -11.90 -11.51 1.08
CA PRO A 16 -12.52 -12.77 0.75
C PRO A 16 -13.96 -12.77 1.23
N PHE A 17 -14.35 -11.58 1.70
CA PHE A 17 -15.68 -11.33 2.22
C PHE A 17 -16.57 -10.75 1.12
N PHE A 18 -16.09 -9.66 0.55
CA PHE A 18 -16.80 -8.98 -0.52
C PHE A 18 -16.44 -9.59 -1.87
N SER A 19 -15.34 -10.34 -1.89
CA SER A 19 -14.85 -11.01 -3.09
C SER A 19 -15.93 -11.08 -4.17
N GLN A 20 -15.61 -10.50 -5.32
CA GLN A 20 -16.53 -10.49 -6.45
C GLN A 20 -16.13 -11.56 -7.48
N PRO A 21 -16.89 -11.66 -8.58
CA PRO A 21 -16.63 -12.63 -9.65
C PRO A 21 -15.35 -12.30 -10.41
N GLY A 22 -14.22 -12.32 -9.73
CA GLY A 22 -12.95 -12.01 -10.36
C GLY A 22 -12.05 -11.15 -9.50
N ALA A 23 -12.54 -10.78 -8.33
CA ALA A 23 -11.76 -9.95 -7.42
C ALA A 23 -12.21 -10.17 -5.99
N PRO A 24 -11.27 -10.62 -5.16
CA PRO A 24 -11.52 -10.89 -3.76
C PRO A 24 -11.50 -9.64 -2.91
N ILE A 25 -12.03 -8.55 -3.46
CA ILE A 25 -12.10 -7.27 -2.76
C ILE A 25 -10.89 -7.05 -1.86
N LEU A 26 -10.86 -5.92 -1.13
CA LEU A 26 -9.70 -5.58 -0.31
C LEU A 26 -9.95 -4.50 0.69
N GLN A 27 -8.83 -3.94 1.10
CA GLN A 27 -8.79 -2.84 2.06
C GLN A 27 -7.36 -2.57 2.53
N CYS A 28 -6.51 -2.23 1.56
CA CYS A 28 -5.09 -1.95 1.81
C CYS A 28 -4.71 -2.05 3.28
N MET A 29 -3.86 -3.01 3.62
CA MET A 29 -3.42 -3.17 5.01
C MET A 29 -2.04 -3.83 5.06
N GLY A 30 -1.14 -3.20 5.82
CA GLY A 30 0.21 -3.73 5.95
C GLY A 30 1.18 -2.67 6.48
N CYS A 31 2.47 -2.99 6.45
CA CYS A 31 3.48 -2.05 6.94
C CYS A 31 4.62 -1.92 5.93
N CYS A 32 4.55 -0.88 5.10
CA CYS A 32 5.57 -0.63 4.09
C CYS A 32 6.65 0.29 4.64
N PHE A 33 7.88 0.12 4.15
CA PHE A 33 9.00 0.93 4.60
C PHE A 33 9.92 1.28 3.42
N SER A 34 9.71 2.47 2.86
CA SER A 34 10.51 2.93 1.73
C SER A 34 11.64 3.85 2.21
N ARG A 35 11.59 4.22 3.49
CA ARG A 35 12.60 5.10 4.07
C ARG A 35 12.40 6.54 3.63
N ALA A 36 13.08 7.46 4.32
CA ALA A 36 12.98 8.88 4.00
C ALA A 36 14.37 9.51 3.86
N TYR A 37 14.39 10.79 3.50
CA TYR A 37 15.65 11.52 3.34
C TYR A 37 16.85 10.59 3.34
N PRO A 38 17.37 10.25 2.14
CA PRO A 38 18.52 9.36 2.00
C PRO A 38 19.83 10.02 2.40
N THR A 39 20.73 9.23 2.96
CA THR A 39 22.04 9.74 3.39
C THR A 39 22.62 10.68 2.34
N PRO A 40 23.65 11.45 2.69
CA PRO A 40 24.29 12.39 1.78
C PRO A 40 24.48 11.79 0.38
N LEU A 41 24.63 12.66 -0.61
CA LEU A 41 24.81 12.22 -2.00
C LEU A 41 23.46 12.13 -2.71
N ARG A 42 23.39 12.68 -3.92
CA ARG A 42 22.17 12.66 -4.70
C ARG A 42 21.70 11.22 -4.95
N SER A 43 22.44 10.51 -5.80
CA SER A 43 22.13 9.13 -6.14
C SER A 43 21.86 9.01 -7.65
N LYS A 44 22.69 9.66 -8.44
CA LYS A 44 22.55 9.65 -9.89
C LYS A 44 22.34 8.22 -10.40
N LYS A 45 23.43 7.48 -10.59
CA LYS A 45 23.34 6.10 -11.08
C LYS A 45 23.87 5.11 -10.06
N THR A 46 23.04 4.16 -9.68
CA THR A 46 23.42 3.14 -8.71
C THR A 46 22.79 1.79 -9.06
N MET A 47 21.49 1.80 -9.33
CA MET A 47 20.77 0.58 -9.68
C MET A 47 19.27 0.86 -9.84
N LEU A 48 18.76 0.64 -11.04
CA LEU A 48 17.35 0.88 -11.32
C LEU A 48 16.46 0.19 -10.29
N VAL A 49 15.47 0.93 -9.81
CA VAL A 49 14.54 0.41 -8.81
C VAL A 49 13.13 0.29 -9.39
N GLN A 50 13.05 0.28 -10.72
CA GLN A 50 11.77 0.18 -11.40
C GLN A 50 10.96 1.46 -11.22
N LYS A 51 11.52 2.57 -11.67
CA LYS A 51 10.86 3.87 -11.55
C LYS A 51 10.06 3.95 -10.26
N ASN A 52 10.69 4.50 -9.23
CA ASN A 52 10.04 4.64 -7.93
C ASN A 52 9.69 6.10 -7.66
N VAL A 53 8.67 6.31 -6.83
CA VAL A 53 8.24 7.67 -6.49
C VAL A 53 7.76 7.73 -5.04
N THR A 54 8.30 8.69 -4.29
CA THR A 54 7.93 8.87 -2.90
C THR A 54 8.02 10.34 -2.50
N SER A 55 7.57 10.66 -1.29
CA SER A 55 7.59 12.02 -0.79
C SER A 55 7.45 12.05 0.73
N GLU A 56 8.57 11.99 1.42
CA GLU A 56 8.57 12.02 2.88
C GLU A 56 7.79 10.85 3.45
N SER A 57 8.44 10.04 4.28
CA SER A 57 7.81 8.89 4.89
C SER A 57 7.06 8.06 3.85
N THR A 58 6.05 7.33 4.30
CA THR A 58 5.25 6.49 3.41
C THR A 58 3.76 6.72 3.64
N CYS A 59 2.94 5.84 3.08
CA CYS A 59 1.49 5.93 3.22
C CYS A 59 0.78 5.25 2.05
N CYS A 60 -0.07 4.29 2.38
CA CYS A 60 -0.81 3.55 1.36
C CYS A 60 -2.22 4.09 1.18
N VAL A 61 -2.59 4.32 -0.07
CA VAL A 61 -3.92 4.82 -0.41
C VAL A 61 -4.32 4.30 -1.79
N ALA A 62 -4.66 3.02 -1.86
CA ALA A 62 -5.05 2.39 -3.13
C ALA A 62 -4.96 3.34 -4.29
N LYS A 63 -3.90 3.14 -5.05
CA LYS A 63 -3.65 3.91 -6.23
C LYS A 63 -4.89 3.93 -7.05
N SER A 64 -5.45 2.74 -7.18
CA SER A 64 -6.66 2.56 -7.92
C SER A 64 -7.61 1.68 -7.16
N TYR A 65 -8.81 2.20 -6.90
CA TYR A 65 -9.81 1.46 -6.16
C TYR A 65 -10.94 0.99 -7.05
N ASN A 66 -11.55 -0.13 -6.67
CA ASN A 66 -12.68 -0.63 -7.42
C ASN A 66 -13.85 -0.72 -6.47
N ARG A 67 -13.75 0.12 -5.48
CA ARG A 67 -14.75 0.22 -4.41
C ARG A 67 -16.01 -0.54 -4.76
N VAL A 68 -16.09 -1.74 -4.23
CA VAL A 68 -17.25 -2.60 -4.44
C VAL A 68 -18.22 -2.45 -3.30
N THR A 69 -18.42 -1.21 -2.89
CA THR A 69 -19.32 -0.90 -1.78
C THR A 69 -20.18 -2.10 -1.43
N VAL A 70 -20.01 -2.58 -0.21
CA VAL A 70 -20.76 -3.74 0.25
C VAL A 70 -21.45 -3.48 1.57
N MET A 71 -21.97 -4.55 2.16
CA MET A 71 -22.67 -4.47 3.43
C MET A 71 -23.65 -3.30 3.41
N GLY A 72 -23.71 -2.58 4.52
CA GLY A 72 -24.60 -1.44 4.61
C GLY A 72 -24.01 -0.20 3.97
N GLY A 73 -23.17 -0.40 2.94
CA GLY A 73 -22.56 0.72 2.26
C GLY A 73 -21.07 0.79 2.48
N PHE A 74 -20.46 -0.36 2.78
CA PHE A 74 -19.02 -0.42 2.99
C PHE A 74 -18.28 0.05 1.76
N LYS A 75 -16.94 0.06 1.82
CA LYS A 75 -16.14 0.50 0.69
C LYS A 75 -14.70 0.03 0.80
N VAL A 76 -14.33 -0.95 -0.01
CA VAL A 76 -12.98 -1.49 -0.02
C VAL A 76 -12.19 -0.86 -1.11
N GLU A 77 -12.76 0.20 -1.64
CA GLU A 77 -12.14 0.88 -2.75
C GLU A 77 -11.42 -0.18 -3.55
N ASN A 78 -12.06 -1.35 -3.56
CA ASN A 78 -11.52 -2.54 -4.20
C ASN A 78 -10.17 -2.22 -4.80
N HIS A 79 -9.26 -1.86 -3.91
CA HIS A 79 -7.93 -1.47 -4.28
C HIS A 79 -7.38 -2.28 -5.41
N THR A 80 -7.41 -1.66 -6.57
CA THR A 80 -6.86 -2.26 -7.77
C THR A 80 -5.35 -2.10 -7.71
N ALA A 81 -4.92 -1.04 -7.02
CA ALA A 81 -3.52 -0.76 -6.85
C ALA A 81 -3.30 0.03 -5.56
N CYS A 82 -2.18 -0.18 -4.89
CA CYS A 82 -1.90 0.54 -3.64
C CYS A 82 -0.48 1.08 -3.64
N HIS A 83 -0.35 2.37 -3.39
CA HIS A 83 0.95 3.01 -3.37
C HIS A 83 1.29 3.55 -1.98
N CYS A 84 2.28 2.95 -1.33
CA CYS A 84 2.70 3.37 0.01
C CYS A 84 3.73 4.49 -0.07
N SER A 85 3.26 5.72 0.11
CA SER A 85 4.13 6.90 0.06
C SER A 85 3.45 8.05 -0.68
N THR A 86 2.55 8.75 0.00
CA THR A 86 1.83 9.86 -0.60
C THR A 86 1.16 10.73 0.46
N CYS A 87 1.75 10.74 1.66
CA CYS A 87 1.22 11.52 2.77
C CYS A 87 2.34 12.16 3.57
N TYR A 88 1.98 12.99 4.54
CA TYR A 88 2.98 13.66 5.37
C TYR A 88 2.40 14.00 6.74
N TYR A 89 1.80 13.02 7.40
CA TYR A 89 1.23 13.22 8.73
C TYR A 89 2.10 12.57 9.80
N HIS A 90 3.30 12.19 9.41
CA HIS A 90 4.23 11.56 10.34
C HIS A 90 3.57 10.42 11.10
N LYS A 91 2.67 9.72 10.42
CA LYS A 91 1.96 8.60 11.03
C LYS A 91 1.70 7.50 10.01
N SER A 92 0.64 6.72 10.22
CA SER A 92 0.31 5.63 9.31
C SER A 92 -0.80 4.77 9.91
N ALA A 1 8.16 -17.31 -10.16
CA ALA A 1 6.83 -17.80 -9.71
C ALA A 1 5.71 -16.89 -10.19
N PRO A 2 5.06 -17.24 -11.30
CA PRO A 2 3.97 -16.45 -11.88
C PRO A 2 2.79 -16.34 -10.93
N ASP A 3 2.90 -15.43 -9.96
CA ASP A 3 1.84 -15.21 -8.99
C ASP A 3 1.90 -13.80 -8.42
N VAL A 4 0.83 -13.39 -7.75
CA VAL A 4 0.76 -12.05 -7.17
C VAL A 4 -0.55 -11.85 -6.41
N GLN A 5 -0.51 -12.03 -5.10
CA GLN A 5 -1.69 -11.86 -4.26
C GLN A 5 -1.38 -12.18 -2.81
N ASP A 6 -2.32 -11.85 -1.92
CA ASP A 6 -2.16 -12.10 -0.50
C ASP A 6 -1.08 -11.19 0.09
N CYS A 7 -1.51 -10.24 0.91
CA CYS A 7 -0.59 -9.29 1.54
C CYS A 7 -1.36 -8.30 2.42
N PRO A 8 -0.75 -7.88 3.53
CA PRO A 8 -1.38 -6.92 4.46
C PRO A 8 -1.59 -5.56 3.81
N GLU A 9 -2.67 -4.89 4.19
CA GLU A 9 -2.99 -3.58 3.63
C GLU A 9 -1.75 -2.69 3.59
N CYS A 10 -1.44 -2.18 2.40
CA CYS A 10 -0.29 -1.31 2.22
C CYS A 10 -0.26 -0.25 3.31
N THR A 11 0.92 0.31 3.58
CA THR A 11 1.07 1.34 4.61
C THR A 11 2.45 1.94 4.60
N LEU A 12 2.56 3.18 5.04
CA LEU A 12 3.84 3.85 5.11
C LEU A 12 4.67 3.23 6.21
N GLN A 13 5.90 2.92 5.89
CA GLN A 13 6.77 2.33 6.88
C GLN A 13 7.86 3.28 7.27
N GLU A 14 7.39 4.42 7.70
CA GLU A 14 8.23 5.52 8.14
C GLU A 14 9.69 5.16 8.04
N ASN A 15 10.40 5.93 7.27
CA ASN A 15 11.81 5.72 7.03
C ASN A 15 12.68 6.08 8.22
N PRO A 16 13.20 5.05 8.91
CA PRO A 16 14.11 5.24 10.02
C PRO A 16 15.50 5.45 9.46
N PHE A 17 15.52 5.68 8.15
CA PHE A 17 16.74 5.90 7.39
C PHE A 17 16.85 7.37 6.97
N PHE A 18 15.87 7.80 6.19
CA PHE A 18 15.83 9.15 5.67
C PHE A 18 15.38 10.16 6.72
N SER A 19 14.89 9.67 7.86
CA SER A 19 14.43 10.54 8.93
C SER A 19 14.98 11.94 8.78
N GLN A 20 14.08 12.89 8.86
CA GLN A 20 14.42 14.30 8.74
C GLN A 20 14.03 15.06 10.00
N PRO A 21 14.71 16.19 10.26
CA PRO A 21 14.43 17.03 11.44
C PRO A 21 12.96 17.36 11.58
N GLY A 22 12.16 16.39 11.98
CA GLY A 22 10.73 16.60 12.15
C GLY A 22 9.90 15.55 11.44
N ALA A 23 10.58 14.60 10.80
CA ALA A 23 9.89 13.53 10.09
C ALA A 23 10.78 12.31 9.90
N PRO A 24 10.23 11.14 10.21
CA PRO A 24 10.93 9.87 10.10
C PRO A 24 10.77 9.23 8.74
N ILE A 25 10.65 10.08 7.72
CA ILE A 25 10.49 9.64 6.34
C ILE A 25 9.66 8.38 6.22
N LEU A 26 9.37 7.96 4.98
CA LEU A 26 8.51 6.81 4.77
C LEU A 26 8.66 6.17 3.42
N GLN A 27 7.62 5.43 3.10
CA GLN A 27 7.53 4.73 1.84
C GLN A 27 6.42 3.67 1.88
N CYS A 28 5.20 4.12 1.61
CA CYS A 28 4.04 3.24 1.63
C CYS A 28 4.43 1.83 1.20
N MET A 29 4.67 0.96 2.16
CA MET A 29 5.05 -0.43 1.87
C MET A 29 3.86 -1.37 2.01
N GLY A 30 3.80 -2.35 1.11
CA GLY A 30 2.70 -3.31 1.16
C GLY A 30 1.94 -3.37 -0.15
N CYS A 31 0.63 -3.56 -0.05
CA CYS A 31 -0.22 -3.64 -1.23
C CYS A 31 -1.70 -3.56 -0.84
N CYS A 32 -2.53 -3.14 -1.79
CA CYS A 32 -3.96 -3.01 -1.55
C CYS A 32 -4.73 -4.16 -2.19
N PHE A 33 -5.78 -4.61 -1.51
CA PHE A 33 -6.60 -5.71 -2.01
C PHE A 33 -7.82 -5.19 -2.76
N SER A 34 -8.28 -5.96 -3.74
CA SER A 34 -9.45 -5.57 -4.52
C SER A 34 -10.63 -5.23 -3.61
N ARG A 35 -11.14 -6.25 -2.92
CA ARG A 35 -12.25 -6.06 -2.01
C ARG A 35 -11.78 -5.48 -0.68
N ALA A 36 -12.47 -5.82 0.40
CA ALA A 36 -12.10 -5.33 1.73
C ALA A 36 -12.32 -6.40 2.80
N TYR A 37 -11.42 -6.46 3.76
CA TYR A 37 -11.51 -7.43 4.84
C TYR A 37 -12.94 -7.47 5.41
N PRO A 38 -13.72 -8.49 5.02
CA PRO A 38 -15.10 -8.64 5.48
C PRO A 38 -15.18 -8.99 6.97
N THR A 39 -16.34 -9.48 7.39
CA THR A 39 -16.55 -9.87 8.79
C THR A 39 -15.89 -8.88 9.74
N PRO A 40 -16.68 -7.97 10.32
CA PRO A 40 -16.18 -6.97 11.26
C PRO A 40 -16.15 -7.48 12.70
N LEU A 41 -16.75 -8.65 12.91
CA LEU A 41 -16.80 -9.27 14.23
C LEU A 41 -17.45 -10.65 14.17
N ARG A 42 -17.93 -11.15 15.30
CA ARG A 42 -18.56 -12.45 15.37
C ARG A 42 -19.56 -12.64 14.21
N SER A 43 -20.21 -13.80 14.19
CA SER A 43 -21.18 -14.11 13.14
C SER A 43 -20.70 -13.59 11.78
N LYS A 44 -19.82 -14.36 11.15
CA LYS A 44 -19.29 -13.99 9.84
C LYS A 44 -20.04 -14.71 8.72
N LYS A 45 -21.33 -14.41 8.61
CA LYS A 45 -22.16 -15.03 7.58
C LYS A 45 -23.07 -14.00 6.92
N THR A 46 -22.48 -12.85 6.55
CA THR A 46 -23.24 -11.78 5.90
C THR A 46 -22.42 -11.14 4.79
N MET A 47 -23.12 -10.65 3.76
CA MET A 47 -22.45 -10.01 2.63
C MET A 47 -23.19 -8.76 2.19
N LEU A 48 -23.24 -7.76 3.08
CA LEU A 48 -23.90 -6.50 2.77
C LEU A 48 -22.93 -5.53 2.10
N VAL A 49 -22.02 -6.07 1.30
CA VAL A 49 -21.02 -5.26 0.61
C VAL A 49 -20.19 -6.11 -0.35
N GLN A 50 -20.00 -5.61 -1.56
CA GLN A 50 -19.24 -6.32 -2.57
C GLN A 50 -18.70 -5.36 -3.63
N LYS A 51 -18.16 -5.92 -4.71
CA LYS A 51 -17.61 -5.11 -5.80
C LYS A 51 -17.23 -6.01 -6.98
N ASN A 52 -18.23 -6.46 -7.73
CA ASN A 52 -17.99 -7.32 -8.88
C ASN A 52 -17.03 -8.45 -8.52
N VAL A 53 -16.59 -9.19 -9.54
CA VAL A 53 -15.66 -10.30 -9.32
C VAL A 53 -14.48 -10.21 -10.27
N THR A 54 -14.43 -9.13 -11.03
CA THR A 54 -13.35 -8.91 -11.99
C THR A 54 -12.84 -7.48 -11.92
N SER A 55 -12.14 -7.17 -10.83
CA SER A 55 -11.58 -5.83 -10.64
C SER A 55 -10.14 -5.77 -11.17
N GLU A 56 -9.60 -4.56 -11.24
CA GLU A 56 -8.24 -4.37 -11.72
C GLU A 56 -7.24 -4.31 -10.56
N SER A 57 -5.98 -4.10 -10.89
CA SER A 57 -4.94 -4.02 -9.87
C SER A 57 -4.89 -2.63 -9.24
N THR A 58 -4.84 -2.58 -7.92
CA THR A 58 -4.79 -1.31 -7.21
C THR A 58 -3.37 -0.98 -6.78
N CYS A 59 -3.22 0.12 -6.04
CA CYS A 59 -1.92 0.55 -5.56
C CYS A 59 -2.03 1.89 -4.84
N CYS A 60 -1.21 2.05 -3.80
CA CYS A 60 -1.22 3.28 -3.01
C CYS A 60 -0.14 4.24 -3.49
N VAL A 61 -0.53 5.49 -3.73
CA VAL A 61 0.39 6.52 -4.19
C VAL A 61 0.34 7.71 -3.25
N ALA A 62 0.92 7.56 -2.05
CA ALA A 62 0.94 8.62 -1.05
C ALA A 62 -0.07 9.72 -1.37
N LYS A 63 -1.15 9.76 -0.60
CA LYS A 63 -2.19 10.76 -0.79
C LYS A 63 -1.56 12.13 -0.75
N SER A 64 -0.59 12.28 0.13
CA SER A 64 0.13 13.53 0.26
C SER A 64 1.57 13.26 0.63
N TYR A 65 2.47 13.47 -0.31
CA TYR A 65 3.89 13.24 -0.09
C TYR A 65 4.58 14.48 0.42
N ASN A 66 5.72 14.28 1.07
CA ASN A 66 6.50 15.41 1.54
C ASN A 66 7.92 15.24 1.07
N ARG A 67 8.01 14.36 0.11
CA ARG A 67 9.26 13.97 -0.55
C ARG A 67 10.49 14.60 0.08
N VAL A 68 11.39 13.72 0.48
CA VAL A 68 12.66 14.10 1.09
C VAL A 68 13.80 13.36 0.42
N THR A 69 13.85 13.43 -0.91
CA THR A 69 14.88 12.75 -1.68
C THR A 69 16.15 12.62 -0.85
N VAL A 70 16.53 11.38 -0.60
CA VAL A 70 17.70 11.09 0.20
C VAL A 70 18.75 10.35 -0.59
N MET A 71 19.66 9.75 0.15
CA MET A 71 20.77 9.00 -0.41
C MET A 71 20.52 8.57 -1.85
N GLY A 72 21.58 8.61 -2.65
CA GLY A 72 21.48 8.22 -4.04
C GLY A 72 20.19 8.69 -4.67
N GLY A 73 19.64 9.78 -4.16
CA GLY A 73 18.39 10.31 -4.70
C GLY A 73 17.19 9.45 -4.33
N PHE A 74 17.15 9.01 -3.08
CA PHE A 74 16.06 8.18 -2.60
C PHE A 74 14.83 9.02 -2.29
N LYS A 75 13.71 8.69 -2.92
CA LYS A 75 12.47 9.42 -2.71
C LYS A 75 11.48 8.60 -1.90
N VAL A 76 10.91 9.25 -0.90
CA VAL A 76 9.92 8.63 -0.02
C VAL A 76 8.71 9.47 0.07
N GLU A 77 8.66 10.44 -0.81
CA GLU A 77 7.54 11.36 -0.83
C GLU A 77 7.01 11.43 0.59
N ASN A 78 7.96 11.48 1.54
CA ASN A 78 7.66 11.41 2.97
C ASN A 78 6.17 11.31 3.12
N HIS A 79 5.66 10.27 2.49
CA HIS A 79 4.26 10.02 2.43
C HIS A 79 3.53 10.57 3.62
N THR A 80 3.06 11.76 3.44
CA THR A 80 2.31 12.45 4.46
C THR A 80 0.92 11.83 4.53
N ALA A 81 0.60 11.07 3.49
CA ALA A 81 -0.67 10.36 3.39
C ALA A 81 -0.61 9.32 2.27
N CYS A 82 -1.32 8.21 2.44
CA CYS A 82 -1.34 7.14 1.43
C CYS A 82 -2.77 6.74 1.10
N HIS A 83 -2.97 6.22 -0.11
CA HIS A 83 -4.29 5.78 -0.53
C HIS A 83 -4.20 4.87 -1.77
N CYS A 84 -4.68 3.64 -1.62
CA CYS A 84 -4.66 2.67 -2.71
C CYS A 84 -5.83 2.90 -3.65
N SER A 85 -5.63 2.60 -4.94
CA SER A 85 -6.67 2.75 -5.96
C SER A 85 -6.13 3.47 -7.19
N THR A 86 -4.88 3.17 -7.56
CA THR A 86 -4.26 3.79 -8.72
C THR A 86 -2.87 3.22 -8.98
N CYS A 87 -2.28 3.61 -10.09
CA CYS A 87 -0.95 3.15 -10.45
C CYS A 87 -0.93 1.63 -10.65
N TYR A 88 0.00 1.16 -11.49
CA TYR A 88 0.12 -0.26 -11.77
C TYR A 88 1.59 -0.69 -11.73
N TYR A 89 1.82 -1.99 -11.93
CA TYR A 89 3.18 -2.53 -11.91
C TYR A 89 3.38 -3.53 -13.04
N HIS A 90 4.34 -3.24 -13.91
CA HIS A 90 4.64 -4.11 -15.04
C HIS A 90 4.90 -5.54 -14.58
N LYS A 91 5.42 -6.37 -15.48
CA LYS A 91 5.71 -7.77 -15.17
C LYS A 91 4.46 -8.63 -15.30
N SER A 92 4.37 -9.34 -16.42
CA SER A 92 3.22 -10.22 -16.67
C SER A 92 1.91 -9.45 -16.50
N ALA A 1 -7.58 -17.17 -13.45
CA ALA A 1 -6.41 -17.10 -14.35
C ALA A 1 -5.42 -16.05 -13.86
N PRO A 2 -5.90 -14.85 -13.56
CA PRO A 2 -5.06 -13.74 -13.07
C PRO A 2 -4.44 -14.05 -11.72
N ASP A 3 -3.67 -15.14 -11.67
CA ASP A 3 -3.00 -15.55 -10.44
C ASP A 3 -1.68 -16.25 -10.73
N VAL A 4 -1.07 -15.89 -11.85
CA VAL A 4 0.20 -16.47 -12.25
C VAL A 4 1.14 -15.42 -12.81
N GLN A 5 1.75 -14.64 -11.92
CA GLN A 5 2.67 -13.58 -12.33
C GLN A 5 3.41 -13.02 -11.12
N ASP A 6 4.43 -13.73 -10.66
CA ASP A 6 5.21 -13.30 -9.51
C ASP A 6 5.24 -11.78 -9.41
N CYS A 7 5.23 -11.27 -8.18
CA CYS A 7 5.26 -9.83 -7.95
C CYS A 7 4.10 -9.14 -8.67
N PRO A 8 2.89 -9.72 -8.57
CA PRO A 8 1.68 -9.17 -9.21
C PRO A 8 1.24 -7.85 -8.57
N GLU A 9 2.18 -6.93 -8.41
CA GLU A 9 1.87 -5.63 -7.81
C GLU A 9 1.34 -5.80 -6.40
N CYS A 10 1.54 -4.77 -5.57
CA CYS A 10 1.05 -4.83 -4.20
C CYS A 10 -0.30 -5.50 -4.18
N THR A 11 -0.42 -6.61 -3.46
CA THR A 11 -1.67 -7.34 -3.42
C THR A 11 -2.26 -7.37 -2.02
N LEU A 12 -3.57 -7.46 -1.97
CA LEU A 12 -4.27 -7.52 -0.69
C LEU A 12 -3.84 -8.73 0.10
N GLN A 13 -3.37 -8.47 1.32
CA GLN A 13 -2.92 -9.55 2.17
C GLN A 13 -3.78 -9.67 3.40
N GLU A 14 -5.05 -9.81 3.11
CA GLU A 14 -6.10 -9.93 4.11
C GLU A 14 -5.59 -9.67 5.52
N ASN A 15 -6.31 -8.81 6.19
CA ASN A 15 -5.97 -8.44 7.55
C ASN A 15 -6.28 -9.53 8.55
N PRO A 16 -5.25 -10.21 9.06
CA PRO A 16 -5.41 -11.25 10.07
C PRO A 16 -5.59 -10.61 11.42
N PHE A 17 -5.66 -9.29 11.39
CA PHE A 17 -5.83 -8.47 12.58
C PHE A 17 -7.31 -8.15 12.79
N PHE A 18 -7.90 -7.55 11.77
CA PHE A 18 -9.31 -7.17 11.82
C PHE A 18 -10.21 -8.36 11.48
N SER A 19 -9.70 -9.27 10.66
CA SER A 19 -10.46 -10.45 10.26
C SER A 19 -11.48 -10.83 11.32
N GLN A 20 -12.72 -10.92 10.89
CA GLN A 20 -13.81 -11.27 11.78
C GLN A 20 -14.76 -12.27 11.12
N PRO A 21 -15.62 -12.91 11.91
CA PRO A 21 -16.58 -13.90 11.40
C PRO A 21 -17.40 -13.36 10.25
N GLY A 22 -16.80 -13.31 9.07
CA GLY A 22 -17.50 -12.81 7.89
C GLY A 22 -16.89 -11.54 7.34
N ALA A 23 -15.61 -11.31 7.64
CA ALA A 23 -14.93 -10.13 7.14
C ALA A 23 -13.43 -10.22 7.33
N PRO A 24 -12.74 -10.43 6.21
CA PRO A 24 -11.31 -10.58 6.15
C PRO A 24 -10.62 -9.33 5.63
N ILE A 25 -10.51 -8.35 6.52
CA ILE A 25 -9.88 -7.09 6.20
C ILE A 25 -8.62 -7.25 5.36
N LEU A 26 -7.98 -6.14 5.00
CA LEU A 26 -6.81 -6.20 4.15
C LEU A 26 -5.85 -5.06 4.29
N GLN A 27 -4.95 -5.07 3.34
CA GLN A 27 -3.91 -4.06 3.21
C GLN A 27 -2.96 -4.43 2.07
N CYS A 28 -3.39 -4.11 0.86
CA CYS A 28 -2.61 -4.42 -0.34
C CYS A 28 -1.12 -4.42 -0.03
N MET A 29 -0.51 -5.59 -0.03
CA MET A 29 0.91 -5.72 0.22
C MET A 29 1.54 -6.76 -0.69
N GLY A 30 2.22 -6.29 -1.73
CA GLY A 30 2.85 -7.20 -2.67
C GLY A 30 4.07 -6.60 -3.36
N CYS A 31 4.01 -6.50 -4.68
CA CYS A 31 5.12 -5.96 -5.47
C CYS A 31 4.70 -4.72 -6.23
N CYS A 32 5.54 -4.36 -7.21
CA CYS A 32 5.32 -3.18 -8.05
C CYS A 32 6.26 -2.06 -7.62
N PHE A 33 7.20 -2.40 -6.74
CA PHE A 33 8.17 -1.44 -6.23
C PHE A 33 9.18 -2.15 -5.33
N SER A 34 10.31 -1.50 -5.09
CA SER A 34 11.36 -2.08 -4.24
C SER A 34 10.91 -2.14 -2.78
N ARG A 35 10.99 -1.01 -2.09
CA ARG A 35 10.60 -0.92 -0.68
C ARG A 35 11.78 -1.20 0.23
N ALA A 36 11.99 -0.30 1.19
CA ALA A 36 13.09 -0.44 2.14
C ALA A 36 12.94 0.53 3.30
N TYR A 37 12.85 -0.03 4.51
CA TYR A 37 12.71 0.79 5.71
C TYR A 37 11.67 1.89 5.51
N PRO A 38 10.54 1.77 6.22
CA PRO A 38 9.44 2.75 6.14
C PRO A 38 9.87 4.14 6.60
N THR A 39 11.13 4.23 6.98
CA THR A 39 11.70 5.49 7.46
C THR A 39 10.81 6.11 8.53
N PRO A 40 11.27 6.07 9.80
CA PRO A 40 10.52 6.62 10.93
C PRO A 40 10.21 8.10 10.75
N LEU A 41 8.94 8.40 10.48
CA LEU A 41 8.50 9.78 10.29
C LEU A 41 7.23 9.83 9.46
N ARG A 42 6.81 11.04 9.10
CA ARG A 42 5.61 11.23 8.29
C ARG A 42 5.90 12.06 7.05
N SER A 43 7.16 12.43 6.88
CA SER A 43 7.57 13.23 5.73
C SER A 43 9.06 13.58 5.83
N LYS A 44 9.88 12.87 5.06
CA LYS A 44 11.32 13.09 5.06
C LYS A 44 11.71 14.10 3.98
N LYS A 45 11.96 15.34 4.39
CA LYS A 45 12.34 16.41 3.46
C LYS A 45 13.49 15.95 2.58
N THR A 46 14.55 15.44 3.20
CA THR A 46 15.72 14.97 2.47
C THR A 46 15.32 14.21 1.21
N MET A 47 14.95 12.95 1.37
CA MET A 47 14.54 12.11 0.24
C MET A 47 15.29 12.51 -1.02
N LEU A 48 16.54 12.93 -0.87
CA LEU A 48 17.36 13.34 -2.00
C LEU A 48 18.15 12.16 -2.55
N VAL A 49 17.44 11.24 -3.19
CA VAL A 49 18.07 10.06 -3.78
C VAL A 49 17.32 9.60 -5.02
N GLN A 50 18.05 9.01 -5.96
CA GLN A 50 17.46 8.53 -7.20
C GLN A 50 17.19 7.03 -7.11
N LYS A 51 17.24 6.50 -5.88
CA LYS A 51 17.02 5.08 -5.66
C LYS A 51 17.95 4.25 -6.55
N ASN A 52 19.10 4.81 -6.87
CA ASN A 52 20.08 4.13 -7.71
C ASN A 52 19.43 3.63 -8.99
N VAL A 53 18.29 4.21 -9.33
CA VAL A 53 17.56 3.83 -10.54
C VAL A 53 16.43 4.81 -10.84
N THR A 54 16.19 5.05 -12.12
CA THR A 54 15.14 5.97 -12.55
C THR A 54 14.04 5.21 -13.29
N SER A 55 13.87 3.94 -12.98
CA SER A 55 12.86 3.11 -13.62
C SER A 55 11.52 3.26 -12.91
N GLU A 56 10.74 4.25 -13.32
CA GLU A 56 9.44 4.50 -12.73
C GLU A 56 9.46 4.26 -11.22
N SER A 57 8.30 3.96 -10.66
CA SER A 57 8.18 3.70 -9.23
C SER A 57 6.81 3.14 -8.90
N THR A 58 5.79 3.66 -9.56
CA THR A 58 4.42 3.21 -9.36
C THR A 58 3.97 3.39 -7.91
N CYS A 59 2.68 3.18 -7.67
CA CYS A 59 2.12 3.33 -6.32
C CYS A 59 0.63 2.98 -6.34
N CYS A 60 0.24 2.02 -5.50
CA CYS A 60 -1.14 1.60 -5.42
C CYS A 60 -1.89 2.29 -4.28
N VAL A 61 -3.14 1.88 -4.09
CA VAL A 61 -3.98 2.44 -3.04
C VAL A 61 -5.41 1.92 -3.19
N ALA A 62 -5.54 0.59 -3.21
CA ALA A 62 -6.85 -0.04 -3.35
C ALA A 62 -7.72 0.71 -4.35
N LYS A 63 -7.93 0.11 -5.52
CA LYS A 63 -8.75 0.70 -6.55
C LYS A 63 -10.13 0.99 -5.98
N SER A 64 -10.62 0.02 -5.22
CA SER A 64 -11.91 0.14 -4.58
C SER A 64 -11.87 -0.53 -3.22
N TYR A 65 -11.88 0.28 -2.18
CA TYR A 65 -11.83 -0.22 -0.81
C TYR A 65 -13.19 -0.30 -0.19
N ASN A 66 -13.24 -0.93 0.97
CA ASN A 66 -14.48 -1.02 1.71
C ASN A 66 -14.20 -0.75 3.17
N ARG A 67 -13.09 -0.07 3.33
CA ARG A 67 -12.54 0.34 4.62
C ARG A 67 -13.43 -0.06 5.80
N VAL A 68 -12.82 -0.78 6.72
CA VAL A 68 -13.48 -1.25 7.92
C VAL A 68 -12.86 -0.63 9.15
N THR A 69 -12.56 0.65 9.03
CA THR A 69 -11.94 1.40 10.11
C THR A 69 -11.97 0.63 11.42
N VAL A 70 -10.79 0.34 11.94
CA VAL A 70 -10.65 -0.40 13.18
C VAL A 70 -9.67 0.28 14.13
N MET A 71 -9.38 -0.41 15.21
CA MET A 71 -8.46 0.11 16.21
C MET A 71 -8.81 1.53 16.60
N GLY A 72 -7.80 2.39 16.64
CA GLY A 72 -8.03 3.76 16.99
C GLY A 72 -8.44 4.61 15.80
N GLY A 73 -9.07 3.98 14.82
CA GLY A 73 -9.51 4.69 13.64
C GLY A 73 -8.78 4.26 12.39
N PHE A 74 -8.20 3.06 12.43
CA PHE A 74 -7.46 2.54 11.29
C PHE A 74 -8.32 2.52 10.03
N LYS A 75 -7.77 1.99 8.95
CA LYS A 75 -8.49 1.92 7.69
C LYS A 75 -7.81 0.96 6.70
N VAL A 76 -8.39 -0.23 6.55
CA VAL A 76 -7.86 -1.22 5.63
C VAL A 76 -8.54 -1.12 4.31
N GLU A 77 -9.32 -0.08 4.20
CA GLU A 77 -10.07 0.14 2.99
C GLU A 77 -10.37 -1.25 2.43
N ASN A 78 -10.75 -2.14 3.37
CA ASN A 78 -10.97 -3.57 3.07
C ASN A 78 -10.88 -3.74 1.60
N HIS A 79 -9.70 -3.43 1.13
CA HIS A 79 -9.40 -3.44 -0.27
C HIS A 79 -10.26 -4.40 -1.03
N THR A 80 -11.07 -3.82 -1.88
CA THR A 80 -11.97 -4.58 -2.73
C THR A 80 -11.37 -4.62 -4.12
N ALA A 81 -10.40 -3.73 -4.35
CA ALA A 81 -9.69 -3.65 -5.61
C ALA A 81 -8.39 -2.88 -5.41
N CYS A 82 -7.33 -3.27 -6.11
CA CYS A 82 -6.04 -2.60 -5.98
C CYS A 82 -5.53 -2.13 -7.34
N HIS A 83 -4.54 -1.23 -7.32
CA HIS A 83 -3.96 -0.71 -8.55
C HIS A 83 -2.80 0.23 -8.26
N CYS A 84 -1.60 -0.21 -8.63
CA CYS A 84 -0.39 0.59 -8.44
C CYS A 84 -0.05 1.36 -9.71
N SER A 85 0.08 2.68 -9.57
CA SER A 85 0.37 3.54 -10.71
C SER A 85 1.35 4.65 -10.34
N THR A 86 1.68 5.50 -11.31
CA THR A 86 2.61 6.60 -11.11
C THR A 86 2.04 7.61 -10.11
N CYS A 87 2.87 8.56 -9.71
CA CYS A 87 2.46 9.59 -8.76
C CYS A 87 3.61 10.54 -8.44
N TYR A 88 3.58 11.71 -9.06
CA TYR A 88 4.63 12.71 -8.85
C TYR A 88 4.91 12.90 -7.37
N TYR A 89 6.09 12.47 -6.94
CA TYR A 89 6.50 12.60 -5.54
C TYR A 89 6.96 14.03 -5.25
N HIS A 90 6.02 14.96 -5.21
CA HIS A 90 6.33 16.36 -4.95
C HIS A 90 6.20 16.70 -3.47
N LYS A 91 5.58 15.80 -2.71
CA LYS A 91 5.40 16.00 -1.27
C LYS A 91 5.95 14.83 -0.47
N SER A 92 7.01 14.22 -0.99
CA SER A 92 7.64 13.07 -0.34
C SER A 92 8.12 13.46 1.06
N ALA A 1 7.79 -24.45 6.35
CA ALA A 1 6.74 -23.89 7.24
C ALA A 1 5.90 -22.85 6.49
N PRO A 2 4.72 -22.50 7.05
CA PRO A 2 3.82 -21.53 6.45
C PRO A 2 4.17 -20.09 6.82
N ASP A 3 4.98 -19.94 7.87
CA ASP A 3 5.39 -18.61 8.33
C ASP A 3 5.57 -17.66 7.15
N VAL A 4 5.01 -16.45 7.29
CA VAL A 4 5.11 -15.44 6.25
C VAL A 4 5.12 -14.04 6.84
N GLN A 5 6.02 -13.20 6.34
CA GLN A 5 6.13 -11.83 6.82
C GLN A 5 7.31 -11.11 6.16
N ASP A 6 7.17 -10.81 4.87
CA ASP A 6 8.23 -10.12 4.14
C ASP A 6 7.66 -9.48 2.87
N CYS A 7 6.96 -8.36 3.04
CA CYS A 7 6.36 -7.65 1.92
C CYS A 7 5.85 -8.64 0.87
N PRO A 8 4.70 -9.28 1.13
CA PRO A 8 4.11 -10.26 0.22
C PRO A 8 3.70 -9.64 -1.11
N GLU A 9 4.64 -8.96 -1.76
CA GLU A 9 4.37 -8.32 -3.05
C GLU A 9 3.14 -7.42 -2.96
N CYS A 10 3.31 -6.16 -3.35
CA CYS A 10 2.22 -5.19 -3.33
C CYS A 10 0.89 -5.85 -3.64
N THR A 11 -0.08 -5.66 -2.74
CA THR A 11 -1.42 -6.22 -2.90
C THR A 11 -2.28 -5.86 -1.72
N LEU A 12 -3.36 -6.62 -1.51
CA LEU A 12 -4.26 -6.36 -0.39
C LEU A 12 -4.13 -7.42 0.66
N GLN A 13 -4.15 -7.01 1.92
CA GLN A 13 -4.07 -7.96 3.01
C GLN A 13 -5.42 -8.18 3.63
N GLU A 14 -6.33 -8.44 2.74
CA GLU A 14 -7.74 -8.67 3.09
C GLU A 14 -7.92 -8.66 4.60
N ASN A 15 -8.74 -7.74 5.03
CA ASN A 15 -9.02 -7.54 6.43
C ASN A 15 -9.83 -8.68 7.03
N PRO A 16 -9.18 -9.53 7.84
CA PRO A 16 -9.85 -10.62 8.52
C PRO A 16 -10.52 -10.09 9.77
N PHE A 17 -10.52 -8.76 9.85
CA PHE A 17 -11.10 -8.02 10.95
C PHE A 17 -12.46 -7.45 10.57
N PHE A 18 -12.41 -6.57 9.58
CA PHE A 18 -13.61 -5.89 9.08
C PHE A 18 -14.41 -6.81 8.15
N SER A 19 -13.93 -8.03 7.97
CA SER A 19 -14.58 -9.00 7.11
C SER A 19 -16.09 -8.91 7.23
N GLN A 20 -16.74 -8.64 6.10
CA GLN A 20 -18.19 -8.53 6.04
C GLN A 20 -18.78 -9.76 5.36
N PRO A 21 -20.11 -9.90 5.38
CA PRO A 21 -20.79 -11.04 4.77
C PRO A 21 -20.55 -11.11 3.26
N GLY A 22 -19.31 -11.38 2.88
CA GLY A 22 -18.96 -11.48 1.48
C GLY A 22 -17.77 -10.61 1.11
N ALA A 23 -17.04 -10.14 2.11
CA ALA A 23 -15.88 -9.30 1.89
C ALA A 23 -15.04 -9.17 3.14
N PRO A 24 -13.86 -9.78 3.10
CA PRO A 24 -12.92 -9.78 4.20
C PRO A 24 -12.06 -8.52 4.24
N ILE A 25 -12.67 -7.39 3.86
CA ILE A 25 -12.00 -6.11 3.85
C ILE A 25 -10.52 -6.24 3.52
N LEU A 26 -9.80 -5.13 3.52
CA LEU A 26 -8.40 -5.15 3.15
C LEU A 26 -7.61 -3.98 3.67
N GLN A 27 -6.47 -3.80 3.02
CA GLN A 27 -5.56 -2.72 3.33
C GLN A 27 -4.24 -2.90 2.59
N CYS A 28 -4.31 -2.72 1.27
CA CYS A 28 -3.16 -2.87 0.38
C CYS A 28 -1.87 -3.04 1.17
N MET A 29 -1.29 -4.24 1.12
CA MET A 29 -0.05 -4.51 1.82
C MET A 29 0.98 -5.12 0.87
N GLY A 30 2.21 -4.62 0.93
CA GLY A 30 3.26 -5.12 0.06
C GLY A 30 3.98 -4.00 -0.68
N CYS A 31 4.95 -4.37 -1.51
CA CYS A 31 5.70 -3.38 -2.27
C CYS A 31 5.81 -3.78 -3.73
N CYS A 32 6.40 -2.90 -4.53
CA CYS A 32 6.58 -3.14 -5.96
C CYS A 32 8.04 -2.96 -6.37
N PHE A 33 8.52 -3.85 -7.23
CA PHE A 33 9.90 -3.79 -7.68
C PHE A 33 9.97 -3.47 -9.18
N SER A 34 10.03 -4.52 -10.00
CA SER A 34 10.11 -4.37 -11.46
C SER A 34 10.52 -2.96 -11.85
N ARG A 35 11.67 -2.52 -11.34
CA ARG A 35 12.18 -1.19 -11.65
C ARG A 35 13.70 -1.15 -11.57
N ALA A 36 14.31 -0.33 -12.42
CA ALA A 36 15.76 -0.19 -12.44
C ALA A 36 16.42 -1.47 -12.95
N TYR A 37 17.73 -1.40 -13.17
CA TYR A 37 18.49 -2.54 -13.66
C TYR A 37 18.96 -3.40 -12.49
N PRO A 38 19.22 -4.70 -12.73
CA PRO A 38 19.67 -5.62 -11.70
C PRO A 38 20.94 -5.11 -11.01
N THR A 39 20.79 -4.76 -9.74
CA THR A 39 21.91 -4.24 -8.96
C THR A 39 21.42 -3.60 -7.66
N PRO A 40 21.99 -4.00 -6.52
CA PRO A 40 21.63 -3.46 -5.21
C PRO A 40 21.52 -1.94 -5.22
N LEU A 41 20.81 -1.39 -4.23
CA LEU A 41 20.63 0.06 -4.13
C LEU A 41 21.35 0.61 -2.90
N ARG A 42 20.98 1.83 -2.51
CA ARG A 42 21.58 2.48 -1.35
C ARG A 42 20.74 3.66 -0.88
N SER A 43 19.43 3.46 -0.84
CA SER A 43 18.52 4.52 -0.41
C SER A 43 17.33 3.95 0.37
N LYS A 44 17.25 4.31 1.65
CA LYS A 44 16.17 3.83 2.51
C LYS A 44 15.49 4.99 3.23
N LYS A 45 16.00 6.20 3.00
CA LYS A 45 15.44 7.40 3.63
C LYS A 45 15.40 7.25 5.14
N THR A 46 15.37 8.38 5.84
CA THR A 46 15.33 8.38 7.30
C THR A 46 14.51 9.57 7.79
N MET A 47 14.96 10.18 8.90
CA MET A 47 14.24 11.33 9.47
C MET A 47 15.08 12.60 9.35
N LEU A 48 16.01 12.62 8.40
CA LEU A 48 16.86 13.79 8.19
C LEU A 48 16.03 14.97 7.71
N VAL A 49 16.64 16.15 7.66
CA VAL A 49 15.92 17.35 7.21
C VAL A 49 15.07 17.05 5.99
N GLN A 50 13.76 17.08 6.19
CA GLN A 50 12.82 16.80 5.11
C GLN A 50 11.53 17.59 5.30
N LYS A 51 10.88 17.95 4.19
CA LYS A 51 9.64 18.70 4.25
C LYS A 51 9.19 19.11 2.85
N ASN A 52 8.71 18.13 2.08
CA ASN A 52 8.23 18.36 0.73
C ASN A 52 7.56 17.12 0.17
N VAL A 53 7.48 17.03 -1.16
CA VAL A 53 6.87 15.88 -1.81
C VAL A 53 7.84 15.23 -2.78
N THR A 54 7.50 14.02 -3.22
CA THR A 54 8.33 13.28 -4.15
C THR A 54 7.75 13.33 -5.57
N SER A 55 8.55 13.83 -6.51
CA SER A 55 8.12 13.93 -7.90
C SER A 55 7.87 12.55 -8.49
N GLU A 56 6.65 12.05 -8.32
CA GLU A 56 6.29 10.73 -8.85
C GLU A 56 6.99 9.61 -8.09
N SER A 57 6.21 8.67 -7.57
CA SER A 57 6.76 7.55 -6.82
C SER A 57 5.80 6.37 -6.82
N THR A 58 6.34 5.16 -6.78
CA THR A 58 5.53 3.95 -6.79
C THR A 58 4.58 3.94 -5.59
N CYS A 59 3.47 3.21 -5.74
CA CYS A 59 2.48 3.11 -4.67
C CYS A 59 1.15 2.59 -5.20
N CYS A 60 0.72 1.43 -4.70
CA CYS A 60 -0.55 0.83 -5.12
C CYS A 60 -1.64 1.11 -4.11
N VAL A 61 -1.76 2.37 -3.72
CA VAL A 61 -2.79 2.78 -2.77
C VAL A 61 -4.17 2.52 -3.36
N ALA A 62 -4.53 1.24 -3.43
CA ALA A 62 -5.80 0.83 -4.00
C ALA A 62 -6.25 1.74 -5.12
N LYS A 63 -6.13 1.25 -6.35
CA LYS A 63 -6.56 2.00 -7.50
C LYS A 63 -8.02 2.33 -7.36
N SER A 64 -8.76 1.35 -6.87
CA SER A 64 -10.18 1.50 -6.67
C SER A 64 -10.59 0.82 -5.37
N TYR A 65 -11.10 1.61 -4.44
CA TYR A 65 -11.50 1.09 -3.13
C TYR A 65 -13.00 1.08 -2.98
N ASN A 66 -13.44 0.45 -1.90
CA ASN A 66 -14.86 0.41 -1.59
C ASN A 66 -15.00 0.50 -0.09
N ARG A 67 -14.00 1.16 0.45
CA ARG A 67 -13.84 1.43 1.87
C ARG A 67 -15.06 1.01 2.69
N VAL A 68 -14.77 0.37 3.80
CA VAL A 68 -15.81 -0.09 4.73
C VAL A 68 -15.53 0.45 6.12
N THR A 69 -15.22 1.73 6.20
CA THR A 69 -14.91 2.39 7.45
C THR A 69 -15.34 1.54 8.64
N VAL A 70 -14.36 1.15 9.44
CA VAL A 70 -14.60 0.33 10.62
C VAL A 70 -13.90 0.91 11.84
N MET A 71 -13.93 0.16 12.92
CA MET A 71 -13.31 0.57 14.18
C MET A 71 -13.65 2.01 14.51
N GLY A 72 -12.64 2.76 14.95
CA GLY A 72 -12.85 4.15 15.29
C GLY A 72 -12.91 5.06 14.09
N GLY A 73 -13.39 4.54 12.96
CA GLY A 73 -13.49 5.35 11.76
C GLY A 73 -12.39 5.06 10.77
N PHE A 74 -12.03 3.79 10.63
CA PHE A 74 -10.98 3.38 9.71
C PHE A 74 -11.43 3.50 8.27
N LYS A 75 -10.60 3.02 7.36
CA LYS A 75 -10.90 3.07 5.94
C LYS A 75 -9.99 2.13 5.15
N VAL A 76 -10.45 0.89 4.96
CA VAL A 76 -9.67 -0.09 4.21
C VAL A 76 -9.90 0.07 2.75
N GLU A 77 -10.59 1.13 2.43
CA GLU A 77 -10.92 1.38 1.04
C GLU A 77 -11.04 0.01 0.39
N ASN A 78 -11.67 -0.89 1.16
CA ASN A 78 -11.81 -2.30 0.80
C ASN A 78 -11.37 -2.48 -0.62
N HIS A 79 -10.12 -2.13 -0.77
CA HIS A 79 -9.45 -2.14 -2.04
C HIS A 79 -10.05 -3.09 -3.04
N THR A 80 -10.55 -2.47 -4.10
CA THR A 80 -11.12 -3.19 -5.21
C THR A 80 -10.10 -3.28 -6.32
N ALA A 81 -9.08 -2.41 -6.22
CA ALA A 81 -8.00 -2.37 -7.19
C ALA A 81 -6.77 -1.70 -6.56
N CYS A 82 -5.62 -2.34 -6.68
CA CYS A 82 -4.38 -1.79 -6.14
C CYS A 82 -3.31 -1.78 -7.22
N HIS A 83 -2.83 -0.60 -7.58
CA HIS A 83 -1.82 -0.48 -8.64
C HIS A 83 -0.70 0.50 -8.26
N CYS A 84 0.54 0.02 -8.31
CA CYS A 84 1.69 0.84 -8.00
C CYS A 84 1.76 2.05 -8.92
N SER A 85 1.45 3.23 -8.37
CA SER A 85 1.46 4.46 -9.13
C SER A 85 0.52 5.48 -8.52
N THR A 86 0.75 6.76 -8.80
CA THR A 86 -0.08 7.82 -8.27
C THR A 86 -0.38 7.59 -6.79
N CYS A 87 0.37 8.26 -5.92
CA CYS A 87 0.19 8.11 -4.48
C CYS A 87 -0.95 9.00 -3.98
N TYR A 88 -0.94 9.31 -2.69
CA TYR A 88 -1.97 10.15 -2.10
C TYR A 88 -1.72 11.62 -2.37
N TYR A 89 -0.82 11.92 -3.29
CA TYR A 89 -0.48 13.30 -3.64
C TYR A 89 0.26 13.35 -4.96
N HIS A 90 0.56 14.57 -5.41
CA HIS A 90 1.28 14.77 -6.67
C HIS A 90 0.74 13.84 -7.75
N LYS A 91 -0.53 13.48 -7.63
CA LYS A 91 -1.17 12.60 -8.61
C LYS A 91 -1.02 13.16 -10.03
N SER A 92 -1.22 14.46 -10.16
CA SER A 92 -1.09 15.13 -11.45
C SER A 92 -1.53 16.59 -11.35
N ALA A 1 23.63 -12.09 11.14
CA ALA A 1 23.36 -12.73 12.46
C ALA A 1 21.98 -12.33 12.99
N PRO A 2 21.66 -11.02 12.95
CA PRO A 2 20.39 -10.50 13.43
C PRO A 2 19.31 -10.47 12.34
N ASP A 3 19.01 -9.29 11.83
CA ASP A 3 18.00 -9.14 10.78
C ASP A 3 16.64 -9.65 11.26
N VAL A 4 15.80 -8.75 11.74
CA VAL A 4 14.47 -9.12 12.23
C VAL A 4 13.58 -7.88 12.40
N GLN A 5 13.40 -7.14 11.31
CA GLN A 5 12.57 -5.95 11.34
C GLN A 5 12.33 -5.42 9.93
N ASP A 6 11.06 -5.40 9.50
CA ASP A 6 10.71 -4.93 8.17
C ASP A 6 9.24 -4.55 8.10
N CYS A 7 8.87 -3.80 7.06
CA CYS A 7 7.49 -3.37 6.88
C CYS A 7 6.63 -4.52 6.35
N PRO A 8 5.30 -4.41 6.53
CA PRO A 8 4.35 -5.44 6.07
C PRO A 8 4.26 -5.48 4.55
N GLU A 9 4.06 -6.68 4.01
CA GLU A 9 3.96 -6.85 2.56
C GLU A 9 2.63 -6.29 2.05
N CYS A 10 2.71 -5.30 1.18
CA CYS A 10 1.52 -4.68 0.61
C CYS A 10 0.58 -5.75 0.08
N THR A 11 -0.58 -5.89 0.70
CA THR A 11 -1.54 -6.88 0.27
C THR A 11 -2.94 -6.51 0.73
N LEU A 12 -3.92 -6.96 -0.03
CA LEU A 12 -5.30 -6.69 0.32
C LEU A 12 -5.61 -7.28 1.66
N GLN A 13 -6.20 -6.47 2.52
CA GLN A 13 -6.51 -6.94 3.86
C GLN A 13 -7.99 -7.07 4.05
N GLU A 14 -8.53 -7.92 3.22
CA GLU A 14 -9.95 -8.24 3.19
C GLU A 14 -10.73 -7.41 4.19
N ASN A 15 -11.66 -6.66 3.67
CA ASN A 15 -12.52 -5.80 4.45
C ASN A 15 -13.19 -6.57 5.59
N PRO A 16 -12.70 -6.40 6.83
CA PRO A 16 -13.27 -7.07 8.00
C PRO A 16 -14.62 -6.48 8.40
N PHE A 17 -15.32 -5.95 7.41
CA PHE A 17 -16.63 -5.34 7.61
C PHE A 17 -17.61 -5.88 6.59
N PHE A 18 -17.27 -5.64 5.33
CA PHE A 18 -18.08 -6.06 4.21
C PHE A 18 -18.07 -7.56 4.07
N SER A 19 -16.97 -8.18 4.48
CA SER A 19 -16.82 -9.63 4.40
C SER A 19 -18.16 -10.32 4.65
N GLN A 20 -18.70 -10.92 3.60
CA GLN A 20 -19.97 -11.62 3.69
C GLN A 20 -19.86 -13.04 3.13
N PRO A 21 -20.96 -13.81 3.22
CA PRO A 21 -21.00 -15.19 2.73
C PRO A 21 -20.84 -15.27 1.22
N GLY A 22 -19.62 -15.00 0.74
CA GLY A 22 -19.38 -15.06 -0.70
C GLY A 22 -18.78 -13.77 -1.23
N ALA A 23 -18.48 -12.84 -0.32
CA ALA A 23 -17.89 -11.57 -0.72
C ALA A 23 -17.10 -10.93 0.40
N PRO A 24 -15.78 -11.10 0.31
CA PRO A 24 -14.83 -10.62 1.28
C PRO A 24 -14.05 -9.41 0.78
N ILE A 25 -14.69 -8.26 0.87
CA ILE A 25 -14.10 -7.02 0.45
C ILE A 25 -12.65 -6.89 0.90
N LEU A 26 -12.02 -5.78 0.56
CA LEU A 26 -10.62 -5.61 0.84
C LEU A 26 -10.19 -4.19 1.07
N GLN A 27 -8.91 -4.01 0.87
CA GLN A 27 -8.27 -2.71 1.02
C GLN A 27 -6.76 -2.87 1.17
N CYS A 28 -6.09 -2.97 0.03
CA CYS A 28 -4.65 -3.13 0.01
C CYS A 28 -3.98 -2.40 1.18
N MET A 29 -3.51 -3.14 2.17
CA MET A 29 -2.87 -2.53 3.32
C MET A 29 -1.50 -3.15 3.60
N GLY A 30 -0.45 -2.35 3.52
CA GLY A 30 0.89 -2.84 3.76
C GLY A 30 1.94 -2.10 2.95
N CYS A 31 3.15 -2.66 2.93
CA CYS A 31 4.26 -2.06 2.18
C CYS A 31 4.67 -2.95 1.01
N CYS A 32 4.80 -2.37 -0.17
CA CYS A 32 5.17 -3.12 -1.36
C CYS A 32 6.66 -2.98 -1.65
N PHE A 33 7.14 -3.75 -2.64
CA PHE A 33 8.55 -3.72 -3.02
C PHE A 33 8.74 -4.43 -4.36
N SER A 34 7.73 -4.36 -5.21
CA SER A 34 7.79 -5.01 -6.52
C SER A 34 8.42 -6.39 -6.42
N ARG A 35 8.97 -6.87 -7.53
CA ARG A 35 9.61 -8.18 -7.56
C ARG A 35 11.11 -8.04 -7.74
N ALA A 36 11.86 -8.95 -7.12
CA ALA A 36 13.32 -8.93 -7.21
C ALA A 36 13.83 -7.51 -7.41
N TYR A 37 14.18 -6.85 -6.32
CA TYR A 37 14.67 -5.48 -6.38
C TYR A 37 16.20 -5.45 -6.26
N PRO A 38 16.91 -5.63 -7.38
CA PRO A 38 18.38 -5.61 -7.41
C PRO A 38 18.93 -4.22 -7.10
N THR A 39 19.85 -4.15 -6.15
CA THR A 39 20.45 -2.88 -5.77
C THR A 39 19.37 -1.87 -5.41
N PRO A 40 19.26 -1.53 -4.11
CA PRO A 40 18.26 -0.58 -3.63
C PRO A 40 18.42 0.81 -4.25
N LEU A 41 19.67 1.18 -4.51
CA LEU A 41 19.96 2.48 -5.11
C LEU A 41 19.30 3.60 -4.32
N ARG A 42 20.13 4.44 -3.69
CA ARG A 42 19.63 5.56 -2.90
C ARG A 42 19.91 6.88 -3.60
N SER A 43 19.49 7.98 -2.99
CA SER A 43 19.72 9.31 -3.56
C SER A 43 19.70 10.38 -2.48
N LYS A 44 18.52 10.63 -1.92
CA LYS A 44 18.37 11.64 -0.88
C LYS A 44 18.81 13.00 -1.39
N LYS A 45 18.17 14.05 -0.89
CA LYS A 45 18.50 15.42 -1.30
C LYS A 45 17.77 16.44 -0.43
N THR A 46 18.44 17.56 -0.19
CA THR A 46 17.86 18.63 0.63
C THR A 46 17.83 18.22 2.10
N MET A 47 18.03 19.20 2.98
CA MET A 47 18.01 18.95 4.41
C MET A 47 16.58 18.75 4.90
N LEU A 48 16.01 17.60 4.59
CA LEU A 48 14.64 17.28 4.99
C LEU A 48 14.58 15.99 5.82
N VAL A 49 14.76 16.14 7.13
CA VAL A 49 14.72 14.98 8.02
C VAL A 49 13.63 15.15 9.07
N GLN A 50 12.60 14.30 9.00
CA GLN A 50 11.49 14.37 9.94
C GLN A 50 11.58 13.26 10.97
N LYS A 51 11.31 13.60 12.23
CA LYS A 51 11.36 12.64 13.32
C LYS A 51 10.01 11.94 13.49
N ASN A 52 9.67 11.07 12.54
CA ASN A 52 8.42 10.34 12.58
C ASN A 52 8.34 9.33 11.46
N VAL A 53 7.12 9.04 11.00
CA VAL A 53 6.91 8.07 9.92
C VAL A 53 7.83 8.37 8.73
N THR A 54 7.55 7.71 7.61
CA THR A 54 8.34 7.90 6.40
C THR A 54 7.46 8.36 5.24
N SER A 55 7.96 8.17 4.02
CA SER A 55 7.23 8.56 2.83
C SER A 55 6.83 7.34 2.00
N GLU A 56 7.42 6.19 2.32
CA GLU A 56 7.12 4.96 1.61
C GLU A 56 6.99 5.21 0.11
N SER A 57 8.04 4.92 -0.63
CA SER A 57 8.04 5.12 -2.08
C SER A 57 6.88 4.37 -2.73
N THR A 58 7.15 3.16 -3.20
CA THR A 58 6.12 2.34 -3.84
C THR A 58 4.75 2.60 -3.23
N CYS A 59 3.70 2.39 -4.02
CA CYS A 59 2.34 2.61 -3.55
C CYS A 59 1.35 1.75 -4.34
N CYS A 60 0.61 0.92 -3.62
CA CYS A 60 -0.37 0.04 -4.25
C CYS A 60 -1.71 0.74 -4.44
N VAL A 61 -2.33 0.50 -5.59
CA VAL A 61 -3.62 1.09 -5.91
C VAL A 61 -4.47 0.10 -6.69
N ALA A 62 -4.69 -1.06 -6.07
CA ALA A 62 -5.48 -2.12 -6.70
C ALA A 62 -5.50 -2.03 -8.20
N LYS A 63 -4.73 -2.92 -8.79
CA LYS A 63 -4.65 -3.03 -10.22
C LYS A 63 -6.04 -3.10 -10.76
N SER A 64 -6.80 -3.98 -10.15
CA SER A 64 -8.16 -4.17 -10.52
C SER A 64 -9.05 -4.15 -9.30
N TYR A 65 -9.83 -3.10 -9.18
CA TYR A 65 -10.71 -2.93 -8.04
C TYR A 65 -12.13 -3.31 -8.39
N ASN A 66 -12.87 -3.75 -7.40
CA ASN A 66 -14.28 -4.07 -7.61
C ASN A 66 -15.07 -3.22 -6.65
N ARG A 67 -14.43 -2.13 -6.31
CA ARG A 67 -14.93 -1.13 -5.40
C ARG A 67 -16.30 -1.51 -4.86
N VAL A 68 -16.36 -1.65 -3.55
CA VAL A 68 -17.59 -2.02 -2.86
C VAL A 68 -17.92 -1.01 -1.78
N THR A 69 -17.85 0.26 -2.14
CA THR A 69 -18.14 1.34 -1.21
C THR A 69 -19.12 0.87 -0.14
N VAL A 70 -18.68 0.94 1.10
CA VAL A 70 -19.50 0.49 2.22
C VAL A 70 -19.89 1.63 3.15
N MET A 71 -20.46 1.24 4.29
CA MET A 71 -20.91 2.20 5.30
C MET A 71 -21.43 3.47 4.69
N GLY A 72 -20.99 4.59 5.25
CA GLY A 72 -21.41 5.88 4.77
C GLY A 72 -20.83 6.22 3.42
N GLY A 73 -20.11 5.25 2.83
CA GLY A 73 -19.51 5.46 1.53
C GLY A 73 -18.06 5.03 1.50
N PHE A 74 -17.71 4.06 2.35
CA PHE A 74 -16.36 3.55 2.43
C PHE A 74 -15.85 3.18 1.04
N LYS A 75 -14.60 2.76 0.97
CA LYS A 75 -14.00 2.38 -0.31
C LYS A 75 -12.94 1.30 -0.11
N VAL A 76 -13.02 0.25 -0.91
CA VAL A 76 -12.09 -0.86 -0.85
C VAL A 76 -11.77 -1.33 -2.23
N GLU A 77 -12.07 -0.46 -3.17
CA GLU A 77 -11.86 -0.75 -4.58
C GLU A 77 -11.81 -2.25 -4.77
N ASN A 78 -12.72 -2.92 -4.07
CA ASN A 78 -12.80 -4.38 -4.06
C ASN A 78 -11.60 -4.93 -4.80
N HIS A 79 -10.42 -4.60 -4.28
CA HIS A 79 -9.18 -4.97 -4.90
C HIS A 79 -9.16 -6.37 -5.42
N THR A 80 -9.29 -6.46 -6.72
CA THR A 80 -9.22 -7.72 -7.41
C THR A 80 -7.76 -8.05 -7.67
N ALA A 81 -6.96 -6.99 -7.77
CA ALA A 81 -5.53 -7.10 -7.97
C ALA A 81 -4.86 -5.85 -7.43
N CYS A 82 -3.60 -5.97 -7.01
CA CYS A 82 -2.89 -4.81 -6.47
C CYS A 82 -1.51 -4.66 -7.11
N HIS A 83 -1.15 -3.41 -7.40
CA HIS A 83 0.13 -3.10 -8.00
C HIS A 83 0.70 -1.81 -7.42
N CYS A 84 1.87 -1.91 -6.78
CA CYS A 84 2.52 -0.74 -6.19
C CYS A 84 3.17 0.13 -7.25
N SER A 85 3.05 1.45 -7.08
CA SER A 85 3.62 2.40 -8.03
C SER A 85 4.11 3.65 -7.30
N THR A 86 4.69 4.57 -8.05
CA THR A 86 5.20 5.82 -7.48
C THR A 86 4.07 6.75 -7.04
N CYS A 87 4.01 7.02 -5.74
CA CYS A 87 2.99 7.90 -5.19
C CYS A 87 3.62 9.08 -4.46
N TYR A 88 4.92 9.26 -4.70
CA TYR A 88 5.68 10.35 -4.07
C TYR A 88 5.01 11.70 -4.32
N TYR A 89 5.75 12.76 -4.03
CA TYR A 89 5.23 14.12 -4.20
C TYR A 89 6.27 14.99 -4.92
N HIS A 90 6.02 15.29 -6.19
CA HIS A 90 6.93 16.12 -6.97
C HIS A 90 6.28 16.58 -8.27
N LYS A 91 5.12 17.23 -8.15
CA LYS A 91 4.41 17.73 -9.32
C LYS A 91 3.12 18.43 -8.91
N SER A 92 2.80 19.50 -9.62
CA SER A 92 1.59 20.27 -9.35
C SER A 92 0.34 19.49 -9.77
N ALA A 1 2.20 -16.01 -8.38
CA ALA A 1 3.23 -17.02 -8.05
C ALA A 1 3.18 -17.40 -6.57
N PRO A 2 2.31 -18.36 -6.22
CA PRO A 2 2.16 -18.84 -4.83
C PRO A 2 3.50 -19.20 -4.20
N ASP A 3 3.86 -18.50 -3.13
CA ASP A 3 5.10 -18.75 -2.42
C ASP A 3 4.89 -18.64 -0.92
N VAL A 4 5.33 -19.66 -0.18
CA VAL A 4 5.19 -19.67 1.27
C VAL A 4 5.61 -18.35 1.88
N GLN A 5 4.66 -17.63 2.47
CA GLN A 5 4.93 -16.35 3.09
C GLN A 5 5.46 -15.34 2.06
N ASP A 6 5.01 -14.10 2.17
CA ASP A 6 5.45 -13.06 1.24
C ASP A 6 5.08 -11.66 1.74
N CYS A 7 6.09 -10.81 1.86
CA CYS A 7 5.91 -9.43 2.32
C CYS A 7 4.74 -9.31 3.30
N PRO A 8 5.03 -9.07 4.58
CA PRO A 8 4.02 -8.93 5.62
C PRO A 8 3.39 -7.54 5.69
N GLU A 9 2.35 -7.33 4.89
CA GLU A 9 1.64 -6.05 4.87
C GLU A 9 2.57 -4.87 4.59
N CYS A 10 1.97 -3.71 4.37
CA CYS A 10 2.72 -2.48 4.09
C CYS A 10 2.74 -1.58 5.32
N THR A 11 3.80 -0.78 5.47
CA THR A 11 3.91 0.11 6.62
C THR A 11 4.83 1.28 6.34
N LEU A 12 5.91 0.95 5.67
CA LEU A 12 6.95 1.91 5.29
C LEU A 12 8.31 1.39 5.74
N GLN A 13 9.30 1.57 4.89
CA GLN A 13 10.65 1.14 5.22
C GLN A 13 11.43 2.28 5.80
N GLU A 14 10.70 3.03 6.58
CA GLU A 14 11.23 4.21 7.26
C GLU A 14 12.74 4.16 7.32
N ASN A 15 13.32 4.93 6.44
CA ASN A 15 14.76 4.99 6.35
C ASN A 15 15.36 6.22 7.02
N PRO A 16 16.30 5.98 7.94
CA PRO A 16 17.00 7.04 8.65
C PRO A 16 18.17 7.55 7.83
N PHE A 17 18.21 7.09 6.59
CA PHE A 17 19.24 7.46 5.65
C PHE A 17 18.85 8.78 5.02
N PHE A 18 17.68 8.78 4.40
CA PHE A 18 17.15 9.99 3.80
C PHE A 18 16.88 11.00 4.91
N SER A 19 16.79 10.48 6.13
CA SER A 19 16.53 11.27 7.32
C SER A 19 16.62 12.76 7.06
N GLN A 20 15.59 13.47 7.46
CA GLN A 20 15.54 14.92 7.30
C GLN A 20 15.74 15.61 8.64
N PRO A 21 15.62 16.94 8.67
CA PRO A 21 15.79 17.73 9.91
C PRO A 21 14.87 17.26 11.03
N GLY A 22 15.09 16.04 11.50
CA GLY A 22 14.27 15.49 12.56
C GLY A 22 13.11 14.66 12.06
N ALA A 23 13.39 13.68 11.21
CA ALA A 23 12.35 12.83 10.67
C ALA A 23 12.92 11.65 9.92
N PRO A 24 12.50 10.45 10.34
CA PRO A 24 12.93 9.18 9.77
C PRO A 24 12.18 8.84 8.48
N ILE A 25 12.90 8.98 7.37
CA ILE A 25 12.37 8.72 6.05
C ILE A 25 11.78 7.35 5.88
N LEU A 26 11.24 7.10 4.69
CA LEU A 26 10.59 5.85 4.36
C LEU A 26 10.59 5.53 2.89
N GLN A 27 9.64 4.67 2.57
CA GLN A 27 9.39 4.19 1.22
C GLN A 27 8.41 3.01 1.24
N CYS A 28 7.18 3.30 1.64
CA CYS A 28 6.11 2.30 1.75
C CYS A 28 6.52 0.95 1.14
N MET A 29 6.86 -0.01 2.01
CA MET A 29 7.25 -1.34 1.56
C MET A 29 6.25 -2.38 2.04
N GLY A 30 6.35 -3.59 1.50
CA GLY A 30 5.44 -4.65 1.89
C GLY A 30 4.47 -5.03 0.80
N CYS A 31 3.19 -5.04 1.14
CA CYS A 31 2.15 -5.39 0.18
C CYS A 31 0.78 -5.44 0.85
N CYS A 32 -0.22 -5.88 0.12
CA CYS A 32 -1.57 -5.96 0.64
C CYS A 32 -2.19 -7.32 0.37
N PHE A 33 -3.25 -7.64 1.11
CA PHE A 33 -3.94 -8.91 0.95
C PHE A 33 -5.14 -8.75 0.04
N SER A 34 -5.89 -7.67 0.26
CA SER A 34 -7.08 -7.38 -0.54
C SER A 34 -8.27 -8.21 -0.06
N ARG A 35 -9.39 -8.09 -0.76
CA ARG A 35 -10.60 -8.82 -0.41
C ARG A 35 -10.99 -8.56 1.03
N ALA A 36 -12.07 -9.19 1.47
CA ALA A 36 -12.55 -9.02 2.84
C ALA A 36 -12.48 -10.31 3.63
N TYR A 37 -11.92 -10.25 4.83
CA TYR A 37 -11.78 -11.41 5.69
C TYR A 37 -12.92 -11.50 6.71
N PRO A 38 -13.23 -10.38 7.39
CA PRO A 38 -14.29 -10.35 8.40
C PRO A 38 -15.68 -10.28 7.78
N THR A 39 -16.70 -10.51 8.61
CA THR A 39 -18.09 -10.48 8.15
C THR A 39 -18.36 -11.61 7.18
N PRO A 40 -18.53 -12.83 7.70
CA PRO A 40 -18.79 -14.02 6.87
C PRO A 40 -19.98 -13.81 5.93
N LEU A 41 -19.69 -13.43 4.69
CA LEU A 41 -20.73 -13.21 3.69
C LEU A 41 -20.53 -14.11 2.49
N ARG A 42 -19.92 -15.28 2.72
CA ARG A 42 -19.67 -16.25 1.66
C ARG A 42 -20.97 -16.68 1.00
N SER A 43 -20.87 -17.14 -0.25
CA SER A 43 -22.05 -17.58 -0.99
C SER A 43 -23.24 -16.68 -0.69
N LYS A 44 -24.38 -17.29 -0.34
CA LYS A 44 -25.59 -16.54 -0.02
C LYS A 44 -25.84 -15.47 -1.08
N LYS A 45 -26.20 -15.89 -2.28
CA LYS A 45 -26.46 -14.96 -3.37
C LYS A 45 -27.40 -15.58 -4.40
N THR A 46 -28.64 -15.83 -3.99
CA THR A 46 -29.64 -16.39 -4.88
C THR A 46 -30.35 -15.29 -5.67
N MET A 47 -30.64 -15.57 -6.93
CA MET A 47 -31.30 -14.59 -7.78
C MET A 47 -30.80 -13.18 -7.46
N LEU A 48 -29.50 -13.07 -7.23
CA LEU A 48 -28.90 -11.78 -6.90
C LEU A 48 -27.83 -11.40 -7.92
N VAL A 49 -27.84 -10.14 -8.33
CA VAL A 49 -26.87 -9.64 -9.31
C VAL A 49 -25.44 -9.86 -8.83
N GLN A 50 -24.47 -9.45 -9.65
CA GLN A 50 -23.06 -9.61 -9.30
C GLN A 50 -22.21 -8.56 -10.02
N LYS A 51 -22.33 -7.31 -9.58
CA LYS A 51 -21.57 -6.22 -10.19
C LYS A 51 -21.54 -5.00 -9.26
N ASN A 52 -20.58 -4.12 -9.50
CA ASN A 52 -20.42 -2.92 -8.71
C ASN A 52 -19.07 -2.25 -8.99
N VAL A 53 -18.60 -1.43 -8.06
CA VAL A 53 -17.33 -0.75 -8.22
C VAL A 53 -16.26 -1.34 -7.31
N THR A 54 -16.54 -2.52 -6.76
CA THR A 54 -15.59 -3.19 -5.88
C THR A 54 -14.56 -3.99 -6.67
N SER A 55 -13.29 -3.63 -6.52
CA SER A 55 -12.21 -4.30 -7.22
C SER A 55 -11.08 -4.65 -6.25
N GLU A 56 -10.46 -5.80 -6.47
CA GLU A 56 -9.36 -6.26 -5.61
C GLU A 56 -8.02 -6.11 -6.31
N SER A 57 -7.31 -5.04 -6.01
CA SER A 57 -6.00 -4.79 -6.60
C SER A 57 -5.43 -3.45 -6.12
N THR A 58 -5.52 -3.23 -4.81
CA THR A 58 -5.01 -1.99 -4.22
C THR A 58 -3.49 -1.99 -4.15
N CYS A 59 -2.92 -0.94 -3.58
CA CYS A 59 -1.47 -0.80 -3.45
C CYS A 59 -1.12 0.34 -2.50
N CYS A 60 -0.06 0.16 -1.72
CA CYS A 60 0.38 1.18 -0.78
C CYS A 60 0.76 2.46 -1.51
N VAL A 61 0.14 3.56 -1.11
CA VAL A 61 0.41 4.86 -1.71
C VAL A 61 0.36 5.96 -0.65
N ALA A 62 1.46 6.11 0.09
CA ALA A 62 1.55 7.10 1.16
C ALA A 62 0.38 8.08 1.11
N LYS A 63 -0.58 7.87 1.99
CA LYS A 63 -1.74 8.74 2.08
C LYS A 63 -1.29 10.16 2.26
N SER A 64 -0.23 10.32 3.03
CA SER A 64 0.34 11.62 3.29
C SER A 64 1.85 11.52 3.40
N TYR A 65 2.51 12.07 2.41
CA TYR A 65 3.96 12.05 2.35
C TYR A 65 4.55 13.28 2.98
N ASN A 66 5.80 13.18 3.40
CA ASN A 66 6.48 14.34 3.96
C ASN A 66 7.76 14.56 3.20
N ARG A 67 7.75 13.93 2.05
CA ARG A 67 8.84 13.97 1.09
C ARG A 67 10.06 14.72 1.59
N VAL A 68 11.18 14.02 1.56
CA VAL A 68 12.46 14.57 1.98
C VAL A 68 13.48 14.37 0.88
N THR A 69 13.05 14.65 -0.34
CA THR A 69 13.91 14.49 -1.52
C THR A 69 15.37 14.52 -1.14
N VAL A 70 16.06 13.42 -1.41
CA VAL A 70 17.47 13.30 -1.09
C VAL A 70 18.28 12.93 -2.31
N MET A 71 19.47 12.41 -2.03
CA MET A 71 20.40 12.01 -3.06
C MET A 71 19.70 11.71 -4.39
N GLY A 72 20.22 12.29 -5.47
CA GLY A 72 19.63 12.07 -6.78
C GLY A 72 18.22 12.62 -6.90
N GLY A 73 17.83 13.48 -5.95
CA GLY A 73 16.51 14.06 -5.99
C GLY A 73 15.42 13.02 -5.75
N PHE A 74 15.78 11.97 -5.01
CA PHE A 74 14.82 10.91 -4.71
C PHE A 74 13.62 11.49 -3.98
N LYS A 75 12.67 10.63 -3.63
CA LYS A 75 11.48 11.08 -2.93
C LYS A 75 10.85 9.96 -2.11
N VAL A 76 11.14 9.95 -0.81
CA VAL A 76 10.58 8.94 0.09
C VAL A 76 9.29 9.42 0.65
N GLU A 77 8.82 10.49 0.06
CA GLU A 77 7.57 11.08 0.52
C GLU A 77 7.40 10.69 1.98
N ASN A 78 8.52 10.84 2.73
CA ASN A 78 8.60 10.41 4.13
C ASN A 78 7.21 10.04 4.59
N HIS A 79 6.68 9.06 3.88
CA HIS A 79 5.34 8.58 4.10
C HIS A 79 4.86 8.83 5.50
N THR A 80 4.06 9.85 5.60
CA THR A 80 3.46 10.24 6.86
C THR A 80 2.20 9.42 7.06
N ALA A 81 1.67 8.89 5.96
CA ALA A 81 0.48 8.05 6.00
C ALA A 81 0.41 7.18 4.74
N CYS A 82 0.27 5.87 4.91
CA CYS A 82 0.19 4.97 3.77
C CYS A 82 -1.15 4.25 3.76
N HIS A 83 -1.84 4.30 2.62
CA HIS A 83 -3.14 3.67 2.48
C HIS A 83 -3.23 2.89 1.18
N CYS A 84 -3.49 1.59 1.28
CA CYS A 84 -3.60 0.74 0.11
C CYS A 84 -4.67 1.24 -0.85
N SER A 85 -4.28 1.50 -2.09
CA SER A 85 -5.20 1.99 -3.11
C SER A 85 -4.45 2.50 -4.33
N THR A 86 -4.65 1.84 -5.47
CA THR A 86 -3.99 2.23 -6.71
C THR A 86 -2.48 2.27 -6.53
N CYS A 87 -1.78 1.49 -7.35
CA CYS A 87 -0.33 1.42 -7.29
C CYS A 87 0.31 2.50 -8.16
N TYR A 88 1.62 2.64 -8.06
CA TYR A 88 2.35 3.62 -8.85
C TYR A 88 2.18 5.03 -8.27
N TYR A 89 3.30 5.72 -8.07
CA TYR A 89 3.28 7.08 -7.53
C TYR A 89 3.04 8.08 -8.64
N HIS A 90 3.20 9.36 -8.32
CA HIS A 90 2.99 10.44 -9.31
C HIS A 90 1.51 10.55 -9.67
N LYS A 91 1.17 11.61 -10.41
CA LYS A 91 -0.22 11.83 -10.80
C LYS A 91 -1.15 11.63 -9.61
N SER A 92 -2.46 11.65 -9.87
CA SER A 92 -3.45 11.46 -8.81
C SER A 92 -4.79 11.00 -9.39
N ALA A 1 19.41 -19.04 3.82
CA ALA A 1 17.97 -18.73 3.94
C ALA A 1 17.76 -17.29 4.42
N PRO A 2 17.74 -16.34 3.48
CA PRO A 2 17.55 -14.92 3.80
C PRO A 2 16.33 -14.70 4.69
N ASP A 3 15.98 -13.43 4.90
CA ASP A 3 14.83 -13.09 5.73
C ASP A 3 13.57 -12.96 4.89
N VAL A 4 12.52 -13.67 5.30
CA VAL A 4 11.25 -13.64 4.57
C VAL A 4 10.08 -13.62 5.55
N GLN A 5 8.87 -13.71 5.00
CA GLN A 5 7.66 -13.71 5.81
C GLN A 5 7.57 -12.45 6.65
N ASP A 6 8.34 -11.43 6.28
CA ASP A 6 8.34 -10.16 6.98
C ASP A 6 7.30 -9.22 6.40
N CYS A 7 6.38 -9.78 5.62
CA CYS A 7 5.30 -8.99 4.99
C CYS A 7 4.90 -9.61 3.65
N PRO A 8 3.59 -9.74 3.41
CA PRO A 8 3.06 -10.32 2.17
C PRO A 8 3.30 -9.41 0.97
N GLU A 9 2.59 -9.66 -0.13
CA GLU A 9 2.73 -8.87 -1.34
C GLU A 9 1.57 -7.91 -1.52
N CYS A 10 1.86 -6.76 -2.11
CA CYS A 10 0.83 -5.75 -2.35
C CYS A 10 -0.51 -6.40 -2.65
N THR A 11 -1.46 -6.25 -1.74
CA THR A 11 -2.79 -6.83 -1.89
C THR A 11 -3.74 -6.21 -0.90
N LEU A 12 -4.91 -6.81 -0.76
CA LEU A 12 -5.91 -6.32 0.16
C LEU A 12 -5.84 -7.05 1.47
N GLN A 13 -6.00 -6.31 2.56
CA GLN A 13 -5.97 -6.91 3.87
C GLN A 13 -7.34 -6.91 4.49
N GLU A 14 -8.25 -7.52 3.76
CA GLU A 14 -9.65 -7.64 4.16
C GLU A 14 -9.95 -6.84 5.40
N ASN A 15 -10.98 -6.04 5.28
CA ASN A 15 -11.42 -5.16 6.35
C ASN A 15 -12.29 -5.88 7.37
N PRO A 16 -11.70 -6.32 8.49
CA PRO A 16 -12.43 -7.01 9.55
C PRO A 16 -13.32 -6.08 10.35
N PHE A 17 -13.51 -4.87 9.84
CA PHE A 17 -14.36 -3.89 10.49
C PHE A 17 -15.69 -3.79 9.78
N PHE A 18 -15.62 -3.40 8.52
CA PHE A 18 -16.81 -3.25 7.73
C PHE A 18 -17.41 -4.59 7.37
N SER A 19 -16.62 -5.64 7.55
CA SER A 19 -17.08 -6.99 7.25
C SER A 19 -18.60 -7.09 7.35
N GLN A 20 -19.25 -7.24 6.21
CA GLN A 20 -20.70 -7.33 6.13
C GLN A 20 -21.12 -8.73 5.70
N PRO A 21 -22.32 -9.17 6.10
CA PRO A 21 -22.84 -10.49 5.74
C PRO A 21 -22.64 -10.80 4.26
N GLY A 22 -21.41 -11.13 3.90
CA GLY A 22 -21.10 -11.43 2.51
C GLY A 22 -19.97 -10.60 1.97
N ALA A 23 -19.34 -9.80 2.83
CA ALA A 23 -18.23 -8.95 2.42
C ALA A 23 -17.42 -8.47 3.60
N PRO A 24 -16.21 -9.02 3.71
CA PRO A 24 -15.26 -8.72 4.77
C PRO A 24 -14.36 -7.53 4.44
N ILE A 25 -14.88 -6.64 3.62
CA ILE A 25 -14.18 -5.45 3.20
C ILE A 25 -12.67 -5.59 3.15
N LEU A 26 -11.97 -4.50 2.87
CA LEU A 26 -10.53 -4.55 2.69
C LEU A 26 -9.82 -3.25 2.91
N GLN A 27 -8.64 -3.21 2.31
CA GLN A 27 -7.78 -2.03 2.35
C GLN A 27 -6.34 -2.41 1.96
N CYS A 28 -6.11 -2.46 0.65
CA CYS A 28 -4.81 -2.83 0.09
C CYS A 28 -3.68 -2.67 1.10
N MET A 29 -3.08 -3.79 1.49
CA MET A 29 -1.96 -3.74 2.44
C MET A 29 -0.77 -3.04 1.79
N GLY A 30 -0.44 -3.47 0.58
CA GLY A 30 0.67 -2.87 -0.15
C GLY A 30 2.02 -3.14 0.45
N CYS A 31 2.78 -4.02 -0.19
CA CYS A 31 4.12 -4.37 0.26
C CYS A 31 5.05 -4.52 -0.93
N CYS A 32 5.06 -3.51 -1.79
CA CYS A 32 5.88 -3.52 -2.99
C CYS A 32 7.36 -3.54 -2.65
N PHE A 33 7.78 -4.55 -1.89
CA PHE A 33 9.17 -4.70 -1.49
C PHE A 33 9.82 -3.33 -1.22
N SER A 34 11.06 -3.16 -1.67
CA SER A 34 11.78 -1.90 -1.48
C SER A 34 12.14 -1.73 0.00
N ARG A 35 11.91 -2.78 0.77
CA ARG A 35 12.21 -2.76 2.20
C ARG A 35 13.25 -3.82 2.55
N ALA A 36 13.09 -4.45 3.71
CA ALA A 36 14.02 -5.48 4.14
C ALA A 36 15.43 -4.91 4.29
N TYR A 37 16.42 -5.64 3.75
CA TYR A 37 17.81 -5.21 3.82
C TYR A 37 17.94 -3.77 4.30
N PRO A 38 18.69 -3.55 5.39
CA PRO A 38 18.88 -2.21 5.95
C PRO A 38 19.81 -1.35 5.11
N THR A 39 19.26 -0.29 4.54
CA THR A 39 20.02 0.65 3.71
C THR A 39 21.34 0.05 3.24
N PRO A 40 21.38 -0.45 1.99
CA PRO A 40 22.58 -1.05 1.41
C PRO A 40 23.61 0.00 0.99
N LEU A 41 23.91 0.91 1.91
CA LEU A 41 24.87 1.99 1.66
C LEU A 41 25.74 1.71 0.43
N ARG A 42 25.77 2.68 -0.49
CA ARG A 42 26.56 2.55 -1.71
C ARG A 42 27.64 3.62 -1.77
N SER A 43 28.55 3.50 -2.74
CA SER A 43 29.63 4.45 -2.90
C SER A 43 29.11 5.89 -2.75
N LYS A 44 27.94 6.15 -3.31
CA LYS A 44 27.34 7.49 -3.24
C LYS A 44 27.55 8.11 -1.86
N LYS A 45 27.55 7.27 -0.83
CA LYS A 45 27.74 7.75 0.54
C LYS A 45 26.69 8.79 0.92
N THR A 46 25.89 8.48 1.92
CA THR A 46 24.84 9.39 2.37
C THR A 46 23.89 9.74 1.22
N MET A 47 22.60 9.64 1.49
CA MET A 47 21.59 9.95 0.47
C MET A 47 20.42 10.72 1.06
N LEU A 48 20.26 11.97 0.65
CA LEU A 48 19.18 12.80 1.14
C LEU A 48 17.89 11.98 1.24
N VAL A 49 17.03 12.35 2.19
CA VAL A 49 15.78 11.62 2.38
C VAL A 49 14.66 12.53 2.88
N GLN A 50 13.42 12.11 2.65
CA GLN A 50 12.25 12.86 3.09
C GLN A 50 11.18 11.92 3.63
N LYS A 51 11.05 11.87 4.95
CA LYS A 51 10.07 11.00 5.59
C LYS A 51 8.74 11.71 5.77
N ASN A 52 7.93 11.72 4.72
CA ASN A 52 6.61 12.35 4.77
C ASN A 52 5.53 11.34 4.43
N VAL A 53 4.29 11.81 4.37
CA VAL A 53 3.15 10.95 4.05
C VAL A 53 3.35 10.26 2.71
N THR A 54 3.88 9.04 2.73
CA THR A 54 4.12 8.27 1.51
C THR A 54 4.60 9.19 0.38
N SER A 55 4.42 8.73 -0.85
CA SER A 55 4.83 9.51 -2.01
C SER A 55 6.32 9.36 -2.28
N GLU A 56 6.92 8.35 -1.65
CA GLU A 56 8.35 8.10 -1.81
C GLU A 56 8.60 7.04 -2.89
N SER A 57 7.76 6.01 -2.90
CA SER A 57 7.89 4.93 -3.88
C SER A 57 6.53 4.50 -4.40
N THR A 58 6.47 3.29 -4.95
CA THR A 58 5.22 2.75 -5.49
C THR A 58 4.16 2.60 -4.40
N CYS A 59 2.93 2.33 -4.82
CA CYS A 59 1.82 2.17 -3.89
C CYS A 59 0.57 1.67 -4.61
N CYS A 60 -0.17 0.76 -3.97
CA CYS A 60 -1.38 0.21 -4.54
C CYS A 60 -2.62 0.96 -4.07
N VAL A 61 -3.20 1.74 -4.96
CA VAL A 61 -4.40 2.51 -4.64
C VAL A 61 -5.63 1.91 -5.30
N ALA A 62 -5.84 0.62 -5.07
CA ALA A 62 -6.98 -0.10 -5.63
C ALA A 62 -7.31 0.37 -7.04
N LYS A 63 -7.02 -0.49 -8.02
CA LYS A 63 -7.32 -0.18 -9.41
C LYS A 63 -8.79 0.14 -9.53
N SER A 64 -9.59 -0.67 -8.84
CA SER A 64 -11.02 -0.51 -8.83
C SER A 64 -11.55 -0.74 -7.42
N TYR A 65 -11.92 0.34 -6.78
CA TYR A 65 -12.43 0.29 -5.41
C TYR A 65 -13.93 0.20 -5.39
N ASN A 66 -14.44 -0.26 -4.26
CA ASN A 66 -15.88 -0.33 -4.08
C ASN A 66 -16.21 0.25 -2.72
N ARG A 67 -15.23 1.00 -2.26
CA ARG A 67 -15.26 1.69 -0.98
C ARG A 67 -16.54 1.47 -0.20
N VAL A 68 -16.37 0.99 1.01
CA VAL A 68 -17.47 0.72 1.94
C VAL A 68 -17.29 1.57 3.19
N THR A 69 -17.15 2.87 3.00
CA THR A 69 -16.95 3.80 4.11
C THR A 69 -17.54 3.27 5.41
N VAL A 70 -16.66 3.06 6.38
CA VAL A 70 -17.07 2.56 7.69
C VAL A 70 -16.81 3.59 8.77
N MET A 71 -16.92 3.12 10.01
CA MET A 71 -16.72 3.96 11.20
C MET A 71 -17.04 5.42 10.91
N GLY A 72 -16.17 6.31 11.36
CA GLY A 72 -16.37 7.73 11.16
C GLY A 72 -16.15 8.13 9.71
N GLY A 73 -16.01 7.16 8.83
CA GLY A 73 -15.81 7.45 7.42
C GLY A 73 -14.56 6.79 6.88
N PHE A 74 -14.37 5.52 7.20
CA PHE A 74 -13.22 4.77 6.74
C PHE A 74 -13.46 4.18 5.36
N LYS A 75 -12.65 4.61 4.40
CA LYS A 75 -12.78 4.13 3.03
C LYS A 75 -11.82 2.99 2.72
N VAL A 76 -12.37 1.80 2.52
CA VAL A 76 -11.59 0.61 2.21
C VAL A 76 -11.67 0.31 0.76
N GLU A 77 -12.17 1.28 0.05
CA GLU A 77 -12.35 1.15 -1.39
C GLU A 77 -12.49 -0.32 -1.70
N ASN A 78 -13.30 -1.02 -0.89
CA ASN A 78 -13.47 -2.49 -1.01
C ASN A 78 -12.75 -2.92 -2.25
N HIS A 79 -11.47 -2.64 -2.21
CA HIS A 79 -10.59 -2.89 -3.30
C HIS A 79 -11.03 -4.04 -4.16
N THR A 80 -11.61 -3.66 -5.27
CA THR A 80 -12.09 -4.61 -6.26
C THR A 80 -10.94 -4.94 -7.19
N ALA A 81 -9.93 -4.07 -7.17
CA ALA A 81 -8.73 -4.25 -7.98
C ALA A 81 -7.61 -3.37 -7.41
N CYS A 82 -6.40 -3.91 -7.32
CA CYS A 82 -5.27 -3.16 -6.77
C CYS A 82 -4.08 -3.17 -7.73
N HIS A 83 -3.45 -2.01 -7.91
CA HIS A 83 -2.31 -1.88 -8.81
C HIS A 83 -1.21 -1.01 -8.20
N CYS A 84 -0.07 -1.63 -7.92
CA CYS A 84 1.08 -0.93 -7.34
C CYS A 84 1.65 0.06 -8.36
N SER A 85 1.72 1.33 -7.98
CA SER A 85 2.25 2.37 -8.87
C SER A 85 2.57 3.64 -8.11
N THR A 86 2.83 4.72 -8.86
CA THR A 86 3.15 6.01 -8.26
C THR A 86 1.88 6.71 -7.78
N CYS A 87 0.79 5.97 -7.70
CA CYS A 87 -0.48 6.52 -7.25
C CYS A 87 -0.76 7.86 -7.92
N TYR A 88 -1.81 8.54 -7.47
CA TYR A 88 -2.19 9.83 -8.02
C TYR A 88 -3.01 9.67 -9.29
N TYR A 89 -4.28 10.02 -9.21
CA TYR A 89 -5.18 9.90 -10.36
C TYR A 89 -4.72 10.81 -11.49
N HIS A 90 -5.27 12.03 -11.53
CA HIS A 90 -4.92 13.00 -12.56
C HIS A 90 -5.02 12.38 -13.96
N LYS A 91 -5.87 12.96 -14.81
CA LYS A 91 -6.05 12.45 -16.16
C LYS A 91 -6.14 13.60 -17.16
N SER A 92 -5.49 13.42 -18.31
CA SER A 92 -5.49 14.45 -19.34
C SER A 92 -6.33 14.01 -20.55
N ALA A 1 -8.28 -13.05 -3.35
CA ALA A 1 -7.47 -11.97 -2.72
C ALA A 1 -7.50 -10.70 -3.56
N PRO A 2 -8.70 -10.14 -3.76
CA PRO A 2 -8.89 -8.91 -4.55
C PRO A 2 -8.31 -7.68 -3.86
N ASP A 3 -8.94 -6.53 -4.10
CA ASP A 3 -8.50 -5.27 -3.51
C ASP A 3 -8.06 -5.46 -2.06
N VAL A 4 -7.16 -4.59 -1.61
CA VAL A 4 -6.65 -4.64 -0.24
C VAL A 4 -6.61 -6.08 0.28
N GLN A 5 -5.67 -6.86 -0.24
CA GLN A 5 -5.53 -8.26 0.18
C GLN A 5 -5.14 -8.34 1.65
N ASP A 6 -4.41 -9.40 2.00
CA ASP A 6 -3.97 -9.60 3.37
C ASP A 6 -2.93 -8.56 3.77
N CYS A 7 -3.14 -7.91 4.91
CA CYS A 7 -2.23 -6.89 5.40
C CYS A 7 -2.82 -6.15 6.59
N PRO A 8 -1.98 -5.77 7.56
CA PRO A 8 -2.41 -5.05 8.75
C PRO A 8 -2.84 -3.62 8.43
N GLU A 9 -2.81 -2.76 9.43
CA GLU A 9 -3.19 -1.36 9.25
C GLU A 9 -2.07 -0.59 8.57
N CYS A 10 -2.43 0.54 7.99
CA CYS A 10 -1.46 1.39 7.30
C CYS A 10 -0.11 1.37 7.99
N THR A 11 0.96 1.54 7.22
CA THR A 11 2.30 1.54 7.78
C THR A 11 3.33 1.65 6.67
N LEU A 12 4.52 2.14 7.01
CA LEU A 12 5.59 2.25 6.04
C LEU A 12 6.49 1.04 6.12
N GLN A 13 6.60 0.34 5.01
CA GLN A 13 7.44 -0.84 4.95
C GLN A 13 8.82 -0.49 4.48
N GLU A 14 9.35 0.52 5.12
CA GLU A 14 10.68 1.05 4.82
C GLU A 14 11.51 0.02 4.11
N ASN A 15 11.85 0.35 2.87
CA ASN A 15 12.65 -0.54 2.06
C ASN A 15 14.07 -0.06 1.85
N PRO A 16 15.03 -1.00 1.92
CA PRO A 16 16.44 -0.74 1.74
C PRO A 16 16.89 -0.86 0.30
N PHE A 17 15.93 -1.09 -0.59
CA PHE A 17 16.25 -1.21 -2.01
C PHE A 17 16.33 0.18 -2.59
N PHE A 18 15.23 0.92 -2.45
CA PHE A 18 15.20 2.28 -2.95
C PHE A 18 16.25 3.09 -2.19
N SER A 19 16.63 2.56 -1.03
CA SER A 19 17.61 3.16 -0.13
C SER A 19 18.40 4.27 -0.80
N GLN A 20 18.59 5.34 -0.05
CA GLN A 20 19.34 6.50 -0.50
C GLN A 20 20.52 6.75 0.43
N PRO A 21 21.47 7.60 0.02
CA PRO A 21 22.66 7.92 0.82
C PRO A 21 22.31 8.17 2.29
N GLY A 22 22.04 7.10 3.02
CA GLY A 22 21.70 7.22 4.42
C GLY A 22 20.21 7.34 4.67
N ALA A 23 19.43 6.45 4.06
CA ALA A 23 17.98 6.49 4.23
C ALA A 23 17.32 5.22 3.71
N PRO A 24 16.61 4.55 4.61
CA PRO A 24 15.90 3.32 4.32
C PRO A 24 14.48 3.56 3.81
N ILE A 25 14.36 3.63 2.50
CA ILE A 25 13.12 3.87 1.81
C ILE A 25 11.91 3.17 2.41
N LEU A 26 10.75 3.42 1.78
CA LEU A 26 9.48 2.89 2.24
C LEU A 26 8.49 2.66 1.13
N GLN A 27 7.26 2.54 1.59
CA GLN A 27 6.09 2.32 0.74
C GLN A 27 4.89 1.96 1.59
N CYS A 28 4.36 2.95 2.29
CA CYS A 28 3.23 2.76 3.18
C CYS A 28 2.33 1.62 2.72
N MET A 29 2.35 0.51 3.45
CA MET A 29 1.49 -0.63 3.11
C MET A 29 0.04 -0.35 3.50
N GLY A 30 -0.51 0.72 2.94
CA GLY A 30 -1.88 1.10 3.26
C GLY A 30 -2.88 -0.02 3.03
N CYS A 31 -3.63 -0.35 4.07
CA CYS A 31 -4.62 -1.42 3.98
C CYS A 31 -5.78 -1.15 4.95
N CYS A 32 -6.33 0.05 4.87
CA CYS A 32 -7.44 0.44 5.74
C CYS A 32 -8.61 -0.52 5.59
N PHE A 33 -9.28 -0.80 6.70
CA PHE A 33 -10.42 -1.72 6.70
C PHE A 33 -11.73 -0.98 6.99
N SER A 34 -11.75 -0.25 8.10
CA SER A 34 -12.94 0.50 8.49
C SER A 34 -14.12 -0.44 8.75
N ARG A 35 -14.73 -0.92 7.67
CA ARG A 35 -15.86 -1.84 7.78
C ARG A 35 -15.49 -3.05 8.62
N ALA A 36 -16.45 -3.96 8.81
CA ALA A 36 -16.20 -5.16 9.58
C ALA A 36 -14.86 -5.78 9.21
N TYR A 37 -14.13 -6.24 10.21
CA TYR A 37 -12.82 -6.85 9.97
C TYR A 37 -12.87 -8.36 10.17
N PRO A 38 -13.68 -9.06 9.35
CA PRO A 38 -13.81 -10.51 9.43
C PRO A 38 -12.53 -11.23 9.05
N THR A 39 -11.92 -11.90 10.02
CA THR A 39 -10.67 -12.63 9.79
C THR A 39 -10.95 -13.92 9.02
N PRO A 40 -10.32 -14.09 7.85
CA PRO A 40 -10.48 -15.29 7.02
C PRO A 40 -10.19 -16.57 7.79
N LEU A 41 -9.54 -17.52 7.13
CA LEU A 41 -9.20 -18.80 7.76
C LEU A 41 -8.06 -19.49 7.03
N ARG A 42 -7.20 -18.70 6.40
CA ARG A 42 -6.04 -19.23 5.67
C ARG A 42 -6.04 -20.76 5.64
N SER A 43 -6.59 -21.32 4.55
CA SER A 43 -6.65 -22.76 4.39
C SER A 43 -7.72 -23.15 3.37
N LYS A 44 -8.85 -22.47 3.42
CA LYS A 44 -9.95 -22.74 2.50
C LYS A 44 -10.80 -21.50 2.29
N LYS A 45 -10.89 -21.06 1.04
CA LYS A 45 -11.68 -19.88 0.69
C LYS A 45 -12.16 -19.97 -0.75
N THR A 46 -13.31 -20.62 -0.95
CA THR A 46 -13.87 -20.77 -2.28
C THR A 46 -14.92 -19.70 -2.55
N MET A 47 -14.78 -19.04 -3.70
CA MET A 47 -15.72 -17.99 -4.08
C MET A 47 -15.20 -17.20 -5.28
N LEU A 48 -16.01 -17.10 -6.32
CA LEU A 48 -15.62 -16.37 -7.52
C LEU A 48 -15.27 -14.92 -7.19
N VAL A 49 -14.01 -14.57 -7.40
CA VAL A 49 -13.54 -13.22 -7.13
C VAL A 49 -13.99 -12.26 -8.22
N GLN A 50 -14.12 -10.98 -7.86
CA GLN A 50 -14.55 -9.96 -8.82
C GLN A 50 -13.50 -8.86 -8.95
N LYS A 51 -13.34 -8.35 -10.17
CA LYS A 51 -12.36 -7.29 -10.42
C LYS A 51 -12.90 -5.94 -9.96
N ASN A 52 -12.34 -5.41 -8.88
CA ASN A 52 -12.77 -4.12 -8.36
C ASN A 52 -11.65 -3.09 -8.46
N VAL A 53 -11.86 -2.07 -9.27
CA VAL A 53 -10.88 -1.01 -9.45
C VAL A 53 -11.24 0.23 -8.65
N THR A 54 -10.47 0.47 -7.59
CA THR A 54 -10.73 1.62 -6.72
C THR A 54 -12.13 1.55 -6.13
N SER A 55 -12.20 1.38 -4.82
CA SER A 55 -13.48 1.29 -4.14
C SER A 55 -13.36 1.76 -2.69
N GLU A 56 -12.95 3.01 -2.50
CA GLU A 56 -12.81 3.56 -1.16
C GLU A 56 -12.25 4.98 -1.21
N SER A 57 -12.87 5.88 -0.46
CA SER A 57 -12.44 7.27 -0.41
C SER A 57 -11.29 7.45 0.58
N THR A 58 -10.87 6.35 1.19
CA THR A 58 -9.78 6.39 2.15
C THR A 58 -8.53 5.71 1.61
N CYS A 59 -7.38 6.15 2.08
CA CYS A 59 -6.09 5.60 1.65
C CYS A 59 -4.94 6.42 2.20
N CYS A 60 -3.96 5.76 2.79
CA CYS A 60 -2.82 6.45 3.37
C CYS A 60 -1.66 6.58 2.40
N VAL A 61 -1.71 7.62 1.57
CA VAL A 61 -0.65 7.87 0.60
C VAL A 61 0.39 8.79 1.21
N ALA A 62 1.04 8.31 2.28
CA ALA A 62 2.07 9.07 2.97
C ALA A 62 1.63 10.53 3.17
N LYS A 63 1.60 10.95 4.44
CA LYS A 63 1.23 12.31 4.78
C LYS A 63 2.28 13.26 4.25
N SER A 64 3.52 12.81 4.35
CA SER A 64 4.66 13.59 3.87
C SER A 64 5.73 12.64 3.33
N TYR A 65 5.89 12.64 2.01
CA TYR A 65 6.87 11.79 1.35
C TYR A 65 8.12 12.54 1.01
N ASN A 66 9.16 11.78 0.70
CA ASN A 66 10.42 12.39 0.27
C ASN A 66 10.99 11.52 -0.82
N ARG A 67 10.06 10.86 -1.45
CA ARG A 67 10.29 9.94 -2.56
C ARG A 67 11.73 9.96 -3.04
N VAL A 68 12.25 8.77 -3.24
CA VAL A 68 13.62 8.61 -3.70
C VAL A 68 13.65 7.86 -5.03
N THR A 69 12.78 8.27 -5.94
CA THR A 69 12.67 7.67 -7.25
C THR A 69 13.87 6.79 -7.57
N VAL A 70 13.61 5.52 -7.79
CA VAL A 70 14.67 4.56 -8.11
C VAL A 70 14.29 3.65 -9.25
N MET A 71 15.02 2.54 -9.31
CA MET A 71 14.83 1.53 -10.33
C MET A 71 13.53 1.72 -11.10
N GLY A 72 13.65 2.05 -12.38
CA GLY A 72 12.48 2.24 -13.21
C GLY A 72 11.77 3.55 -12.95
N GLY A 73 12.39 4.42 -12.16
CA GLY A 73 11.79 5.70 -11.85
C GLY A 73 10.71 5.60 -10.80
N PHE A 74 10.75 4.53 -10.01
CA PHE A 74 9.76 4.32 -8.95
C PHE A 74 9.67 5.53 -8.05
N LYS A 75 8.91 5.40 -6.98
CA LYS A 75 8.74 6.50 -6.04
C LYS A 75 8.17 5.99 -4.71
N VAL A 76 9.06 5.77 -3.74
CA VAL A 76 8.65 5.29 -2.42
C VAL A 76 8.25 6.42 -1.55
N GLU A 77 8.14 7.56 -2.15
CA GLU A 77 7.78 8.75 -1.41
C GLU A 77 8.34 8.57 -0.01
N ASN A 78 9.55 8.01 0.04
CA ASN A 78 10.23 7.66 1.28
C ASN A 78 9.43 8.25 2.40
N HIS A 79 8.22 7.77 2.43
CA HIS A 79 7.21 8.23 3.36
C HIS A 79 7.78 8.73 4.67
N THR A 80 7.61 10.02 4.83
CA THR A 80 8.04 10.69 6.04
C THR A 80 6.89 10.65 7.04
N ALA A 81 5.70 10.37 6.52
CA ALA A 81 4.49 10.28 7.32
C ALA A 81 3.38 9.62 6.51
N CYS A 82 2.39 9.06 7.19
CA CYS A 82 1.27 8.41 6.51
C CYS A 82 -0.05 8.74 7.19
N HIS A 83 -1.13 8.76 6.41
CA HIS A 83 -2.45 9.05 6.94
C HIS A 83 -3.56 8.62 5.97
N CYS A 84 -4.36 7.65 6.38
CA CYS A 84 -5.45 7.15 5.55
C CYS A 84 -6.40 8.28 5.18
N SER A 85 -6.37 8.69 3.91
CA SER A 85 -7.23 9.78 3.44
C SER A 85 -7.45 9.67 1.94
N THR A 86 -7.86 10.78 1.33
CA THR A 86 -8.11 10.82 -0.11
C THR A 86 -6.88 10.33 -0.88
N CYS A 87 -7.11 9.43 -1.83
CA CYS A 87 -6.03 8.88 -2.63
C CYS A 87 -5.35 9.97 -3.47
N TYR A 88 -4.57 9.55 -4.46
CA TYR A 88 -3.88 10.48 -5.32
C TYR A 88 -3.82 9.96 -6.75
N TYR A 89 -4.99 9.82 -7.37
CA TYR A 89 -5.09 9.31 -8.73
C TYR A 89 -5.05 10.45 -9.75
N HIS A 90 -5.20 11.68 -9.26
CA HIS A 90 -5.18 12.85 -10.13
C HIS A 90 -3.77 13.21 -10.55
N LYS A 91 -3.27 12.56 -11.61
CA LYS A 91 -1.93 12.83 -12.10
C LYS A 91 -1.88 14.18 -12.81
N SER A 92 -2.45 14.25 -14.01
CA SER A 92 -2.48 15.48 -14.79
C SER A 92 -3.67 16.34 -14.40
N ALA A 1 -2.04 -17.62 18.02
CA ALA A 1 -0.90 -16.68 17.87
C ALA A 1 -0.74 -16.24 16.42
N PRO A 2 0.29 -15.41 16.15
CA PRO A 2 0.55 -14.91 14.80
C PRO A 2 0.91 -16.03 13.83
N ASP A 3 0.91 -15.72 12.54
CA ASP A 3 1.23 -16.70 11.52
C ASP A 3 1.62 -16.03 10.21
N VAL A 4 1.76 -16.83 9.15
CA VAL A 4 2.13 -16.32 7.84
C VAL A 4 0.95 -15.58 7.19
N GLN A 5 1.25 -14.75 6.20
CA GLN A 5 0.22 -13.98 5.50
C GLN A 5 0.76 -13.41 4.20
N ASP A 6 0.04 -13.66 3.10
CA ASP A 6 0.43 -13.15 1.79
C ASP A 6 0.65 -11.65 1.83
N CYS A 7 0.59 -11.01 0.65
CA CYS A 7 0.78 -9.56 0.55
C CYS A 7 0.35 -8.86 1.84
N PRO A 8 1.30 -8.23 2.54
CA PRO A 8 1.04 -7.52 3.80
C PRO A 8 -0.14 -6.56 3.69
N GLU A 9 -0.32 -5.74 4.71
CA GLU A 9 -1.41 -4.77 4.74
C GLU A 9 -1.07 -3.52 3.95
N CYS A 10 -2.06 -3.02 3.23
CA CYS A 10 -1.89 -1.82 2.41
C CYS A 10 -1.52 -0.62 3.27
N THR A 11 -0.34 -0.06 3.03
CA THR A 11 0.11 1.10 3.79
C THR A 11 1.57 1.41 3.50
N LEU A 12 2.17 2.24 4.34
CA LEU A 12 3.56 2.60 4.18
C LEU A 12 4.42 1.80 5.12
N GLN A 13 5.54 1.30 4.60
CA GLN A 13 6.45 0.52 5.41
C GLN A 13 7.61 1.38 5.83
N GLU A 14 7.25 2.53 6.36
CA GLU A 14 8.20 3.53 6.83
C GLU A 14 9.62 3.05 6.70
N ASN A 15 10.40 3.84 6.01
CA ASN A 15 11.79 3.53 5.76
C ASN A 15 12.69 3.85 6.94
N PRO A 16 13.08 2.82 7.70
CA PRO A 16 14.00 2.98 8.82
C PRO A 16 15.41 3.06 8.26
N PHE A 17 15.44 3.06 6.94
CA PHE A 17 16.66 3.12 6.15
C PHE A 17 16.98 4.56 5.81
N PHE A 18 16.05 5.18 5.08
CA PHE A 18 16.19 6.55 4.65
C PHE A 18 15.88 7.53 5.78
N SER A 19 15.06 7.11 6.73
CA SER A 19 14.68 7.94 7.85
C SER A 19 15.77 8.96 8.15
N GLN A 20 15.40 10.23 8.06
CA GLN A 20 16.33 11.31 8.31
C GLN A 20 16.16 11.89 9.70
N PRO A 21 17.03 12.83 10.09
CA PRO A 21 16.98 13.47 11.41
C PRO A 21 15.70 14.28 11.60
N GLY A 22 14.56 13.58 11.54
CA GLY A 22 13.28 14.26 11.71
C GLY A 22 12.21 13.76 10.75
N ALA A 23 12.51 12.71 10.01
CA ALA A 23 11.56 12.17 9.06
C ALA A 23 11.83 10.71 8.75
N PRO A 24 10.81 9.88 9.00
CA PRO A 24 10.85 8.45 8.77
C PRO A 24 10.28 8.06 7.42
N ILE A 25 11.17 7.93 6.46
CA ILE A 25 10.84 7.59 5.10
C ILE A 25 9.88 6.42 4.98
N LEU A 26 9.55 6.05 3.73
CA LEU A 26 8.59 4.98 3.49
C LEU A 26 8.69 4.33 2.15
N GLN A 27 7.63 3.60 1.85
CA GLN A 27 7.48 2.88 0.60
C GLN A 27 6.25 1.98 0.66
N CYS A 28 5.09 2.60 0.46
CA CYS A 28 3.80 1.91 0.50
C CYS A 28 3.96 0.42 0.22
N MET A 29 3.68 -0.40 1.23
CA MET A 29 3.78 -1.85 1.08
C MET A 29 2.56 -2.55 1.69
N GLY A 30 1.85 -3.31 0.86
CA GLY A 30 0.68 -4.01 1.32
C GLY A 30 -0.24 -4.44 0.20
N CYS A 31 -1.55 -4.26 0.38
CA CYS A 31 -2.52 -4.64 -0.63
C CYS A 31 -3.95 -4.44 -0.12
N CYS A 32 -4.86 -4.13 -1.05
CA CYS A 32 -6.26 -3.94 -0.69
C CYS A 32 -6.99 -5.27 -0.62
N PHE A 33 -6.23 -6.36 -0.68
CA PHE A 33 -6.77 -7.71 -0.63
C PHE A 33 -8.11 -7.80 -1.38
N SER A 34 -8.84 -8.88 -1.11
CA SER A 34 -10.13 -9.10 -1.75
C SER A 34 -11.07 -9.82 -0.78
N ARG A 35 -11.76 -10.85 -1.28
CA ARG A 35 -12.69 -11.61 -0.46
C ARG A 35 -12.15 -11.78 0.96
N ALA A 36 -13.05 -11.92 1.92
CA ALA A 36 -12.67 -12.09 3.32
C ALA A 36 -13.72 -12.91 4.07
N TYR A 37 -13.33 -14.10 4.51
CA TYR A 37 -14.25 -14.98 5.24
C TYR A 37 -14.68 -14.33 6.55
N PRO A 38 -13.78 -14.27 7.55
CA PRO A 38 -14.08 -13.68 8.85
C PRO A 38 -14.76 -12.31 8.72
N THR A 39 -14.91 -11.63 9.84
CA THR A 39 -15.54 -10.31 9.85
C THR A 39 -14.53 -9.24 10.22
N PRO A 40 -13.89 -8.62 9.22
CA PRO A 40 -12.87 -7.59 9.42
C PRO A 40 -13.33 -6.49 10.37
N LEU A 41 -12.60 -5.39 10.39
CA LEU A 41 -12.92 -4.26 11.26
C LEU A 41 -14.34 -3.77 11.03
N ARG A 42 -14.70 -2.70 11.73
CA ARG A 42 -16.04 -2.11 11.62
C ARG A 42 -15.95 -0.68 11.12
N SER A 43 -14.73 -0.19 10.93
CA SER A 43 -14.51 1.18 10.45
C SER A 43 -15.55 1.58 9.41
N LYS A 44 -15.33 1.18 8.16
CA LYS A 44 -16.26 1.50 7.09
C LYS A 44 -17.36 0.46 6.99
N LYS A 45 -18.59 0.90 7.25
CA LYS A 45 -19.75 0.00 7.20
C LYS A 45 -20.35 -0.01 5.80
N THR A 46 -20.95 1.11 5.41
CA THR A 46 -21.56 1.24 4.09
C THR A 46 -22.05 -0.11 3.57
N MET A 47 -23.34 -0.38 3.75
CA MET A 47 -23.93 -1.64 3.30
C MET A 47 -23.15 -2.23 2.13
N LEU A 48 -23.63 -1.98 0.91
CA LEU A 48 -22.98 -2.48 -0.28
C LEU A 48 -23.45 -1.71 -1.51
N VAL A 49 -22.57 -0.86 -2.05
CA VAL A 49 -22.90 -0.06 -3.22
C VAL A 49 -22.05 -0.47 -4.42
N GLN A 50 -22.70 -0.73 -5.54
CA GLN A 50 -22.00 -1.13 -6.75
C GLN A 50 -21.57 -2.59 -6.68
N LYS A 51 -21.03 -3.11 -7.78
CA LYS A 51 -20.58 -4.49 -7.82
C LYS A 51 -19.22 -4.59 -8.51
N ASN A 52 -18.26 -5.22 -7.83
CA ASN A 52 -16.92 -5.38 -8.38
C ASN A 52 -16.79 -6.70 -9.15
N VAL A 53 -16.23 -6.62 -10.35
CA VAL A 53 -16.04 -7.81 -11.18
C VAL A 53 -14.61 -7.91 -11.69
N THR A 54 -14.28 -9.04 -12.28
CA THR A 54 -12.94 -9.27 -12.83
C THR A 54 -12.24 -7.96 -13.17
N SER A 55 -11.29 -7.56 -12.32
CA SER A 55 -10.55 -6.31 -12.54
C SER A 55 -9.58 -6.05 -11.39
N GLU A 56 -8.63 -6.95 -11.21
CA GLU A 56 -7.64 -6.81 -10.14
C GLU A 56 -6.56 -5.79 -10.52
N SER A 57 -6.90 -4.51 -10.41
CA SER A 57 -5.96 -3.44 -10.74
C SER A 57 -5.76 -2.51 -9.55
N THR A 58 -6.16 -2.98 -8.37
CA THR A 58 -6.02 -2.18 -7.15
C THR A 58 -4.56 -1.82 -6.90
N CYS A 59 -4.33 -0.94 -5.93
CA CYS A 59 -2.98 -0.51 -5.58
C CYS A 59 -3.01 0.78 -4.77
N CYS A 60 -2.24 0.80 -3.70
CA CYS A 60 -2.17 1.96 -2.82
C CYS A 60 -1.08 2.93 -3.26
N VAL A 61 -1.38 3.76 -4.25
CA VAL A 61 -0.42 4.74 -4.74
C VAL A 61 -0.40 5.96 -3.84
N ALA A 62 0.56 6.00 -2.92
CA ALA A 62 0.69 7.11 -1.98
C ALA A 62 -0.15 8.31 -2.39
N LYS A 63 -1.21 8.57 -1.63
CA LYS A 63 -2.09 9.69 -1.90
C LYS A 63 -1.28 10.97 -1.90
N SER A 64 -0.26 10.98 -1.05
CA SER A 64 0.62 12.13 -0.93
C SER A 64 2.03 11.69 -0.57
N TYR A 65 2.99 12.04 -1.40
CA TYR A 65 4.37 11.65 -1.17
C TYR A 65 5.22 12.84 -0.74
N ASN A 66 6.31 12.55 -0.03
CA ASN A 66 7.23 13.61 0.37
C ASN A 66 8.61 13.21 -0.08
N ARG A 67 8.57 12.39 -1.11
CA ARG A 67 9.75 11.84 -1.76
C ARG A 67 11.03 12.41 -1.18
N VAL A 68 11.75 11.55 -0.49
CA VAL A 68 13.01 11.91 0.13
C VAL A 68 14.17 11.23 -0.59
N THR A 69 14.13 11.29 -1.91
CA THR A 69 15.14 10.67 -2.75
C THR A 69 16.45 10.49 -2.00
N VAL A 70 16.86 9.25 -1.84
CA VAL A 70 18.08 8.93 -1.13
C VAL A 70 18.99 8.03 -1.96
N MET A 71 20.02 7.52 -1.29
CA MET A 71 21.00 6.66 -1.92
C MET A 71 21.24 7.07 -3.36
N GLY A 72 21.24 6.10 -4.26
CA GLY A 72 21.45 6.38 -5.66
C GLY A 72 20.22 6.92 -6.36
N GLY A 73 19.34 7.57 -5.59
CA GLY A 73 18.12 8.11 -6.17
C GLY A 73 16.88 7.33 -5.78
N PHE A 74 16.82 6.88 -4.53
CA PHE A 74 15.67 6.12 -4.05
C PHE A 74 14.53 7.05 -3.66
N LYS A 75 13.46 7.02 -4.42
CA LYS A 75 12.31 7.86 -4.17
C LYS A 75 11.23 7.12 -3.36
N VAL A 76 11.19 7.40 -2.06
CA VAL A 76 10.20 6.80 -1.17
C VAL A 76 8.96 7.63 -1.17
N GLU A 77 8.89 8.50 -2.16
CA GLU A 77 7.78 9.42 -2.27
C GLU A 77 7.31 9.71 -0.87
N ASN A 78 8.30 9.77 0.02
CA ASN A 78 8.10 9.98 1.44
C ASN A 78 6.62 9.97 1.72
N HIS A 79 6.03 8.83 1.39
CA HIS A 79 4.60 8.63 1.50
C HIS A 79 3.99 9.27 2.71
N THR A 80 3.17 10.25 2.42
CA THR A 80 2.44 10.98 3.43
C THR A 80 1.03 10.40 3.53
N ALA A 81 0.63 9.70 2.47
CA ALA A 81 -0.67 9.06 2.41
C ALA A 81 -0.70 8.01 1.30
N CYS A 82 -1.60 7.03 1.44
CA CYS A 82 -1.71 5.95 0.45
C CYS A 82 -3.18 5.57 0.24
N HIS A 83 -3.60 5.50 -1.02
CA HIS A 83 -4.97 5.15 -1.35
C HIS A 83 -5.01 4.14 -2.51
N CYS A 84 -5.82 3.09 -2.35
CA CYS A 84 -5.94 2.08 -3.40
C CYS A 84 -6.35 2.72 -4.72
N SER A 85 -5.90 2.13 -5.83
CA SER A 85 -6.22 2.64 -7.16
C SER A 85 -5.60 1.77 -8.24
N THR A 86 -5.35 2.36 -9.41
CA THR A 86 -4.77 1.63 -10.53
C THR A 86 -3.26 1.52 -10.39
N CYS A 87 -2.69 0.49 -11.04
CA CYS A 87 -1.25 0.27 -10.99
C CYS A 87 -0.86 -0.86 -11.94
N TYR A 88 -1.11 -0.66 -13.22
CA TYR A 88 -0.78 -1.67 -14.23
C TYR A 88 0.44 -2.48 -13.83
N TYR A 89 0.32 -3.81 -13.92
CA TYR A 89 1.42 -4.69 -13.57
C TYR A 89 2.74 -4.17 -14.09
N HIS A 90 3.75 -4.16 -13.22
CA HIS A 90 5.09 -3.68 -13.58
C HIS A 90 6.16 -4.35 -12.73
N LYS A 91 6.89 -5.28 -13.34
CA LYS A 91 7.95 -6.00 -12.63
C LYS A 91 9.32 -5.52 -13.08
N SER A 92 9.85 -6.12 -14.13
CA SER A 92 11.17 -5.76 -14.65
C SER A 92 11.10 -4.46 -15.45
N ALA A 1 20.32 -2.11 -14.59
CA ALA A 1 18.98 -2.60 -14.15
C ALA A 1 19.09 -3.99 -13.54
N PRO A 2 19.23 -4.06 -12.20
CA PRO A 2 19.34 -5.32 -11.47
C PRO A 2 18.41 -6.39 -12.02
N ASP A 3 18.62 -7.64 -11.58
CA ASP A 3 17.81 -8.75 -12.02
C ASP A 3 16.95 -9.29 -10.87
N VAL A 4 15.66 -9.48 -11.17
CA VAL A 4 14.73 -9.99 -10.17
C VAL A 4 13.49 -10.57 -10.85
N GLN A 5 12.43 -10.80 -10.07
CA GLN A 5 11.19 -11.36 -10.61
C GLN A 5 10.34 -11.99 -9.52
N ASP A 6 10.74 -11.79 -8.27
CA ASP A 6 10.00 -12.34 -7.14
C ASP A 6 9.39 -11.22 -6.29
N CYS A 7 8.84 -11.60 -5.14
CA CYS A 7 8.22 -10.63 -4.24
C CYS A 7 8.32 -11.10 -2.79
N PRO A 8 9.31 -10.58 -2.06
CA PRO A 8 9.54 -10.94 -0.65
C PRO A 8 8.53 -10.30 0.29
N GLU A 9 7.27 -10.68 0.14
CA GLU A 9 6.20 -10.15 0.98
C GLU A 9 6.14 -8.62 0.91
N CYS A 10 4.98 -8.09 0.55
CA CYS A 10 4.78 -6.65 0.45
C CYS A 10 5.28 -5.94 1.72
N THR A 11 6.19 -4.98 1.53
CA THR A 11 6.74 -4.23 2.65
C THR A 11 7.38 -2.95 2.16
N LEU A 12 8.11 -2.28 3.05
CA LEU A 12 8.79 -1.04 2.71
C LEU A 12 10.23 -1.30 2.33
N GLN A 13 10.63 -0.68 1.23
CA GLN A 13 12.00 -0.83 0.77
C GLN A 13 12.83 0.37 1.12
N GLU A 14 12.79 0.68 2.40
CA GLU A 14 13.52 1.82 2.96
C GLU A 14 14.36 2.51 1.91
N ASN A 15 14.07 3.78 1.73
CA ASN A 15 14.75 4.61 0.76
C ASN A 15 16.18 4.93 1.16
N PRO A 16 17.15 4.34 0.45
CA PRO A 16 18.57 4.59 0.69
C PRO A 16 19.02 5.83 -0.07
N PHE A 17 18.11 6.79 -0.17
CA PHE A 17 18.34 8.03 -0.88
C PHE A 17 18.10 9.23 0.02
N PHE A 18 16.86 9.37 0.44
CA PHE A 18 16.44 10.46 1.30
C PHE A 18 17.04 10.31 2.70
N SER A 19 17.20 9.06 3.13
CA SER A 19 17.74 8.75 4.45
C SER A 19 18.20 9.99 5.20
N GLN A 20 17.61 10.21 6.37
CA GLN A 20 17.95 11.36 7.21
C GLN A 20 18.20 10.93 8.64
N PRO A 21 18.92 11.75 9.42
CA PRO A 21 19.22 11.46 10.81
C PRO A 21 18.10 10.72 11.53
N GLY A 22 18.05 9.40 11.34
CA GLY A 22 17.03 8.60 11.98
C GLY A 22 15.86 8.28 11.05
N ALA A 23 16.13 8.13 9.77
CA ALA A 23 15.07 7.82 8.81
C ALA A 23 15.63 7.62 7.41
N PRO A 24 15.59 6.36 6.95
CA PRO A 24 16.08 5.94 5.65
C PRO A 24 14.97 5.82 4.62
N ILE A 25 13.96 6.67 4.75
CA ILE A 25 12.82 6.70 3.86
C ILE A 25 12.42 5.33 3.38
N LEU A 26 11.36 5.27 2.57
CA LEU A 26 10.85 3.99 2.13
C LEU A 26 10.04 4.07 0.86
N GLN A 27 9.26 3.05 0.69
CA GLN A 27 8.37 2.91 -0.46
C GLN A 27 7.92 1.48 -0.63
N CYS A 28 6.90 1.11 0.12
CA CYS A 28 6.35 -0.25 0.08
C CYS A 28 6.61 -0.90 -1.26
N MET A 29 7.50 -1.90 -1.28
CA MET A 29 7.83 -2.59 -2.52
C MET A 29 7.76 -4.11 -2.33
N GLY A 30 6.63 -4.70 -2.70
CA GLY A 30 6.47 -6.13 -2.58
C GLY A 30 5.06 -6.58 -2.94
N CYS A 31 4.65 -7.74 -2.42
CA CYS A 31 3.32 -8.26 -2.71
C CYS A 31 2.70 -8.88 -1.47
N CYS A 32 1.44 -8.54 -1.21
CA CYS A 32 0.72 -9.06 -0.06
C CYS A 32 0.31 -10.50 -0.29
N PHE A 33 -0.62 -11.00 0.54
CA PHE A 33 -1.09 -12.38 0.42
C PHE A 33 -2.53 -12.42 -0.08
N SER A 34 -3.48 -12.37 0.85
CA SER A 34 -4.89 -12.42 0.50
C SER A 34 -5.70 -11.36 1.26
N ARG A 35 -5.38 -11.19 2.54
CA ARG A 35 -6.10 -10.23 3.38
C ARG A 35 -7.53 -10.68 3.64
N ALA A 36 -7.70 -11.50 4.67
CA ALA A 36 -9.01 -12.02 5.04
C ALA A 36 -9.90 -10.94 5.64
N TYR A 37 -11.11 -11.33 6.04
CA TYR A 37 -12.05 -10.39 6.64
C TYR A 37 -12.34 -10.76 8.09
N PRO A 38 -11.73 -10.04 9.04
CA PRO A 38 -11.92 -10.29 10.48
C PRO A 38 -13.39 -10.41 10.86
N THR A 39 -13.65 -10.61 12.15
CA THR A 39 -15.01 -10.76 12.65
C THR A 39 -15.97 -9.87 11.86
N PRO A 40 -17.06 -10.47 11.36
CA PRO A 40 -18.08 -9.73 10.59
C PRO A 40 -18.62 -8.52 11.33
N LEU A 41 -18.38 -7.34 10.78
CA LEU A 41 -18.86 -6.10 11.39
C LEU A 41 -20.25 -5.75 10.87
N ARG A 42 -20.48 -4.46 10.64
CA ARG A 42 -21.77 -4.00 10.12
C ARG A 42 -21.77 -4.01 8.60
N SER A 43 -20.79 -4.71 8.03
CA SER A 43 -20.65 -4.81 6.59
C SER A 43 -19.33 -5.48 6.23
N LYS A 44 -18.24 -4.95 6.77
CA LYS A 44 -16.91 -5.49 6.53
C LYS A 44 -16.77 -5.99 5.10
N LYS A 45 -17.51 -5.37 4.18
CA LYS A 45 -17.47 -5.76 2.77
C LYS A 45 -18.17 -7.10 2.57
N THR A 46 -19.49 -7.06 2.44
CA THR A 46 -20.27 -8.28 2.24
C THR A 46 -21.01 -8.23 0.90
N MET A 47 -21.15 -7.03 0.36
CA MET A 47 -21.84 -6.84 -0.92
C MET A 47 -20.97 -7.34 -2.08
N LEU A 48 -20.84 -8.66 -2.18
CA LEU A 48 -20.05 -9.26 -3.25
C LEU A 48 -20.83 -10.36 -3.95
N VAL A 49 -20.47 -10.64 -5.20
CA VAL A 49 -21.15 -11.68 -5.97
C VAL A 49 -22.55 -11.24 -6.39
N GLN A 50 -22.82 -9.95 -6.28
CA GLN A 50 -24.13 -9.41 -6.64
C GLN A 50 -23.98 -8.04 -7.31
N LYS A 51 -24.15 -8.00 -8.62
CA LYS A 51 -24.01 -6.76 -9.37
C LYS A 51 -22.59 -6.24 -9.29
N ASN A 52 -22.26 -5.29 -10.16
CA ASN A 52 -20.92 -4.72 -10.18
C ASN A 52 -19.86 -5.81 -10.06
N VAL A 53 -19.75 -6.65 -11.09
CA VAL A 53 -18.79 -7.74 -11.09
C VAL A 53 -17.42 -7.27 -11.61
N THR A 54 -16.38 -7.95 -11.18
CA THR A 54 -15.02 -7.61 -11.60
C THR A 54 -14.02 -8.62 -11.02
N SER A 55 -13.85 -8.58 -9.70
CA SER A 55 -12.93 -9.48 -9.01
C SER A 55 -12.25 -8.78 -7.84
N GLU A 56 -12.27 -7.45 -7.87
CA GLU A 56 -11.65 -6.65 -6.82
C GLU A 56 -10.18 -7.00 -6.67
N SER A 57 -9.45 -6.18 -5.91
CA SER A 57 -8.03 -6.40 -5.70
C SER A 57 -7.57 -5.76 -4.40
N THR A 58 -6.27 -5.52 -4.28
CA THR A 58 -5.70 -4.91 -3.09
C THR A 58 -4.54 -4.00 -3.47
N CYS A 59 -3.82 -3.52 -2.45
CA CYS A 59 -2.67 -2.65 -2.68
C CYS A 59 -2.11 -2.14 -1.35
N CYS A 60 -0.78 -2.12 -1.26
CA CYS A 60 -0.11 -1.66 -0.05
C CYS A 60 0.07 -0.16 -0.07
N VAL A 61 -1.03 0.57 0.15
CA VAL A 61 -0.99 2.02 0.16
C VAL A 61 -0.63 2.56 1.54
N ALA A 62 0.53 2.15 2.04
CA ALA A 62 1.00 2.59 3.36
C ALA A 62 -0.15 3.00 4.28
N LYS A 63 -0.42 2.17 5.29
CA LYS A 63 -1.47 2.45 6.25
C LYS A 63 -1.25 3.84 6.82
N SER A 64 0.01 4.13 7.07
CA SER A 64 0.42 5.42 7.60
C SER A 64 1.74 5.84 6.97
N TYR A 65 1.67 6.86 6.14
CA TYR A 65 2.85 7.36 5.43
C TYR A 65 3.38 8.64 6.05
N ASN A 66 4.68 8.88 5.87
CA ASN A 66 5.26 10.11 6.37
C ASN A 66 5.92 10.82 5.21
N ARG A 67 5.36 10.52 4.06
CA ARG A 67 5.79 11.06 2.77
C ARG A 67 6.84 12.14 2.95
N VAL A 68 8.07 11.77 2.64
CA VAL A 68 9.21 12.67 2.75
C VAL A 68 9.71 13.11 1.39
N THR A 69 8.78 13.55 0.55
CA THR A 69 9.10 14.00 -0.81
C THR A 69 10.59 14.28 -0.98
N VAL A 70 11.21 13.51 -1.87
CA VAL A 70 12.64 13.68 -2.15
C VAL A 70 12.87 14.00 -3.62
N MET A 71 14.14 13.92 -4.00
CA MET A 71 14.56 14.19 -5.37
C MET A 71 13.68 15.27 -5.99
N GLY A 72 13.33 15.10 -7.26
CA GLY A 72 12.49 16.06 -7.93
C GLY A 72 11.03 15.98 -7.49
N GLY A 73 10.81 15.35 -6.34
CA GLY A 73 9.47 15.19 -5.81
C GLY A 73 9.09 13.74 -5.61
N PHE A 74 9.95 13.01 -4.92
CA PHE A 74 9.69 11.60 -4.65
C PHE A 74 8.99 11.40 -3.32
N LYS A 75 7.73 11.00 -3.39
CA LYS A 75 6.93 10.78 -2.19
C LYS A 75 6.94 9.32 -1.77
N VAL A 76 7.72 9.03 -0.73
CA VAL A 76 7.83 7.68 -0.19
C VAL A 76 6.80 7.45 0.85
N GLU A 77 5.84 8.35 0.88
CA GLU A 77 4.81 8.29 1.88
C GLU A 77 5.46 7.73 3.14
N ASN A 78 6.72 8.11 3.30
CA ASN A 78 7.56 7.65 4.39
C ASN A 78 6.80 6.61 5.17
N HIS A 79 6.51 5.53 4.46
CA HIS A 79 5.70 4.45 4.98
C HIS A 79 5.98 4.08 6.42
N THR A 80 5.00 4.39 7.24
CA THR A 80 5.05 4.08 8.66
C THR A 80 4.27 2.79 8.91
N ALA A 81 3.45 2.43 7.93
CA ALA A 81 2.64 1.21 7.98
C ALA A 81 2.06 0.93 6.61
N CYS A 82 1.88 -0.35 6.27
CA CYS A 82 1.34 -0.71 4.97
C CYS A 82 0.16 -1.66 5.08
N HIS A 83 -0.94 -1.31 4.41
CA HIS A 83 -2.15 -2.12 4.44
C HIS A 83 -2.62 -2.43 3.01
N CYS A 84 -2.78 -3.71 2.72
CA CYS A 84 -3.23 -4.15 1.41
C CYS A 84 -4.70 -3.81 1.19
N SER A 85 -4.96 -2.88 0.27
CA SER A 85 -6.33 -2.46 -0.03
C SER A 85 -6.35 -1.43 -1.16
N THR A 86 -7.42 -1.44 -1.94
CA THR A 86 -7.56 -0.51 -3.06
C THR A 86 -7.01 0.87 -2.68
N CYS A 87 -6.23 1.45 -3.58
CA CYS A 87 -5.63 2.75 -3.34
C CYS A 87 -5.94 3.71 -4.47
N TYR A 88 -6.69 4.76 -4.16
CA TYR A 88 -7.06 5.77 -5.14
C TYR A 88 -7.48 7.07 -4.46
N TYR A 89 -8.07 7.97 -5.23
CA TYR A 89 -8.52 9.25 -4.70
C TYR A 89 -9.54 9.90 -5.64
N HIS A 90 -9.28 9.78 -6.94
CA HIS A 90 -10.17 10.34 -7.95
C HIS A 90 -11.63 10.18 -7.55
N LYS A 91 -11.92 9.11 -6.81
CA LYS A 91 -13.29 8.84 -6.37
C LYS A 91 -13.72 9.83 -5.28
N SER A 92 -13.90 9.33 -4.05
CA SER A 92 -14.32 10.18 -2.95
C SER A 92 -13.37 10.06 -1.77
N ALA A 1 13.03 -20.93 6.07
CA ALA A 1 11.98 -20.30 6.91
C ALA A 1 12.22 -18.80 7.05
N PRO A 2 13.25 -18.41 7.80
CA PRO A 2 13.58 -17.00 8.01
C PRO A 2 14.09 -16.34 6.73
N ASP A 3 13.17 -15.94 5.87
CA ASP A 3 13.54 -15.30 4.61
C ASP A 3 12.97 -13.88 4.55
N VAL A 4 13.84 -12.90 4.79
CA VAL A 4 13.44 -11.49 4.76
C VAL A 4 11.95 -11.33 4.98
N GLN A 5 11.50 -11.63 6.19
CA GLN A 5 10.07 -11.51 6.53
C GLN A 5 9.80 -10.20 7.27
N ASP A 6 10.75 -9.27 7.18
CA ASP A 6 10.61 -7.97 7.82
C ASP A 6 9.93 -6.97 6.89
N CYS A 7 9.26 -7.50 5.87
CA CYS A 7 8.57 -6.66 4.89
C CYS A 7 7.93 -7.52 3.81
N PRO A 8 6.81 -8.20 4.14
CA PRO A 8 6.10 -9.07 3.21
C PRO A 8 5.80 -8.39 1.88
N GLU A 9 5.04 -9.07 1.03
CA GLU A 9 4.68 -8.54 -0.28
C GLU A 9 3.54 -7.54 -0.16
N CYS A 10 3.13 -6.98 -1.29
CA CYS A 10 2.04 -6.01 -1.31
C CYS A 10 0.68 -6.70 -1.21
N THR A 11 -0.26 -6.05 -0.55
CA THR A 11 -1.61 -6.60 -0.39
C THR A 11 -2.47 -5.63 0.42
N LEU A 12 -3.62 -6.11 0.86
CA LEU A 12 -4.53 -5.29 1.63
C LEU A 12 -4.34 -5.48 3.12
N GLN A 13 -4.37 -4.39 3.85
CA GLN A 13 -4.23 -4.45 5.30
C GLN A 13 -5.56 -4.21 5.97
N GLU A 14 -6.54 -4.95 5.48
CA GLU A 14 -7.92 -4.89 5.96
C GLU A 14 -8.10 -3.83 7.03
N ASN A 15 -9.04 -2.94 6.79
CA ASN A 15 -9.33 -1.85 7.69
C ASN A 15 -10.15 -2.28 8.90
N PRO A 16 -9.51 -2.37 10.08
CA PRO A 16 -10.19 -2.68 11.32
C PRO A 16 -10.91 -1.44 11.83
N PHE A 17 -10.96 -0.45 10.95
CA PHE A 17 -11.59 0.84 11.23
C PHE A 17 -12.92 0.95 10.50
N PHE A 18 -12.84 0.89 9.19
CA PHE A 18 -14.01 1.00 8.33
C PHE A 18 -14.75 -0.34 8.22
N SER A 19 -14.17 -1.37 8.82
CA SER A 19 -14.76 -2.69 8.79
C SER A 19 -16.26 -2.64 8.64
N GLN A 20 -16.75 -3.35 7.64
CA GLN A 20 -18.18 -3.41 7.35
C GLN A 20 -18.76 -4.74 7.84
N PRO A 21 -20.09 -4.91 7.72
CA PRO A 21 -20.77 -6.14 8.14
C PRO A 21 -20.44 -7.30 7.20
N GLY A 22 -19.17 -7.65 7.15
CA GLY A 22 -18.74 -8.73 6.28
C GLY A 22 -17.42 -8.41 5.58
N ALA A 23 -16.91 -7.22 5.84
CA ALA A 23 -15.65 -6.78 5.23
C ALA A 23 -14.97 -5.73 6.06
N PRO A 24 -13.82 -6.09 6.62
CA PRO A 24 -13.03 -5.22 7.47
C PRO A 24 -12.28 -4.16 6.67
N ILE A 25 -12.91 -3.65 5.62
CA ILE A 25 -12.33 -2.63 4.77
C ILE A 25 -10.84 -2.82 4.57
N LEU A 26 -10.21 -1.94 3.79
CA LEU A 26 -8.79 -2.13 3.50
C LEU A 26 -8.03 -0.89 3.12
N GLN A 27 -6.84 -1.18 2.68
CA GLN A 27 -5.88 -0.18 2.23
C GLN A 27 -4.58 -0.84 1.82
N CYS A 28 -4.55 -1.34 0.59
CA CYS A 28 -3.39 -2.03 0.04
C CYS A 28 -2.10 -1.54 0.69
N MET A 29 -1.48 -2.39 1.50
CA MET A 29 -0.24 -2.01 2.17
C MET A 29 0.76 -3.17 2.18
N GLY A 30 2.03 -2.84 1.98
CA GLY A 30 3.08 -3.85 1.97
C GLY A 30 4.34 -3.32 1.33
N CYS A 31 5.02 -4.17 0.57
CA CYS A 31 6.26 -3.78 -0.09
C CYS A 31 6.64 -4.80 -1.18
N CYS A 32 6.82 -4.31 -2.40
CA CYS A 32 7.18 -5.17 -3.52
C CYS A 32 8.69 -5.30 -3.64
N PHE A 33 9.19 -6.51 -3.42
CA PHE A 33 10.63 -6.78 -3.49
C PHE A 33 10.91 -8.12 -4.17
N SER A 34 12.17 -8.35 -4.49
CA SER A 34 12.58 -9.60 -5.14
C SER A 34 14.07 -9.55 -5.47
N ARG A 35 14.90 -9.89 -4.49
CA ARG A 35 16.34 -9.88 -4.67
C ARG A 35 16.78 -8.58 -5.33
N ALA A 36 18.04 -8.52 -5.75
CA ALA A 36 18.58 -7.33 -6.40
C ALA A 36 17.96 -6.07 -5.82
N TYR A 37 18.59 -5.53 -4.78
CA TYR A 37 18.10 -4.32 -4.12
C TYR A 37 19.23 -3.64 -3.35
N PRO A 38 19.62 -2.43 -3.79
CA PRO A 38 20.69 -1.66 -3.15
C PRO A 38 20.34 -1.22 -1.72
N THR A 39 20.98 -0.16 -1.26
CA THR A 39 20.75 0.37 0.09
C THR A 39 19.28 0.24 0.48
N PRO A 40 18.99 0.39 1.78
CA PRO A 40 17.64 0.31 2.30
C PRO A 40 16.92 1.64 2.23
N LEU A 41 15.93 1.84 3.10
CA LEU A 41 15.17 3.08 3.11
C LEU A 41 14.76 3.49 4.53
N ARG A 42 14.65 2.50 5.41
CA ARG A 42 14.26 2.77 6.80
C ARG A 42 15.46 2.61 7.73
N SER A 43 15.73 3.64 8.52
CA SER A 43 16.84 3.62 9.46
C SER A 43 16.39 4.09 10.85
N LYS A 44 15.20 3.66 11.25
CA LYS A 44 14.65 4.03 12.55
C LYS A 44 14.01 5.41 12.50
N LYS A 45 14.81 6.42 12.20
CA LYS A 45 14.31 7.79 12.12
C LYS A 45 12.90 7.84 11.56
N THR A 46 11.92 8.04 12.45
CA THR A 46 10.51 8.12 12.06
C THR A 46 10.27 7.42 10.73
N MET A 47 10.24 8.20 9.65
CA MET A 47 10.01 7.67 8.31
C MET A 47 10.01 8.80 7.29
N LEU A 48 9.85 8.45 6.02
CA LEU A 48 9.84 9.45 4.96
C LEU A 48 10.87 10.54 5.23
N VAL A 49 12.15 10.17 5.15
CA VAL A 49 13.23 11.11 5.38
C VAL A 49 14.03 11.36 4.12
N GLN A 50 14.96 12.31 4.20
CA GLN A 50 15.79 12.66 3.05
C GLN A 50 15.00 12.53 1.74
N LYS A 51 13.72 12.87 1.81
CA LYS A 51 12.85 12.78 0.64
C LYS A 51 12.58 11.33 0.26
N ASN A 52 11.31 10.98 0.09
CA ASN A 52 10.93 9.64 -0.27
C ASN A 52 11.17 9.36 -1.75
N VAL A 53 11.23 8.09 -2.12
CA VAL A 53 11.47 7.69 -3.50
C VAL A 53 10.83 8.68 -4.48
N THR A 54 11.38 8.74 -5.69
CA THR A 54 10.87 9.63 -6.72
C THR A 54 10.53 8.86 -7.99
N SER A 55 9.24 8.62 -8.21
CA SER A 55 8.80 7.90 -9.39
C SER A 55 9.38 6.49 -9.42
N GLU A 56 9.05 5.74 -10.47
CA GLU A 56 9.54 4.38 -10.62
C GLU A 56 9.63 3.68 -9.27
N SER A 57 8.57 3.78 -8.48
CA SER A 57 8.53 3.15 -7.17
C SER A 57 7.43 2.10 -7.10
N THR A 58 6.73 1.91 -8.21
CA THR A 58 5.65 0.93 -8.28
C THR A 58 4.60 1.18 -7.20
N CYS A 59 3.38 0.75 -7.45
CA CYS A 59 2.29 0.93 -6.49
C CYS A 59 1.22 -0.14 -6.65
N CYS A 60 0.49 -0.39 -5.57
CA CYS A 60 -0.58 -1.39 -5.57
C CYS A 60 -1.90 -0.74 -5.17
N VAL A 61 -2.47 0.05 -6.08
CA VAL A 61 -3.73 0.74 -5.82
C VAL A 61 -4.93 -0.19 -6.01
N ALA A 62 -4.92 -1.31 -5.29
CA ALA A 62 -6.02 -2.27 -5.36
C ALA A 62 -6.39 -2.61 -6.80
N LYS A 63 -6.11 -3.85 -7.21
CA LYS A 63 -6.45 -4.33 -8.54
C LYS A 63 -7.93 -4.12 -8.78
N SER A 64 -8.69 -4.28 -7.71
CA SER A 64 -10.13 -4.11 -7.73
C SER A 64 -10.60 -3.58 -6.39
N TYR A 65 -11.30 -2.46 -6.41
CA TYR A 65 -11.76 -1.84 -5.18
C TYR A 65 -13.24 -2.04 -4.96
N ASN A 66 -13.67 -1.94 -3.70
CA ASN A 66 -15.09 -2.04 -3.37
C ASN A 66 -15.43 -0.84 -2.53
N ARG A 67 -14.60 0.16 -2.72
CA ARG A 67 -14.68 1.44 -2.04
C ARG A 67 -15.90 1.52 -1.14
N VAL A 68 -15.63 1.62 0.14
CA VAL A 68 -16.67 1.74 1.15
C VAL A 68 -16.52 3.06 1.89
N THR A 69 -16.47 4.15 1.13
CA THR A 69 -16.31 5.46 1.71
C THR A 69 -16.76 5.46 3.16
N VAL A 70 -15.83 5.75 4.04
CA VAL A 70 -16.09 5.76 5.46
C VAL A 70 -15.95 7.16 6.01
N MET A 71 -16.07 7.26 7.33
CA MET A 71 -15.95 8.53 8.02
C MET A 71 -16.43 9.69 7.16
N GLY A 72 -15.82 10.85 7.35
CA GLY A 72 -16.19 12.03 6.60
C GLY A 72 -16.36 11.76 5.12
N GLY A 73 -15.81 10.67 4.63
CA GLY A 73 -15.92 10.35 3.22
C GLY A 73 -14.65 9.70 2.68
N PHE A 74 -13.97 8.93 3.53
CA PHE A 74 -12.75 8.25 3.12
C PHE A 74 -13.02 7.33 1.94
N LYS A 75 -12.00 6.57 1.55
CA LYS A 75 -12.14 5.65 0.43
C LYS A 75 -11.07 4.56 0.47
N VAL A 76 -11.45 3.38 0.95
CA VAL A 76 -10.54 2.23 1.03
C VAL A 76 -10.66 1.42 -0.20
N GLU A 77 -11.25 2.02 -1.20
CA GLU A 77 -11.50 1.32 -2.44
C GLU A 77 -11.72 -0.13 -2.08
N ASN A 78 -12.36 -0.28 -0.93
CA ASN A 78 -12.64 -1.58 -0.33
C ASN A 78 -11.93 -2.64 -1.14
N HIS A 79 -10.63 -2.46 -1.22
CA HIS A 79 -9.76 -3.31 -2.00
C HIS A 79 -10.21 -4.75 -2.05
N THR A 80 -10.61 -5.13 -3.24
CA THR A 80 -11.05 -6.48 -3.52
C THR A 80 -9.87 -7.28 -4.07
N ALA A 81 -8.86 -6.54 -4.53
CA ALA A 81 -7.66 -7.13 -5.08
C ALA A 81 -6.56 -6.08 -5.16
N CYS A 82 -5.30 -6.50 -5.06
CA CYS A 82 -4.19 -5.57 -5.13
C CYS A 82 -3.36 -5.82 -6.38
N HIS A 83 -2.43 -4.93 -6.69
CA HIS A 83 -1.59 -5.08 -7.87
C HIS A 83 -0.50 -4.03 -7.94
N CYS A 84 0.73 -4.45 -7.66
CA CYS A 84 1.88 -3.55 -7.71
C CYS A 84 2.02 -2.95 -9.10
N SER A 85 2.82 -1.89 -9.21
CA SER A 85 3.04 -1.24 -10.49
C SER A 85 1.74 -0.62 -11.00
N THR A 86 1.50 -0.74 -12.31
CA THR A 86 0.29 -0.20 -12.92
C THR A 86 0.07 1.24 -12.47
N CYS A 87 1.15 2.02 -12.44
CA CYS A 87 1.07 3.42 -12.05
C CYS A 87 1.39 4.34 -13.23
N TYR A 88 0.52 5.32 -13.46
CA TYR A 88 0.71 6.25 -14.56
C TYR A 88 1.28 7.58 -14.06
N TYR A 89 2.04 8.26 -14.92
CA TYR A 89 2.64 9.54 -14.57
C TYR A 89 2.08 10.66 -15.45
N HIS A 90 0.75 10.72 -15.56
CA HIS A 90 0.09 11.73 -16.37
C HIS A 90 0.18 13.10 -15.70
N LYS A 91 0.95 14.00 -16.30
CA LYS A 91 1.12 15.34 -15.76
C LYS A 91 -0.22 16.05 -15.64
N SER A 92 -0.50 16.97 -16.55
CA SER A 92 -1.74 17.72 -16.53
C SER A 92 -1.76 18.79 -17.62
N ALA A 1 14.66 -8.54 -16.34
CA ALA A 1 15.79 -9.46 -16.03
C ALA A 1 15.57 -10.15 -14.69
N PRO A 2 16.08 -11.39 -14.56
CA PRO A 2 15.96 -12.17 -13.32
C PRO A 2 16.72 -11.54 -12.16
N ASP A 3 16.15 -11.61 -10.96
CA ASP A 3 16.78 -11.05 -9.77
C ASP A 3 16.67 -12.01 -8.60
N VAL A 4 17.82 -12.40 -8.04
CA VAL A 4 17.83 -13.31 -6.90
C VAL A 4 17.01 -12.77 -5.74
N GLN A 5 17.11 -13.42 -4.60
CA GLN A 5 16.37 -13.00 -3.41
C GLN A 5 14.98 -13.61 -3.41
N ASP A 6 14.24 -13.37 -2.33
CA ASP A 6 12.88 -13.89 -2.19
C ASP A 6 11.97 -12.87 -1.54
N CYS A 7 11.01 -12.37 -2.31
CA CYS A 7 10.05 -11.38 -1.81
C CYS A 7 8.76 -12.04 -1.36
N PRO A 8 8.09 -11.45 -0.36
CA PRO A 8 6.83 -11.96 0.19
C PRO A 8 5.64 -11.57 -0.68
N GLU A 9 5.92 -11.21 -1.93
CA GLU A 9 4.88 -10.81 -2.87
C GLU A 9 4.07 -9.64 -2.31
N CYS A 10 3.36 -8.95 -3.20
CA CYS A 10 2.55 -7.80 -2.81
C CYS A 10 1.28 -8.25 -2.08
N THR A 11 0.79 -7.42 -1.17
CA THR A 11 -0.41 -7.73 -0.40
C THR A 11 -0.86 -6.53 0.42
N LEU A 12 -1.74 -6.77 1.37
CA LEU A 12 -2.24 -5.70 2.23
C LEU A 12 -1.64 -5.79 3.61
N GLN A 13 -1.20 -4.65 4.12
CA GLN A 13 -0.62 -4.60 5.44
C GLN A 13 -1.67 -4.28 6.47
N GLU A 14 -2.79 -4.94 6.31
CA GLU A 14 -3.94 -4.78 7.18
C GLU A 14 -3.64 -3.80 8.30
N ASN A 15 -4.42 -2.74 8.31
CA ASN A 15 -4.27 -1.68 9.28
C ASN A 15 -4.89 -2.00 10.63
N PRO A 16 -4.05 -2.34 11.62
CA PRO A 16 -4.51 -2.59 12.97
C PRO A 16 -4.69 -1.25 13.67
N PHE A 17 -4.45 -0.21 12.88
CA PHE A 17 -4.56 1.17 13.32
C PHE A 17 -5.97 1.67 13.06
N PHE A 18 -6.39 1.52 11.81
CA PHE A 18 -7.70 1.95 11.37
C PHE A 18 -8.75 0.87 11.63
N SER A 19 -8.29 -0.34 11.93
CA SER A 19 -9.20 -1.46 12.19
C SER A 19 -10.47 -0.97 12.86
N GLN A 20 -11.58 -1.23 12.20
CA GLN A 20 -12.89 -0.82 12.72
C GLN A 20 -13.59 -1.99 13.39
N PRO A 21 -14.81 -1.76 13.91
CA PRO A 21 -15.59 -2.79 14.58
C PRO A 21 -16.01 -3.90 13.62
N GLY A 22 -15.02 -4.53 13.01
CA GLY A 22 -15.31 -5.61 12.07
C GLY A 22 -14.74 -5.37 10.69
N ALA A 23 -13.60 -4.67 10.62
CA ALA A 23 -12.99 -4.40 9.34
C ALA A 23 -11.54 -3.98 9.50
N PRO A 24 -10.66 -4.93 9.22
CA PRO A 24 -9.20 -4.76 9.31
C PRO A 24 -8.66 -3.95 8.15
N ILE A 25 -8.57 -2.66 8.37
CA ILE A 25 -8.07 -1.74 7.38
C ILE A 25 -6.78 -2.21 6.75
N LEU A 26 -6.25 -1.44 5.79
CA LEU A 26 -5.05 -1.85 5.08
C LEU A 26 -4.32 -0.74 4.38
N GLN A 27 -3.44 -1.21 3.51
CA GLN A 27 -2.61 -0.35 2.69
C GLN A 27 -1.60 -1.18 1.90
N CYS A 28 -2.12 -1.91 0.91
CA CYS A 28 -1.30 -2.79 0.07
C CYS A 28 0.18 -2.44 0.15
N MET A 29 0.98 -3.37 0.70
CA MET A 29 2.41 -3.16 0.80
C MET A 29 3.17 -4.48 0.73
N GLY A 30 4.08 -4.58 -0.23
CA GLY A 30 4.87 -5.79 -0.39
C GLY A 30 5.97 -5.62 -1.41
N CYS A 31 6.12 -6.60 -2.30
CA CYS A 31 7.15 -6.55 -3.33
C CYS A 31 6.84 -7.51 -4.47
N CYS A 32 6.44 -6.95 -5.61
CA CYS A 32 6.11 -7.75 -6.79
C CYS A 32 7.38 -8.11 -7.58
N PHE A 33 8.47 -8.35 -6.86
CA PHE A 33 9.73 -8.70 -7.49
C PHE A 33 10.46 -7.46 -8.00
N SER A 34 11.62 -7.67 -8.60
CA SER A 34 12.41 -6.56 -9.14
C SER A 34 12.75 -5.56 -8.05
N ARG A 35 13.90 -4.89 -8.18
CA ARG A 35 14.34 -3.91 -7.20
C ARG A 35 13.14 -3.10 -6.68
N ALA A 36 12.55 -3.59 -5.59
CA ALA A 36 11.41 -2.91 -4.99
C ALA A 36 11.50 -2.92 -3.47
N TYR A 37 12.42 -2.12 -2.95
CA TYR A 37 12.62 -2.02 -1.51
C TYR A 37 11.37 -1.47 -0.84
N PRO A 38 11.02 -2.00 0.35
CA PRO A 38 9.84 -1.57 1.11
C PRO A 38 9.94 -0.14 1.60
N THR A 39 11.06 0.49 1.29
CA THR A 39 11.32 1.87 1.69
C THR A 39 10.93 2.12 3.15
N PRO A 40 11.93 2.35 4.01
CA PRO A 40 11.69 2.60 5.45
C PRO A 40 10.82 3.82 5.67
N LEU A 41 9.99 3.79 6.71
CA LEU A 41 9.11 4.90 7.04
C LEU A 41 9.79 5.88 7.99
N ARG A 42 10.34 5.37 9.08
CA ARG A 42 11.01 6.20 10.07
C ARG A 42 10.11 7.33 10.56
N SER A 43 9.75 7.28 11.84
CA SER A 43 8.88 8.29 12.43
C SER A 43 8.09 7.71 13.60
N LYS A 44 7.84 8.55 14.61
CA LYS A 44 7.09 8.13 15.79
C LYS A 44 5.78 8.91 15.90
N LYS A 45 5.42 9.57 14.81
CA LYS A 45 4.18 10.36 14.77
C LYS A 45 3.79 10.68 13.34
N THR A 46 2.59 11.22 13.16
CA THR A 46 2.09 11.57 11.83
C THR A 46 2.86 12.75 11.25
N MET A 47 3.39 12.56 10.05
CA MET A 47 4.15 13.62 9.38
C MET A 47 4.72 13.12 8.05
N LEU A 48 3.86 12.99 7.04
CA LEU A 48 4.28 12.53 5.73
C LEU A 48 4.06 13.60 4.67
N VAL A 49 5.11 14.32 4.34
CA VAL A 49 5.02 15.37 3.32
C VAL A 49 6.30 15.46 2.51
N GLN A 50 6.44 16.55 1.74
CA GLN A 50 7.61 16.74 0.90
C GLN A 50 7.69 15.68 -0.20
N LYS A 51 6.59 14.96 -0.37
CA LYS A 51 6.53 13.91 -1.39
C LYS A 51 7.84 13.12 -1.42
N ASN A 52 8.31 12.79 -2.63
CA ASN A 52 9.55 12.04 -2.78
C ASN A 52 9.30 10.54 -2.68
N VAL A 53 8.85 9.94 -3.79
CA VAL A 53 8.57 8.51 -3.83
C VAL A 53 8.60 7.99 -5.26
N THR A 54 9.75 7.48 -5.68
CA THR A 54 9.91 6.95 -7.03
C THR A 54 9.17 5.63 -7.19
N SER A 55 8.54 5.43 -8.34
CA SER A 55 7.79 4.20 -8.62
C SER A 55 8.57 2.98 -8.15
N GLU A 56 7.82 1.96 -7.72
CA GLU A 56 8.44 0.72 -7.24
C GLU A 56 7.81 -0.49 -7.92
N SER A 57 8.32 -0.83 -9.10
CA SER A 57 7.81 -1.97 -9.85
C SER A 57 6.29 -1.95 -9.90
N THR A 58 5.70 -2.94 -10.55
CA THR A 58 4.25 -3.02 -10.66
C THR A 58 3.58 -2.59 -9.37
N CYS A 59 2.42 -1.96 -9.49
CA CYS A 59 1.68 -1.49 -8.31
C CYS A 59 0.38 -2.26 -8.14
N CYS A 60 -0.05 -2.41 -6.89
CA CYS A 60 -1.28 -3.11 -6.58
C CYS A 60 -2.35 -2.16 -6.07
N VAL A 61 -2.98 -1.44 -6.98
CA VAL A 61 -4.01 -0.49 -6.63
C VAL A 61 -5.29 -1.22 -6.19
N ALA A 62 -5.21 -1.88 -5.03
CA ALA A 62 -6.35 -2.62 -4.49
C ALA A 62 -7.43 -2.87 -5.52
N LYS A 63 -7.59 -4.13 -5.92
CA LYS A 63 -8.61 -4.51 -6.88
C LYS A 63 -9.96 -4.04 -6.40
N SER A 64 -10.15 -4.15 -5.09
CA SER A 64 -11.38 -3.73 -4.45
C SER A 64 -11.07 -3.10 -3.10
N TYR A 65 -11.35 -1.81 -2.96
CA TYR A 65 -11.08 -1.10 -1.72
C TYR A 65 -12.34 -0.85 -0.93
N ASN A 66 -12.18 -0.71 0.39
CA ASN A 66 -13.32 -0.39 1.23
C ASN A 66 -12.98 0.88 1.98
N ARG A 67 -12.10 1.61 1.35
CA ARG A 67 -11.57 2.88 1.85
C ARG A 67 -12.26 3.30 3.13
N VAL A 68 -11.51 3.20 4.21
CA VAL A 68 -12.00 3.57 5.52
C VAL A 68 -11.34 4.86 5.99
N THR A 69 -11.36 5.85 5.11
CA THR A 69 -10.75 7.14 5.39
C THR A 69 -10.65 7.39 6.88
N VAL A 70 -9.44 7.52 7.35
CA VAL A 70 -9.17 7.76 8.76
C VAL A 70 -8.35 9.02 8.99
N MET A 71 -7.77 9.08 10.17
CA MET A 71 -6.94 10.19 10.59
C MET A 71 -6.53 11.08 9.41
N GLY A 72 -6.76 12.38 9.54
CA GLY A 72 -6.40 13.31 8.49
C GLY A 72 -6.99 12.93 7.14
N GLY A 73 -8.17 12.35 7.16
CA GLY A 73 -8.82 11.96 5.93
C GLY A 73 -8.04 10.90 5.19
N PHE A 74 -7.28 10.10 5.94
CA PHE A 74 -6.47 9.03 5.35
C PHE A 74 -7.29 8.22 4.36
N LYS A 75 -6.66 7.21 3.76
CA LYS A 75 -7.35 6.36 2.79
C LYS A 75 -6.64 5.03 2.60
N VAL A 76 -7.17 3.99 3.23
CA VAL A 76 -6.61 2.65 3.15
C VAL A 76 -7.37 1.85 2.13
N GLU A 77 -8.13 2.55 1.33
CA GLU A 77 -8.97 1.92 0.33
C GLU A 77 -9.34 0.55 0.87
N ASN A 78 -9.56 0.52 2.18
CA ASN A 78 -9.85 -0.70 2.91
C ASN A 78 -9.70 -1.88 1.98
N HIS A 79 -8.50 -1.98 1.42
CA HIS A 79 -8.19 -2.99 0.44
C HIS A 79 -8.85 -4.32 0.70
N THR A 80 -9.79 -4.62 -0.16
CA THR A 80 -10.51 -5.87 -0.11
C THR A 80 -9.87 -6.85 -1.09
N ALA A 81 -9.10 -6.29 -2.03
CA ALA A 81 -8.40 -7.07 -3.02
C ALA A 81 -7.30 -6.22 -3.67
N CYS A 82 -6.18 -6.85 -4.02
CA CYS A 82 -5.09 -6.12 -4.64
C CYS A 82 -4.62 -6.79 -5.92
N HIS A 83 -4.18 -5.99 -6.89
CA HIS A 83 -3.71 -6.50 -8.17
C HIS A 83 -2.55 -5.66 -8.68
N CYS A 84 -1.38 -6.28 -8.78
CA CYS A 84 -0.18 -5.58 -9.26
C CYS A 84 -0.34 -5.15 -10.71
N SER A 85 0.53 -4.25 -11.16
CA SER A 85 0.49 -3.74 -12.53
C SER A 85 -0.58 -2.65 -12.69
N THR A 86 -0.56 -2.00 -13.84
CA THR A 86 -1.53 -0.94 -14.14
C THR A 86 -1.38 0.20 -13.14
N CYS A 87 -0.67 1.26 -13.54
CA CYS A 87 -0.45 2.41 -12.69
C CYS A 87 -0.65 3.71 -13.45
N TYR A 88 -1.32 3.64 -14.59
CA TYR A 88 -1.56 4.83 -15.40
C TYR A 88 -3.00 4.85 -15.93
N TYR A 89 -3.84 5.66 -15.29
CA TYR A 89 -5.24 5.78 -15.70
C TYR A 89 -5.53 7.18 -16.22
N HIS A 90 -4.48 7.87 -16.63
CA HIS A 90 -4.62 9.23 -17.16
C HIS A 90 -5.35 10.13 -16.15
N LYS A 91 -4.76 10.27 -14.97
CA LYS A 91 -5.35 11.11 -13.93
C LYS A 91 -4.69 12.49 -13.89
N SER A 92 -5.52 13.53 -13.97
CA SER A 92 -5.01 14.90 -13.95
C SER A 92 -3.69 15.01 -14.71
N ALA A 1 13.35 -16.97 -13.48
CA ALA A 1 12.46 -16.95 -12.29
C ALA A 1 12.91 -15.89 -11.29
N PRO A 2 11.95 -15.21 -10.66
CA PRO A 2 12.24 -14.16 -9.68
C PRO A 2 12.57 -14.73 -8.30
N ASP A 3 13.13 -13.90 -7.43
CA ASP A 3 13.49 -14.32 -6.09
C ASP A 3 12.24 -14.59 -5.25
N VAL A 4 11.19 -13.83 -5.51
CA VAL A 4 9.93 -14.00 -4.78
C VAL A 4 10.18 -14.18 -3.28
N GLN A 5 10.52 -13.08 -2.61
CA GLN A 5 10.78 -13.12 -1.18
C GLN A 5 10.45 -11.78 -0.53
N ASP A 6 10.59 -11.70 0.79
CA ASP A 6 10.32 -10.47 1.53
C ASP A 6 8.94 -9.93 1.15
N CYS A 7 7.92 -10.43 1.83
CA CYS A 7 6.54 -9.99 1.57
C CYS A 7 5.73 -9.97 2.86
N PRO A 8 5.98 -8.98 3.73
CA PRO A 8 5.28 -8.84 5.00
C PRO A 8 3.88 -8.25 4.84
N GLU A 9 3.33 -8.37 3.64
CA GLU A 9 1.98 -7.86 3.37
C GLU A 9 2.01 -6.37 3.08
N CYS A 10 1.08 -5.92 2.23
CA CYS A 10 0.99 -4.50 1.86
C CYS A 10 1.31 -3.61 3.06
N THR A 11 2.55 -3.18 3.16
CA THR A 11 2.98 -2.31 4.26
C THR A 11 3.94 -1.24 3.76
N LEU A 12 4.90 -0.87 4.58
CA LEU A 12 5.87 0.14 4.21
C LEU A 12 7.28 -0.41 4.22
N GLN A 13 8.07 0.01 3.24
CA GLN A 13 9.46 -0.43 3.15
C GLN A 13 10.36 0.60 3.76
N GLU A 14 9.91 1.09 4.88
CA GLU A 14 10.61 2.13 5.63
C GLU A 14 11.92 2.48 4.99
N ASN A 15 12.03 3.74 4.65
CA ASN A 15 13.21 4.26 3.99
C ASN A 15 14.36 4.53 4.94
N PRO A 16 15.39 3.67 4.89
CA PRO A 16 16.58 3.85 5.69
C PRO A 16 17.51 4.81 4.96
N PHE A 17 16.98 5.31 3.86
CA PHE A 17 17.66 6.26 2.99
C PHE A 17 17.33 7.69 3.42
N PHE A 18 16.04 7.99 3.35
CA PHE A 18 15.54 9.30 3.73
C PHE A 18 15.46 9.42 5.26
N SER A 19 15.53 8.27 5.92
CA SER A 19 15.47 8.22 7.37
C SER A 19 16.38 9.27 7.99
N GLN A 20 15.79 10.15 8.78
CA GLN A 20 16.54 11.21 9.45
C GLN A 20 16.48 11.02 10.96
N PRO A 21 17.31 11.77 11.70
CA PRO A 21 17.36 11.68 13.17
C PRO A 21 15.98 11.86 13.80
N GLY A 22 15.13 10.84 13.65
CA GLY A 22 13.80 10.91 14.22
C GLY A 22 12.70 10.69 13.19
N ALA A 23 13.05 10.07 12.06
CA ALA A 23 12.06 9.83 11.01
C ALA A 23 12.47 8.71 10.08
N PRO A 24 11.67 7.65 10.06
CA PRO A 24 11.88 6.47 9.25
C PRO A 24 11.03 6.44 7.99
N ILE A 25 11.46 7.19 7.01
CA ILE A 25 10.78 7.29 5.73
C ILE A 25 10.32 5.95 5.20
N LEU A 26 9.66 5.97 4.04
CA LEU A 26 9.10 4.74 3.47
C LEU A 26 8.82 4.79 2.00
N GLN A 27 8.02 3.81 1.60
CA GLN A 27 7.59 3.66 0.22
C GLN A 27 6.76 2.39 0.01
N CYS A 28 5.75 2.23 0.86
CA CYS A 28 4.83 1.08 0.81
C CYS A 28 5.42 -0.15 0.13
N MET A 29 5.55 -1.23 0.89
CA MET A 29 6.07 -2.49 0.36
C MET A 29 5.12 -3.04 -0.70
N GLY A 30 3.95 -3.50 -0.25
CA GLY A 30 2.96 -4.04 -1.16
C GLY A 30 2.99 -5.55 -1.24
N CYS A 31 1.90 -6.18 -0.81
CA CYS A 31 1.78 -7.64 -0.85
C CYS A 31 0.46 -8.08 -0.23
N CYS A 32 -0.64 -7.70 -0.86
CA CYS A 32 -1.98 -8.06 -0.38
C CYS A 32 -2.26 -9.54 -0.64
N PHE A 33 -3.38 -10.02 -0.15
CA PHE A 33 -3.76 -11.42 -0.34
C PHE A 33 -4.90 -11.82 0.58
N SER A 34 -6.04 -11.15 0.43
CA SER A 34 -7.21 -11.44 1.25
C SER A 34 -7.37 -12.94 1.45
N ARG A 35 -7.50 -13.36 2.71
CA ARG A 35 -7.66 -14.77 3.03
C ARG A 35 -9.02 -15.03 3.66
N ALA A 36 -9.32 -16.30 3.90
CA ALA A 36 -10.60 -16.68 4.50
C ALA A 36 -10.62 -16.34 5.99
N TYR A 37 -11.10 -15.13 6.30
CA TYR A 37 -11.18 -14.67 7.68
C TYR A 37 -11.65 -13.22 7.74
N PRO A 38 -12.38 -12.86 8.79
CA PRO A 38 -12.89 -11.50 8.97
C PRO A 38 -11.77 -10.46 8.92
N THR A 39 -12.06 -9.32 8.31
CA THR A 39 -11.08 -8.25 8.18
C THR A 39 -11.22 -7.24 9.32
N PRO A 40 -10.10 -6.88 9.95
CA PRO A 40 -10.09 -5.91 11.05
C PRO A 40 -10.91 -4.67 10.74
N LEU A 41 -10.80 -4.20 9.50
CA LEU A 41 -11.54 -3.02 9.06
C LEU A 41 -12.07 -3.21 7.64
N ARG A 42 -12.44 -2.09 7.01
CA ARG A 42 -12.96 -2.13 5.64
C ARG A 42 -12.91 -0.75 5.01
N SER A 43 -13.50 -0.63 3.81
CA SER A 43 -13.52 0.64 3.10
C SER A 43 -14.95 1.07 2.77
N LYS A 44 -15.08 2.24 2.17
CA LYS A 44 -16.40 2.76 1.81
C LYS A 44 -17.01 1.94 0.66
N LYS A 45 -16.16 1.27 -0.11
CA LYS A 45 -16.62 0.46 -1.22
C LYS A 45 -16.62 -1.02 -0.85
N THR A 46 -17.69 -1.46 -0.21
CA THR A 46 -17.82 -2.85 0.22
C THR A 46 -19.11 -3.48 -0.30
N MET A 47 -19.81 -2.77 -1.16
CA MET A 47 -21.06 -3.27 -1.72
C MET A 47 -20.98 -4.78 -1.93
N LEU A 48 -22.05 -5.48 -1.58
CA LEU A 48 -22.09 -6.93 -1.73
C LEU A 48 -22.66 -7.35 -3.08
N VAL A 49 -22.12 -8.42 -3.63
CA VAL A 49 -22.55 -8.95 -4.91
C VAL A 49 -21.64 -10.07 -5.38
N GLN A 50 -21.97 -10.66 -6.52
CA GLN A 50 -21.16 -11.74 -7.07
C GLN A 50 -19.77 -11.24 -7.46
N LYS A 51 -18.76 -12.06 -7.22
CA LYS A 51 -17.38 -11.69 -7.54
C LYS A 51 -16.94 -12.32 -8.87
N ASN A 52 -17.70 -12.07 -9.93
CA ASN A 52 -17.39 -12.60 -11.24
C ASN A 52 -15.94 -12.33 -11.63
N VAL A 53 -15.33 -13.26 -12.34
CA VAL A 53 -13.94 -13.13 -12.77
C VAL A 53 -12.96 -13.40 -11.64
N THR A 54 -11.70 -13.60 -11.98
CA THR A 54 -10.67 -13.87 -10.98
C THR A 54 -10.08 -12.56 -10.44
N SER A 55 -10.75 -12.01 -9.44
CA SER A 55 -10.30 -10.75 -8.83
C SER A 55 -8.95 -10.94 -8.16
N GLU A 56 -7.89 -10.47 -8.82
CA GLU A 56 -6.55 -10.58 -8.28
C GLU A 56 -5.67 -9.43 -8.78
N SER A 57 -5.96 -8.22 -8.33
CA SER A 57 -5.19 -7.04 -8.74
C SER A 57 -5.55 -5.82 -7.90
N THR A 58 -4.55 -5.26 -7.23
CA THR A 58 -4.74 -4.08 -6.39
C THR A 58 -3.41 -3.40 -6.11
N CYS A 59 -3.46 -2.12 -5.77
CA CYS A 59 -2.24 -1.35 -5.49
C CYS A 59 -2.37 -0.53 -4.22
N CYS A 60 -1.29 -0.50 -3.44
CA CYS A 60 -1.26 0.26 -2.19
C CYS A 60 -0.81 1.69 -2.43
N VAL A 61 -1.52 2.64 -1.84
CA VAL A 61 -1.19 4.05 -1.98
C VAL A 61 -1.26 4.76 -0.64
N ALA A 62 -0.39 4.35 0.28
CA ALA A 62 -0.34 4.93 1.62
C ALA A 62 -1.66 5.59 2.02
N LYS A 63 -2.39 4.94 2.91
CA LYS A 63 -3.65 5.47 3.41
C LYS A 63 -3.41 6.85 3.98
N SER A 64 -2.27 6.99 4.63
CA SER A 64 -1.87 8.24 5.23
C SER A 64 -0.36 8.43 5.11
N TYR A 65 0.04 9.45 4.39
CA TYR A 65 1.46 9.74 4.17
C TYR A 65 1.97 10.82 5.09
N ASN A 66 3.28 10.84 5.29
CA ASN A 66 3.90 11.89 6.10
C ASN A 66 4.98 12.51 5.28
N ARG A 67 4.77 12.37 3.99
CA ARG A 67 5.67 12.86 2.97
C ARG A 67 6.80 13.67 3.56
N VAL A 68 8.01 13.21 3.29
CA VAL A 68 9.21 13.89 3.77
C VAL A 68 10.11 14.21 2.60
N THR A 69 9.52 14.76 1.55
CA THR A 69 10.26 15.12 0.35
C THR A 69 11.74 15.27 0.67
N VAL A 70 12.55 14.43 0.06
CA VAL A 70 13.98 14.44 0.30
C VAL A 70 14.77 14.62 -0.99
N MET A 71 16.07 14.45 -0.86
CA MET A 71 16.98 14.57 -1.99
C MET A 71 16.63 15.78 -2.84
N GLY A 72 16.52 15.53 -4.14
CA GLY A 72 16.20 16.59 -5.06
C GLY A 72 14.71 16.81 -5.20
N GLY A 73 13.97 16.58 -4.12
CA GLY A 73 12.53 16.75 -4.15
C GLY A 73 11.79 15.44 -4.17
N PHE A 74 12.44 14.38 -3.69
CA PHE A 74 11.82 13.06 -3.65
C PHE A 74 10.56 13.09 -2.79
N LYS A 75 9.90 11.94 -2.66
CA LYS A 75 8.69 11.85 -1.85
C LYS A 75 8.37 10.40 -1.49
N VAL A 76 8.26 10.16 -0.19
CA VAL A 76 7.95 8.82 0.34
C VAL A 76 6.64 8.87 1.06
N GLU A 77 5.89 9.91 0.75
CA GLU A 77 4.61 10.13 1.41
C GLU A 77 4.72 9.55 2.80
N ASN A 78 5.93 9.72 3.34
CA ASN A 78 6.31 9.20 4.64
C ASN A 78 5.18 8.34 5.16
N HIS A 79 4.85 7.35 4.36
CA HIS A 79 3.75 6.44 4.62
C HIS A 79 3.53 6.18 6.09
N THR A 80 2.35 6.57 6.51
CA THR A 80 1.90 6.37 7.87
C THR A 80 0.89 5.24 7.89
N ALA A 81 0.36 4.94 6.72
CA ALA A 81 -0.61 3.87 6.54
C ALA A 81 -0.74 3.53 5.07
N CYS A 82 -1.02 2.25 4.76
CA CYS A 82 -1.17 1.84 3.37
C CYS A 82 -2.49 1.10 3.17
N HIS A 83 -2.94 1.04 1.92
CA HIS A 83 -4.20 0.37 1.60
C HIS A 83 -4.26 -0.06 0.14
N CYS A 84 -4.39 -1.37 -0.08
CA CYS A 84 -4.46 -1.91 -1.44
C CYS A 84 -5.73 -1.42 -2.13
N SER A 85 -5.74 -1.45 -3.46
CA SER A 85 -6.90 -1.01 -4.22
C SER A 85 -6.51 -0.61 -5.64
N THR A 86 -7.50 -0.36 -6.47
CA THR A 86 -7.27 0.03 -7.86
C THR A 86 -6.42 1.29 -7.92
N CYS A 87 -5.99 1.66 -9.12
CA CYS A 87 -5.18 2.85 -9.32
C CYS A 87 -5.70 3.67 -10.49
N TYR A 88 -5.07 4.82 -10.72
CA TYR A 88 -5.48 5.70 -11.81
C TYR A 88 -7.00 5.80 -11.88
N TYR A 89 -7.55 6.85 -11.28
CA TYR A 89 -9.00 7.05 -11.28
C TYR A 89 -9.42 8.05 -12.37
N HIS A 90 -9.47 7.59 -13.60
CA HIS A 90 -9.87 8.44 -14.72
C HIS A 90 -11.17 9.17 -14.41
N LYS A 91 -11.45 10.23 -15.14
CA LYS A 91 -12.66 11.02 -14.93
C LYS A 91 -13.08 11.75 -16.19
N SER A 92 -14.32 11.52 -16.63
CA SER A 92 -14.85 12.16 -17.82
C SER A 92 -15.96 11.33 -18.44
N ALA A 1 1.95 -20.64 5.23
CA ALA A 1 2.86 -19.72 4.51
C ALA A 1 4.27 -20.32 4.38
N PRO A 2 4.67 -20.67 3.16
CA PRO A 2 5.99 -21.26 2.90
C PRO A 2 7.10 -20.20 2.84
N ASP A 3 6.97 -19.18 3.67
CA ASP A 3 7.97 -18.10 3.71
C ASP A 3 7.67 -17.06 2.64
N VAL A 4 8.72 -16.52 2.04
CA VAL A 4 8.57 -15.50 1.00
C VAL A 4 7.89 -16.07 -0.24
N GLN A 5 7.51 -15.19 -1.14
CA GLN A 5 6.84 -15.58 -2.38
C GLN A 5 6.27 -14.36 -3.09
N ASP A 6 7.16 -13.52 -3.60
CA ASP A 6 6.75 -12.31 -4.30
C ASP A 6 6.39 -11.22 -3.29
N CYS A 7 6.51 -9.96 -3.70
CA CYS A 7 6.20 -8.83 -2.83
C CYS A 7 5.50 -9.28 -1.55
N PRO A 8 6.25 -9.34 -0.44
CA PRO A 8 5.71 -9.77 0.85
C PRO A 8 4.80 -8.73 1.47
N GLU A 9 3.55 -9.12 1.71
CA GLU A 9 2.54 -8.24 2.30
C GLU A 9 2.84 -6.78 2.02
N CYS A 10 2.11 -6.20 1.07
CA CYS A 10 2.30 -4.80 0.72
C CYS A 10 2.47 -3.95 1.97
N THR A 11 3.59 -3.23 2.05
CA THR A 11 3.86 -2.39 3.20
C THR A 11 5.06 -1.51 2.95
N LEU A 12 5.58 -0.92 4.02
CA LEU A 12 6.73 -0.05 3.93
C LEU A 12 8.03 -0.79 4.04
N GLN A 13 8.94 -0.49 3.15
CA GLN A 13 10.25 -1.10 3.17
C GLN A 13 11.23 -0.19 3.86
N GLU A 14 10.77 0.31 4.99
CA GLU A 14 11.53 1.24 5.82
C GLU A 14 12.90 1.49 5.25
N ASN A 15 13.17 2.76 5.02
CA ASN A 15 14.43 3.20 4.43
C ASN A 15 15.54 3.40 5.45
N PRO A 16 16.38 2.39 5.68
CA PRO A 16 17.52 2.53 6.57
C PRO A 16 18.56 3.40 5.89
N PHE A 17 18.18 3.83 4.68
CA PHE A 17 18.97 4.69 3.83
C PHE A 17 18.75 6.15 4.20
N PHE A 18 17.48 6.53 4.20
CA PHE A 18 17.09 7.89 4.51
C PHE A 18 16.83 8.07 6.00
N SER A 19 16.97 6.97 6.75
CA SER A 19 16.73 6.99 8.19
C SER A 19 16.94 8.38 8.77
N GLN A 20 15.99 8.77 9.58
CA GLN A 20 16.02 10.08 10.23
C GLN A 20 15.91 9.93 11.75
N PRO A 21 16.27 10.98 12.49
CA PRO A 21 16.22 11.00 13.94
C PRO A 21 14.86 10.55 14.48
N GLY A 22 14.62 9.24 14.46
CA GLY A 22 13.36 8.72 14.95
C GLY A 22 12.52 8.09 13.85
N ALA A 23 13.15 7.77 12.73
CA ALA A 23 12.45 7.16 11.61
C ALA A 23 13.40 6.68 10.55
N PRO A 24 13.32 5.38 10.24
CA PRO A 24 14.15 4.73 9.25
C PRO A 24 13.58 4.85 7.84
N ILE A 25 12.89 5.96 7.59
CA ILE A 25 12.28 6.23 6.30
C ILE A 25 11.69 5.00 5.66
N LEU A 26 11.11 5.15 4.48
CA LEU A 26 10.44 4.03 3.81
C LEU A 26 10.18 4.23 2.35
N GLN A 27 9.24 3.42 1.89
CA GLN A 27 8.79 3.42 0.51
C GLN A 27 7.91 2.21 0.24
N CYS A 28 6.68 2.29 0.73
CA CYS A 28 5.70 1.22 0.58
C CYS A 28 6.06 0.31 -0.61
N MET A 29 6.47 -0.92 -0.31
CA MET A 29 6.82 -1.86 -1.37
C MET A 29 6.41 -3.28 -1.00
N GLY A 30 5.40 -3.79 -1.70
CA GLY A 30 4.92 -5.14 -1.44
C GLY A 30 3.66 -5.44 -2.22
N CYS A 31 2.93 -6.49 -1.80
CA CYS A 31 1.70 -6.87 -2.48
C CYS A 31 0.61 -7.24 -1.47
N CYS A 32 -0.64 -7.01 -1.83
CA CYS A 32 -1.77 -7.32 -0.96
C CYS A 32 -2.44 -8.62 -1.37
N PHE A 33 -1.67 -9.53 -1.96
CA PHE A 33 -2.18 -10.82 -2.41
C PHE A 33 -3.22 -10.68 -3.52
N SER A 34 -3.59 -9.45 -3.85
CA SER A 34 -4.59 -9.21 -4.89
C SER A 34 -5.68 -10.27 -4.82
N ARG A 35 -5.91 -10.82 -3.63
CA ARG A 35 -6.93 -11.84 -3.42
C ARG A 35 -7.69 -11.59 -2.13
N ALA A 36 -8.60 -10.61 -2.17
CA ALA A 36 -9.40 -10.27 -1.00
C ALA A 36 -10.75 -10.97 -1.03
N TYR A 37 -10.73 -12.23 -1.42
CA TYR A 37 -11.96 -13.02 -1.51
C TYR A 37 -12.32 -13.63 -0.15
N PRO A 38 -11.45 -14.52 0.37
CA PRO A 38 -11.68 -15.17 1.67
C PRO A 38 -11.87 -14.17 2.80
N THR A 39 -11.38 -14.51 3.98
CA THR A 39 -11.50 -13.64 5.15
C THR A 39 -12.96 -13.42 5.53
N PRO A 40 -13.37 -13.89 6.73
CA PRO A 40 -14.74 -13.75 7.20
C PRO A 40 -15.08 -12.31 7.57
N LEU A 41 -14.87 -11.41 6.61
CA LEU A 41 -15.14 -9.98 6.82
C LEU A 41 -16.50 -9.60 6.25
N ARG A 42 -17.53 -9.65 7.08
CA ARG A 42 -18.88 -9.30 6.66
C ARG A 42 -18.90 -7.97 5.94
N SER A 43 -18.86 -8.00 4.60
CA SER A 43 -18.88 -6.79 3.80
C SER A 43 -19.78 -5.74 4.44
N LYS A 44 -19.16 -4.77 5.11
CA LYS A 44 -19.91 -3.71 5.79
C LYS A 44 -19.58 -2.34 5.19
N LYS A 45 -20.62 -1.60 4.82
CA LYS A 45 -20.46 -0.27 4.24
C LYS A 45 -19.41 -0.26 3.14
N THR A 46 -19.81 0.23 1.97
CA THR A 46 -18.91 0.31 0.82
C THR A 46 -19.45 1.27 -0.23
N MET A 47 -20.77 1.41 -0.28
CA MET A 47 -21.41 2.31 -1.23
C MET A 47 -21.22 1.81 -2.66
N LEU A 48 -21.42 0.51 -2.85
CA LEU A 48 -21.27 -0.10 -4.16
C LEU A 48 -22.24 -1.25 -4.34
N VAL A 49 -23.50 -1.02 -3.97
CA VAL A 49 -24.53 -2.05 -4.09
C VAL A 49 -24.02 -3.39 -3.56
N GLN A 50 -24.57 -4.48 -4.08
CA GLN A 50 -24.17 -5.82 -3.65
C GLN A 50 -23.54 -6.59 -4.80
N LYS A 51 -22.22 -6.77 -4.73
CA LYS A 51 -21.49 -7.50 -5.77
C LYS A 51 -20.08 -7.82 -5.30
N ASN A 52 -19.65 -9.06 -5.51
CA ASN A 52 -18.31 -9.48 -5.10
C ASN A 52 -18.01 -9.00 -3.69
N VAL A 53 -16.74 -8.86 -3.37
CA VAL A 53 -16.33 -8.41 -2.04
C VAL A 53 -15.14 -7.45 -2.09
N THR A 54 -14.75 -7.11 -3.31
CA THR A 54 -13.63 -6.20 -3.52
C THR A 54 -13.32 -6.04 -5.01
N SER A 55 -12.91 -4.84 -5.38
CA SER A 55 -12.58 -4.55 -6.78
C SER A 55 -11.79 -5.70 -7.40
N GLU A 56 -10.54 -5.84 -6.99
CA GLU A 56 -9.68 -6.91 -7.50
C GLU A 56 -8.21 -6.61 -7.24
N SER A 57 -7.57 -5.91 -8.17
CA SER A 57 -6.17 -5.56 -8.03
C SER A 57 -5.93 -4.77 -6.75
N THR A 58 -4.67 -4.69 -6.33
CA THR A 58 -4.33 -3.96 -5.11
C THR A 58 -3.06 -3.13 -5.32
N CYS A 59 -2.94 -2.07 -4.52
CA CYS A 59 -1.78 -1.17 -4.60
C CYS A 59 -1.78 -0.18 -3.45
N CYS A 60 -0.67 -0.13 -2.72
CA CYS A 60 -0.56 0.78 -1.58
C CYS A 60 -0.03 2.15 -2.01
N VAL A 61 -0.36 3.15 -1.21
CA VAL A 61 0.07 4.52 -1.46
C VAL A 61 0.09 5.29 -0.15
N ALA A 62 0.85 4.77 0.82
CA ALA A 62 0.98 5.36 2.14
C ALA A 62 -0.24 6.20 2.53
N LYS A 63 -1.02 5.67 3.46
CA LYS A 63 -2.19 6.37 3.95
C LYS A 63 -1.78 7.73 4.49
N SER A 64 -0.63 7.73 5.15
CA SER A 64 -0.08 8.95 5.72
C SER A 64 1.44 8.92 5.64
N TYR A 65 1.98 9.75 4.76
CA TYR A 65 3.42 9.81 4.55
C TYR A 65 4.06 10.96 5.31
N ASN A 66 5.36 10.85 5.56
CA ASN A 66 6.09 11.92 6.22
C ASN A 66 7.22 12.34 5.32
N ARG A 67 6.96 12.11 4.05
CA ARG A 67 7.88 12.41 2.97
C ARG A 67 9.11 13.15 3.47
N VAL A 68 10.17 12.39 3.66
CA VAL A 68 11.44 12.93 4.14
C VAL A 68 12.42 13.09 2.98
N THR A 69 11.95 13.76 1.93
CA THR A 69 12.77 13.99 0.76
C THR A 69 14.25 13.82 1.06
N VAL A 70 14.85 12.85 0.39
CA VAL A 70 16.26 12.55 0.57
C VAL A 70 17.01 12.59 -0.76
N MET A 71 18.29 12.29 -0.69
CA MET A 71 19.14 12.29 -1.88
C MET A 71 19.00 13.57 -2.67
N GLY A 72 18.89 13.44 -3.99
CA GLY A 72 18.75 14.60 -4.84
C GLY A 72 17.36 15.20 -4.79
N GLY A 73 16.52 14.67 -3.91
CA GLY A 73 15.16 15.17 -3.79
C GLY A 73 14.13 14.06 -3.75
N PHE A 74 14.55 12.87 -3.34
CA PHE A 74 13.65 11.73 -3.27
C PHE A 74 12.43 12.05 -2.41
N LYS A 75 11.59 11.05 -2.19
CA LYS A 75 10.39 11.23 -1.40
C LYS A 75 9.84 9.88 -0.93
N VAL A 76 10.23 9.48 0.27
CA VAL A 76 9.77 8.22 0.84
C VAL A 76 8.44 8.41 1.46
N GLU A 77 7.88 9.56 1.20
CA GLU A 77 6.61 9.90 1.79
C GLU A 77 6.61 9.28 3.16
N ASN A 78 7.80 9.30 3.75
CA ASN A 78 8.08 8.70 5.04
C ASN A 78 6.83 8.02 5.54
N HIS A 79 6.39 7.07 4.75
CA HIS A 79 5.17 6.35 5.00
C HIS A 79 4.93 6.08 6.47
N THR A 80 3.94 6.78 6.98
CA THR A 80 3.52 6.63 8.36
C THR A 80 2.36 5.64 8.41
N ALA A 81 1.75 5.43 7.25
CA ALA A 81 0.63 4.50 7.10
C ALA A 81 0.48 4.12 5.63
N CYS A 82 0.05 2.89 5.37
CA CYS A 82 -0.11 2.44 4.00
C CYS A 82 -1.41 1.64 3.81
N HIS A 83 -2.13 1.93 2.73
CA HIS A 83 -3.39 1.24 2.44
C HIS A 83 -3.37 0.68 1.03
N CYS A 84 -3.31 -0.66 0.93
CA CYS A 84 -3.28 -1.33 -0.36
C CYS A 84 -4.64 -1.22 -1.05
N SER A 85 -4.68 -0.48 -2.16
CA SER A 85 -5.89 -0.29 -2.92
C SER A 85 -5.81 1.00 -3.74
N THR A 86 -6.93 1.37 -4.37
CA THR A 86 -6.96 2.57 -5.19
C THR A 86 -6.17 2.39 -6.47
N CYS A 87 -6.41 1.28 -7.16
CA CYS A 87 -5.71 0.99 -8.41
C CYS A 87 -6.48 1.55 -9.60
N TYR A 88 -6.94 2.78 -9.48
CA TYR A 88 -7.70 3.44 -10.54
C TYR A 88 -7.54 4.96 -10.46
N TYR A 89 -7.03 5.55 -11.54
CA TYR A 89 -6.83 6.99 -11.59
C TYR A 89 -7.84 7.65 -12.52
N HIS A 90 -7.90 8.97 -12.48
CA HIS A 90 -8.84 9.73 -13.32
C HIS A 90 -9.03 9.04 -14.67
N LYS A 91 -8.28 9.50 -15.67
CA LYS A 91 -8.37 8.94 -17.01
C LYS A 91 -7.03 9.08 -17.74
N SER A 92 -5.95 9.08 -16.98
CA SER A 92 -4.60 9.19 -17.56
C SER A 92 -4.60 10.17 -18.73
N ALA A 1 17.32 -11.85 5.14
CA ALA A 1 17.75 -10.77 6.07
C ALA A 1 17.36 -11.10 7.50
N PRO A 2 17.85 -10.29 8.47
CA PRO A 2 17.56 -10.49 9.88
C PRO A 2 16.13 -10.10 10.24
N ASP A 3 15.44 -10.96 10.98
CA ASP A 3 14.07 -10.70 11.38
C ASP A 3 13.31 -9.97 10.27
N VAL A 4 13.22 -10.61 9.11
CA VAL A 4 12.54 -10.03 7.96
C VAL A 4 12.78 -8.53 7.85
N GLN A 5 13.88 -8.17 7.21
CA GLN A 5 14.24 -6.76 7.03
C GLN A 5 13.67 -6.23 5.72
N ASP A 6 12.37 -6.45 5.51
CA ASP A 6 11.70 -5.99 4.31
C ASP A 6 10.21 -5.77 4.55
N CYS A 7 9.70 -4.62 4.13
CA CYS A 7 8.30 -4.29 4.29
C CYS A 7 7.41 -5.43 3.80
N PRO A 8 6.40 -5.81 4.61
CA PRO A 8 5.47 -6.89 4.26
C PRO A 8 4.82 -6.69 2.90
N GLU A 9 4.61 -7.79 2.18
CA GLU A 9 3.99 -7.74 0.86
C GLU A 9 2.59 -7.14 0.95
N CYS A 10 2.37 -6.05 0.21
CA CYS A 10 1.08 -5.37 0.20
C CYS A 10 0.00 -6.24 -0.44
N THR A 11 -1.22 -6.12 0.08
CA THR A 11 -2.35 -6.88 -0.43
C THR A 11 -3.60 -6.61 0.38
N LEU A 12 -4.62 -7.42 0.17
CA LEU A 12 -5.88 -7.27 0.86
C LEU A 12 -5.89 -8.03 2.17
N GLN A 13 -6.44 -7.40 3.20
CA GLN A 13 -6.52 -8.04 4.50
C GLN A 13 -7.97 -8.25 4.89
N GLU A 14 -8.64 -8.99 4.06
CA GLU A 14 -10.05 -9.33 4.21
C GLU A 14 -10.64 -8.70 5.45
N ASN A 15 -11.74 -8.00 5.24
CA ASN A 15 -12.47 -7.33 6.30
C ASN A 15 -12.93 -8.33 7.35
N PRO A 16 -12.37 -8.27 8.56
CA PRO A 16 -12.74 -9.18 9.64
C PRO A 16 -14.03 -8.74 10.32
N PHE A 17 -14.83 -7.97 9.60
CA PHE A 17 -16.10 -7.49 10.12
C PHE A 17 -17.24 -7.85 9.18
N PHE A 18 -17.11 -7.38 7.95
CA PHE A 18 -18.10 -7.63 6.92
C PHE A 18 -18.17 -9.10 6.58
N SER A 19 -17.07 -9.80 6.83
CA SER A 19 -17.00 -11.22 6.54
C SER A 19 -18.36 -11.87 6.78
N GLN A 20 -19.06 -12.13 5.71
CA GLN A 20 -20.39 -12.73 5.78
C GLN A 20 -20.48 -13.98 4.91
N PRO A 21 -21.39 -14.88 5.26
CA PRO A 21 -21.60 -16.13 4.52
C PRO A 21 -21.78 -15.90 3.03
N GLY A 22 -20.69 -15.51 2.36
CA GLY A 22 -20.75 -15.25 0.94
C GLY A 22 -20.12 -13.92 0.57
N ALA A 23 -19.47 -13.28 1.54
CA ALA A 23 -18.83 -11.99 1.29
C ALA A 23 -17.83 -11.63 2.37
N PRO A 24 -16.56 -11.84 2.06
CA PRO A 24 -15.44 -11.59 2.93
C PRO A 24 -14.68 -10.33 2.54
N ILE A 25 -15.28 -9.19 2.87
CA ILE A 25 -14.72 -7.90 2.58
C ILE A 25 -13.22 -7.83 2.79
N LEU A 26 -12.64 -6.66 2.53
CA LEU A 26 -11.21 -6.49 2.61
C LEU A 26 -10.77 -5.10 2.97
N GLN A 27 -9.55 -4.83 2.59
CA GLN A 27 -8.92 -3.55 2.84
C GLN A 27 -7.41 -3.66 2.74
N CYS A 28 -6.91 -3.53 1.51
CA CYS A 28 -5.48 -3.62 1.23
C CYS A 28 -4.66 -3.25 2.46
N MET A 29 -3.94 -4.21 3.01
CA MET A 29 -3.11 -3.95 4.18
C MET A 29 -1.75 -4.63 4.04
N GLY A 30 -0.70 -3.81 3.98
CA GLY A 30 0.65 -4.35 3.86
C GLY A 30 1.68 -3.26 3.63
N CYS A 31 2.55 -3.46 2.64
CA CYS A 31 3.60 -2.50 2.33
C CYS A 31 4.15 -2.72 0.92
N CYS A 32 4.72 -1.67 0.33
CA CYS A 32 5.29 -1.77 -1.01
C CYS A 32 6.81 -1.78 -0.97
N PHE A 33 7.38 -1.85 0.23
CA PHE A 33 8.82 -1.87 0.41
C PHE A 33 9.46 -0.58 -0.10
N SER A 34 10.47 -0.11 0.63
CA SER A 34 11.17 1.12 0.26
C SER A 34 12.24 1.47 1.28
N ARG A 35 12.99 2.53 1.01
CA ARG A 35 14.06 2.97 1.90
C ARG A 35 14.05 4.49 2.06
N ALA A 36 13.93 4.95 3.31
CA ALA A 36 13.92 6.38 3.59
C ALA A 36 14.42 6.67 5.00
N TYR A 37 15.41 7.56 5.09
CA TYR A 37 15.99 7.92 6.38
C TYR A 37 15.86 9.42 6.62
N PRO A 38 15.29 9.81 7.78
CA PRO A 38 15.11 11.22 8.14
C PRO A 38 16.41 12.00 8.10
N THR A 39 16.36 13.18 7.47
CA THR A 39 17.54 14.03 7.36
C THR A 39 18.69 13.31 6.64
N PRO A 40 19.52 14.06 5.91
CA PRO A 40 20.65 13.52 5.17
C PRO A 40 21.91 13.41 6.03
N LEU A 41 22.42 12.20 6.19
CA LEU A 41 23.62 11.98 6.98
C LEU A 41 24.09 10.52 6.90
N ARG A 42 23.33 9.68 6.20
CA ARG A 42 23.69 8.28 6.06
C ARG A 42 24.98 8.12 5.27
N SER A 43 25.92 7.36 5.82
CA SER A 43 27.20 7.13 5.18
C SER A 43 27.02 6.69 3.73
N LYS A 44 28.14 6.40 3.07
CA LYS A 44 28.11 5.96 1.68
C LYS A 44 27.70 7.10 0.76
N LYS A 45 28.67 7.92 0.37
CA LYS A 45 28.42 9.06 -0.52
C LYS A 45 29.25 8.93 -1.79
N THR A 46 29.96 7.82 -1.91
CA THR A 46 30.80 7.56 -3.08
C THR A 46 29.96 7.61 -4.35
N MET A 47 30.09 8.70 -5.11
CA MET A 47 29.35 8.86 -6.34
C MET A 47 27.86 9.04 -6.06
N LEU A 48 27.26 8.07 -5.39
CA LEU A 48 25.84 8.12 -5.05
C LEU A 48 24.99 8.07 -6.32
N VAL A 49 24.68 6.84 -6.75
CA VAL A 49 23.87 6.63 -7.95
C VAL A 49 22.76 7.66 -8.05
N GLN A 50 22.63 8.30 -9.22
CA GLN A 50 21.61 9.31 -9.44
C GLN A 50 20.31 8.94 -8.73
N LYS A 51 19.45 9.94 -8.52
CA LYS A 51 18.18 9.72 -7.86
C LYS A 51 17.10 10.60 -8.49
N ASN A 52 16.07 10.92 -7.71
CA ASN A 52 14.97 11.75 -8.18
C ASN A 52 14.26 11.09 -9.36
N VAL A 53 13.16 10.41 -9.05
CA VAL A 53 12.37 9.74 -10.07
C VAL A 53 10.91 10.19 -9.98
N THR A 54 10.29 10.42 -11.13
CA THR A 54 8.90 10.86 -11.18
C THR A 54 8.01 10.03 -10.27
N SER A 55 7.03 9.34 -10.86
CA SER A 55 6.12 8.50 -10.08
C SER A 55 5.68 9.22 -8.80
N GLU A 56 4.49 9.81 -8.84
CA GLU A 56 3.97 10.52 -7.68
C GLU A 56 3.63 9.56 -6.55
N SER A 57 3.88 9.98 -5.31
CA SER A 57 3.62 9.16 -4.13
C SER A 57 2.76 7.94 -4.47
N THR A 58 3.36 6.76 -4.36
CA THR A 58 2.65 5.52 -4.66
C THR A 58 1.98 4.96 -3.40
N CYS A 59 1.09 3.99 -3.60
CA CYS A 59 0.39 3.36 -2.49
C CYS A 59 -0.67 2.39 -3.00
N CYS A 60 -0.97 1.38 -2.20
CA CYS A 60 -1.97 0.38 -2.58
C CYS A 60 -3.38 0.96 -2.49
N VAL A 61 -4.05 1.07 -3.62
CA VAL A 61 -5.41 1.60 -3.66
C VAL A 61 -6.32 0.70 -4.47
N ALA A 62 -6.30 -0.59 -4.14
CA ALA A 62 -7.12 -1.58 -4.83
C ALA A 62 -7.26 -1.28 -6.31
N LYS A 63 -6.59 -2.07 -7.13
CA LYS A 63 -6.66 -1.92 -8.57
C LYS A 63 -8.11 -1.97 -9.00
N SER A 64 -8.84 -2.89 -8.37
CA SER A 64 -10.26 -3.06 -8.62
C SER A 64 -10.98 -3.26 -7.30
N TYR A 65 -11.83 -2.32 -6.95
CA TYR A 65 -12.56 -2.37 -5.68
C TYR A 65 -14.02 -2.71 -5.87
N ASN A 66 -14.62 -3.27 -4.83
CA ASN A 66 -16.05 -3.56 -4.87
C ASN A 66 -16.67 -2.94 -3.64
N ARG A 67 -15.98 -1.90 -3.21
CA ARG A 67 -16.33 -1.12 -2.04
C ARG A 67 -17.61 -1.62 -1.38
N VAL A 68 -17.48 -1.93 -0.10
CA VAL A 68 -18.59 -2.43 0.69
C VAL A 68 -18.73 -1.66 1.99
N THR A 69 -18.61 -0.34 1.89
CA THR A 69 -18.70 0.54 3.04
C THR A 69 -19.29 -0.19 4.24
N VAL A 70 -18.51 -0.28 5.31
CA VAL A 70 -18.98 -0.95 6.51
C VAL A 70 -19.05 -0.04 7.69
N MET A 71 -19.20 -0.66 8.85
CA MET A 71 -19.33 0.05 10.09
C MET A 71 -18.61 1.38 10.06
N GLY A 72 -19.26 2.41 10.61
CA GLY A 72 -18.68 3.74 10.64
C GLY A 72 -18.52 4.32 9.25
N GLY A 73 -19.12 3.67 8.26
CA GLY A 73 -19.03 4.15 6.89
C GLY A 73 -17.71 3.80 6.25
N PHE A 74 -17.16 2.65 6.64
CA PHE A 74 -15.89 2.18 6.11
C PHE A 74 -15.87 2.20 4.59
N LYS A 75 -14.74 1.79 4.02
CA LYS A 75 -14.58 1.74 2.58
C LYS A 75 -13.49 0.76 2.21
N VAL A 76 -13.85 -0.53 2.21
CA VAL A 76 -12.91 -1.58 1.88
C VAL A 76 -12.78 -1.75 0.40
N GLU A 77 -13.28 -0.78 -0.31
CA GLU A 77 -13.25 -0.81 -1.76
C GLU A 77 -13.26 -2.27 -2.19
N ASN A 78 -14.02 -3.05 -1.44
CA ASN A 78 -14.12 -4.49 -1.64
C ASN A 78 -13.05 -4.92 -2.61
N HIS A 79 -11.82 -4.59 -2.24
CA HIS A 79 -10.67 -4.84 -3.07
C HIS A 79 -10.73 -6.14 -3.83
N THR A 80 -10.88 -5.97 -5.12
CA THR A 80 -10.90 -7.09 -6.05
C THR A 80 -9.53 -7.24 -6.66
N ALA A 81 -8.74 -6.17 -6.55
CA ALA A 81 -7.37 -6.14 -7.05
C ALA A 81 -6.62 -5.02 -6.33
N CYS A 82 -5.33 -5.22 -6.08
CA CYS A 82 -4.54 -4.21 -5.40
C CYS A 82 -3.26 -3.88 -6.17
N HIS A 83 -2.96 -2.60 -6.28
CA HIS A 83 -1.76 -2.14 -6.99
C HIS A 83 -1.28 -0.80 -6.44
N CYS A 84 0.04 -0.70 -6.22
CA CYS A 84 0.62 0.53 -5.69
C CYS A 84 0.46 1.67 -6.69
N SER A 85 -0.29 2.69 -6.30
CA SER A 85 -0.51 3.85 -7.17
C SER A 85 -1.14 5.00 -6.39
N THR A 86 -1.49 6.07 -7.11
CA THR A 86 -2.10 7.25 -6.49
C THR A 86 -3.02 6.86 -5.34
N CYS A 87 -2.89 7.58 -4.23
CA CYS A 87 -3.70 7.31 -3.05
C CYS A 87 -5.01 8.09 -3.11
N TYR A 88 -5.32 8.62 -4.29
CA TYR A 88 -6.55 9.39 -4.48
C TYR A 88 -6.64 9.92 -5.91
N TYR A 89 -7.80 9.73 -6.53
CA TYR A 89 -8.02 10.19 -7.90
C TYR A 89 -9.40 10.79 -8.08
N HIS A 90 -10.31 10.48 -7.15
CA HIS A 90 -11.68 11.00 -7.23
C HIS A 90 -11.97 11.89 -6.02
N LYS A 91 -12.40 13.13 -6.30
CA LYS A 91 -12.72 14.07 -5.24
C LYS A 91 -14.19 14.49 -5.31
N SER A 92 -14.67 15.13 -4.24
CA SER A 92 -16.06 15.58 -4.19
C SER A 92 -16.20 16.80 -3.30
#